data_9OMP
#
_entry.id   9OMP
#
_cell.length_a   1.00
_cell.length_b   1.00
_cell.length_c   1.00
_cell.angle_alpha   90.00
_cell.angle_beta   90.00
_cell.angle_gamma   90.00
#
_symmetry.space_group_name_H-M   'P 1'
#
_entity_poly.entity_id   1
_entity_poly.type   'polypeptide(L)'
_entity_poly.pdbx_seq_one_letter_code
;MKTIIALSYIFCLVFAGGGGSPSRLEEELRRRLTEPQEMYAPHSIRIEGDVTLGGLFPVHAKGPSGVPCGDIKRENGIHR
LEAMLYALDQINSDPNLLPNVTLGARILDTCSRDTYALEQSLTFVQALIQKDTSDVRCTNGEPPVFVKPEKVVGVIGASG
SSVSIMVANILRLFQIPQISYASTAPELSDDRRYDFFSRVVPPDSFQAQAMVDIVKALGWNYVSTLASEGSYGEKGVESF
TQISKEAGGLCIAQSVRIPQERKDRTIDFDRIIKQLLDTPNSRAVVIFANDEDIKQILAAAKRADQVGHFLWVGSDSWGS
KINPLHQHEDIAEGAITIQPKRATVEGFDAYFTSRTLENNRRNVWFAEYWEENFNCKLTISGSKKEDTDRKCTGQERIGK
DSNYEQEGKVQFVIDAVYAMAHALHHMNKDLCADYRGVCPEMEQAGGKKLLKYIRNVNFNGSAGTPVMFNKNGDAPGRYD
IFQYQTTNTSNPGYRLIGQWTDELQLNIEDMQWGKGVREIPASVCTLPCKPGQRKKTQKGTPCCWTCEPCDGYQYQFDEM
TCQHCPYDQRPNENRTGCQDIPIIKLEWHSPWAVIPVFLAMLGIIATIFVMATFIRYNDTPIVRASGRELSYVLLTGIFL
CYIITFLMIAKPDVAVCSFRRVFLGLGMCISYAALLTKTYRIYRIFEQGKKSVTAPRLISPTSQLAITSSLISVQLLGVF
IWFIVDPPNIIIDYDEHKTMNPEQARGVLKCDITDLQIICSLGYSILLMVTCTVYAFKTRGVPENFNEAKYIGFTMYTTC
IVWLAFIPIFFGTAQSAEKLYIQTTTLTISMNLSASVALGMLYMPKVYIIIFHPELNVQKRKRSFKAVVTAATMSSRLSH
KPSDRPNGEAKTELCENVDPNSPAAKKKYVSYNNLVI
;
_entity_poly.pdbx_strand_id   A,B
#
# COMPACT_ATOMS: atom_id res chain seq x y z
N HIS A 43 49.47 25.52 36.12
CA HIS A 43 48.17 24.82 36.37
C HIS A 43 47.02 25.57 35.69
N SER A 44 46.53 26.62 36.35
CA SER A 44 45.46 27.42 35.78
C SER A 44 45.61 28.87 36.24
N ILE A 45 45.27 29.78 35.35
CA ILE A 45 45.29 31.22 35.67
C ILE A 45 44.03 31.56 36.44
N ARG A 46 44.21 32.27 37.55
CA ARG A 46 43.11 32.66 38.44
C ARG A 46 43.03 34.19 38.49
N ILE A 47 41.83 34.72 38.27
CA ILE A 47 41.59 36.15 38.30
C ILE A 47 40.57 36.44 39.38
N GLU A 48 40.89 37.38 40.27
CA GLU A 48 40.00 37.71 41.38
C GLU A 48 38.75 38.41 40.89
N GLY A 49 37.63 38.09 41.52
CA GLY A 49 36.36 38.72 41.19
C GLY A 49 35.20 38.14 41.99
N ASP A 50 34.15 38.94 42.18
CA ASP A 50 32.98 38.45 42.90
C ASP A 50 32.20 37.44 42.08
N VAL A 51 32.23 37.56 40.75
CA VAL A 51 31.60 36.60 39.85
C VAL A 51 32.63 36.20 38.80
N THR A 52 32.76 34.89 38.57
CA THR A 52 33.76 34.35 37.69
C THR A 52 33.14 33.30 36.77
N LEU A 53 33.76 33.11 35.61
CA LEU A 53 33.34 32.07 34.67
C LEU A 53 34.56 31.29 34.21
N GLY A 54 34.36 30.00 33.96
CA GLY A 54 35.46 29.13 33.62
C GLY A 54 35.89 29.26 32.16
N GLY A 55 37.02 28.63 31.86
CA GLY A 55 37.56 28.65 30.51
C GLY A 55 38.31 27.38 30.14
N LEU A 56 38.02 26.84 28.96
CA LEU A 56 38.69 25.65 28.46
C LEU A 56 39.30 25.96 27.10
N PHE A 57 40.59 25.63 26.95
CA PHE A 57 41.30 25.85 25.68
C PHE A 57 42.30 24.71 25.44
N PRO A 58 42.57 24.36 24.19
CA PRO A 58 43.59 23.34 23.87
C PRO A 58 45.00 23.91 23.78
N VAL A 59 45.61 24.17 24.94
CA VAL A 59 46.94 24.76 24.97
C VAL A 59 47.98 23.75 24.48
N HIS A 60 47.93 22.52 24.98
CA HIS A 60 48.89 21.49 24.63
C HIS A 60 48.26 20.47 23.69
N ALA A 61 49.08 19.56 23.20
CA ALA A 61 48.66 18.52 22.27
C ALA A 61 49.08 17.15 22.82
N LYS A 62 48.25 16.14 22.53
CA LYS A 62 48.53 14.80 22.98
C LYS A 62 49.70 14.19 22.22
N GLY A 63 50.57 13.48 22.93
CA GLY A 63 51.73 12.85 22.34
C GLY A 63 51.73 11.35 22.51
N PRO A 64 52.74 10.80 23.19
CA PRO A 64 52.78 9.34 23.38
C PRO A 64 51.61 8.85 24.20
N SER A 65 51.54 7.52 24.33
CA SER A 65 50.45 6.90 25.07
C SER A 65 50.59 7.13 26.57
N GLY A 66 51.81 7.24 27.09
CA GLY A 66 52.01 7.43 28.51
C GLY A 66 51.57 8.78 29.00
N VAL A 67 52.31 9.82 28.60
CA VAL A 67 51.98 11.17 29.04
C VAL A 67 50.69 11.62 28.36
N PRO A 68 49.79 12.33 29.06
CA PRO A 68 48.55 12.79 28.42
C PRO A 68 48.82 13.78 27.29
N CYS A 69 49.64 14.80 27.57
CA CYS A 69 49.96 15.82 26.58
C CYS A 69 51.43 16.17 26.64
N GLY A 70 52.02 16.39 25.47
CA GLY A 70 53.42 16.74 25.36
C GLY A 70 53.65 18.16 24.88
N ASP A 71 54.00 18.29 23.60
CA ASP A 71 54.40 19.58 23.04
C ASP A 71 53.22 20.56 22.99
N ILE A 72 53.57 21.84 22.94
CA ILE A 72 52.59 22.91 22.89
C ILE A 72 52.31 23.27 21.43
N LYS A 73 51.16 23.89 21.19
CA LYS A 73 50.78 24.36 19.87
C LYS A 73 50.48 25.86 19.91
N ARG A 74 50.94 26.57 18.88
CA ARG A 74 50.83 28.03 18.82
C ARG A 74 49.69 28.52 17.95
N GLU A 75 49.14 27.67 17.07
CA GLU A 75 48.07 28.11 16.19
C GLU A 75 46.79 28.38 16.96
N ASN A 76 46.55 27.65 18.06
CA ASN A 76 45.34 27.82 18.85
C ASN A 76 45.60 27.83 20.34
N GLY A 77 46.86 27.78 20.78
CA GLY A 77 47.16 27.62 22.18
C GLY A 77 47.15 28.90 22.99
N ILE A 78 47.98 29.86 22.60
CA ILE A 78 48.20 31.06 23.41
C ILE A 78 47.34 32.20 22.89
N HIS A 79 47.10 32.23 21.57
CA HIS A 79 46.38 33.36 20.99
C HIS A 79 44.98 33.48 21.57
N ARG A 80 44.27 32.36 21.70
CA ARG A 80 42.91 32.41 22.22
C ARG A 80 42.89 32.84 23.69
N LEU A 81 43.86 32.41 24.48
CA LEU A 81 43.95 32.88 25.85
C LEU A 81 44.15 34.39 25.90
N GLU A 82 45.07 34.91 25.10
CA GLU A 82 45.33 36.34 25.10
C GLU A 82 44.10 37.12 24.63
N ALA A 83 43.37 36.57 23.66
CA ALA A 83 42.14 37.21 23.22
C ALA A 83 41.13 37.31 24.35
N MET A 84 40.97 36.23 25.13
CA MET A 84 40.05 36.26 26.25
C MET A 84 40.53 37.24 27.32
N LEU A 85 41.84 37.24 27.61
CA LEU A 85 42.37 38.18 28.59
C LEU A 85 42.11 39.63 28.18
N TYR A 86 42.35 39.94 26.90
CA TYR A 86 42.06 41.29 26.41
C TYR A 86 40.57 41.59 26.49
N ALA A 87 39.72 40.61 26.17
CA ALA A 87 38.28 40.82 26.23
C ALA A 87 37.84 41.13 27.65
N LEU A 88 38.35 40.38 28.63
CA LEU A 88 37.99 40.66 30.02
C LEU A 88 38.48 42.03 30.45
N ASP A 89 39.69 42.40 30.05
CA ASP A 89 40.25 43.69 30.47
C ASP A 89 39.42 44.85 29.94
N GLN A 90 39.07 44.81 28.66
CA GLN A 90 38.30 45.90 28.06
C GLN A 90 36.85 45.88 28.51
N ILE A 91 36.33 44.72 28.91
CA ILE A 91 35.00 44.67 29.52
C ILE A 91 35.03 45.38 30.87
N ASN A 92 36.05 45.08 31.69
CA ASN A 92 36.16 45.72 32.99
C ASN A 92 36.41 47.22 32.84
N SER A 93 37.10 47.64 31.78
CA SER A 93 37.34 49.05 31.55
C SER A 93 36.09 49.78 31.09
N ASP A 94 35.23 49.13 30.32
CA ASP A 94 34.07 49.79 29.75
C ASP A 94 33.02 50.01 30.83
N PRO A 95 32.60 51.25 31.11
CA PRO A 95 31.54 51.48 32.10
C PRO A 95 30.13 51.22 31.57
N ASN A 96 29.97 51.00 30.27
CA ASN A 96 28.63 50.80 29.73
C ASN A 96 28.04 49.47 30.20
N LEU A 97 28.85 48.43 30.28
CA LEU A 97 28.40 47.10 30.67
C LEU A 97 28.91 46.80 32.08
N LEU A 98 27.98 46.44 32.97
CA LEU A 98 28.34 46.10 34.34
C LEU A 98 29.13 47.24 34.97
N PRO A 99 28.50 48.38 35.22
CA PRO A 99 29.25 49.56 35.69
C PRO A 99 29.87 49.37 37.07
N ASN A 100 29.07 48.92 38.03
CA ASN A 100 29.50 48.85 39.42
C ASN A 100 29.94 47.46 39.86
N VAL A 101 29.92 46.48 38.97
CA VAL A 101 30.28 45.11 39.31
C VAL A 101 31.31 44.60 38.31
N THR A 102 32.32 43.89 38.81
CA THR A 102 33.39 43.36 37.98
C THR A 102 33.11 41.90 37.61
N LEU A 103 33.83 41.42 36.60
CA LEU A 103 33.68 40.06 36.09
C LEU A 103 35.05 39.41 36.03
N GLY A 104 35.18 38.23 36.65
CA GLY A 104 36.40 37.47 36.64
C GLY A 104 36.28 36.19 35.82
N ALA A 105 37.38 35.43 35.82
CA ALA A 105 37.46 34.20 35.04
C ALA A 105 38.56 33.32 35.59
N ARG A 106 38.59 32.08 35.10
CA ARG A 106 39.57 31.07 35.51
C ARG A 106 40.04 30.35 34.24
N ILE A 107 41.14 30.85 33.65
CA ILE A 107 41.65 30.27 32.42
C ILE A 107 42.25 28.91 32.71
N LEU A 108 42.05 27.96 31.81
CA LEU A 108 42.47 26.59 32.06
C LEU A 108 42.57 25.85 30.73
N ASP A 109 43.41 24.82 30.70
CA ASP A 109 43.72 24.08 29.50
C ASP A 109 43.10 22.69 29.53
N THR A 110 42.97 22.10 28.35
CA THR A 110 42.33 20.80 28.20
C THR A 110 43.26 19.71 27.69
N CYS A 111 44.35 20.06 27.00
CA CYS A 111 45.30 19.08 26.49
C CYS A 111 44.69 18.11 25.49
N SER A 112 43.52 18.44 24.93
CA SER A 112 42.92 17.65 23.86
C SER A 112 42.78 16.18 24.26
N ARG A 113 42.28 15.96 25.47
CA ARG A 113 41.99 14.62 25.97
C ARG A 113 40.62 14.61 26.61
N ASP A 114 39.79 13.64 26.23
CA ASP A 114 38.42 13.60 26.74
C ASP A 114 38.42 13.44 28.25
N THR A 115 39.14 12.45 28.76
CA THR A 115 39.16 12.23 30.20
C THR A 115 39.77 13.42 30.93
N TYR A 116 40.85 13.99 30.37
CA TYR A 116 41.45 15.14 31.01
C TYR A 116 40.48 16.33 31.05
N ALA A 117 39.72 16.51 29.98
CA ALA A 117 38.71 17.56 29.98
C ALA A 117 37.66 17.32 31.07
N LEU A 118 37.24 16.07 31.23
CA LEU A 118 36.25 15.75 32.26
C LEU A 118 36.77 16.10 33.64
N GLU A 119 38.01 15.74 33.95
CA GLU A 119 38.57 16.06 35.26
C GLU A 119 38.65 17.56 35.47
N GLN A 120 39.11 18.31 34.47
CA GLN A 120 39.23 19.75 34.63
C GLN A 120 37.86 20.40 34.81
N SER A 121 36.86 19.92 34.08
CA SER A 121 35.52 20.48 34.25
C SER A 121 35.01 20.23 35.65
N LEU A 122 35.28 19.04 36.19
CA LEU A 122 34.94 18.75 37.58
C LEU A 122 35.67 19.70 38.53
N THR A 123 36.81 20.23 38.12
CA THR A 123 37.53 21.18 38.96
C THR A 123 36.76 22.48 39.13
N PHE A 124 35.99 22.87 38.10
CA PHE A 124 35.15 24.05 38.24
C PHE A 124 34.05 23.85 39.26
N VAL A 125 33.33 22.72 39.16
CA VAL A 125 32.10 22.57 39.92
C VAL A 125 32.35 22.07 41.34
N GLN A 126 33.48 21.41 41.58
CA GLN A 126 33.76 20.88 42.92
C GLN A 126 33.86 21.98 43.95
N ALA A 127 34.29 23.18 43.54
CA ALA A 127 34.45 24.27 44.50
C ALA A 127 33.14 24.58 45.21
N LEU A 128 32.02 24.42 44.53
CA LEU A 128 30.71 24.67 45.11
C LEU A 128 30.05 23.42 45.66
N ILE A 129 30.35 22.25 45.10
CA ILE A 129 29.68 21.02 45.51
C ILE A 129 30.25 20.49 46.82
N GLN A 130 31.56 20.61 47.02
CA GLN A 130 32.18 20.05 48.21
C GLN A 130 31.62 20.69 49.47
N LYS A 131 31.21 19.85 50.43
CA LYS A 131 30.73 20.35 51.71
C LYS A 131 31.91 20.65 52.65
N ASP A 132 32.69 19.63 52.98
CA ASP A 132 33.80 19.79 53.90
C ASP A 132 34.73 18.58 53.78
N THR A 133 35.84 18.64 54.49
CA THR A 133 36.85 17.60 54.46
C THR A 133 37.32 17.32 55.88
N SER A 134 37.13 16.08 56.34
CA SER A 134 37.48 15.69 57.70
C SER A 134 38.94 15.20 57.75
N ASP A 135 39.85 16.17 57.65
CA ASP A 135 41.27 15.88 57.73
C ASP A 135 42.03 17.16 58.01
N VAL A 136 43.18 17.01 58.67
CA VAL A 136 44.04 18.14 59.02
C VAL A 136 45.46 17.80 58.60
N ARG A 137 46.18 18.81 58.12
CA ARG A 137 47.60 18.64 57.80
C ARG A 137 48.46 18.84 59.04
N CYS A 138 48.30 19.98 59.72
CA CYS A 138 49.13 20.33 60.86
C CYS A 138 48.32 20.29 62.16
N PHE A 146 40.28 28.34 54.48
CA PHE A 146 41.17 27.84 53.44
C PHE A 146 41.25 28.83 52.27
N VAL A 147 40.32 28.69 51.32
CA VAL A 147 40.29 29.55 50.14
C VAL A 147 38.84 29.96 49.90
N LYS A 148 38.67 31.04 49.15
CA LYS A 148 37.35 31.56 48.86
C LYS A 148 36.54 30.54 48.06
N PRO A 149 35.21 30.57 48.17
CA PRO A 149 34.40 29.55 47.48
C PRO A 149 34.60 29.52 45.98
N GLU A 150 34.91 30.64 45.35
CA GLU A 150 35.13 30.71 43.91
C GLU A 150 33.88 30.24 43.15
N LYS A 151 32.80 30.99 43.35
CA LYS A 151 31.52 30.68 42.72
C LYS A 151 31.59 30.99 41.22
N VAL A 152 31.43 29.97 40.40
CA VAL A 152 31.40 30.13 38.95
C VAL A 152 29.95 30.25 38.50
N VAL A 153 29.75 30.96 37.39
CA VAL A 153 28.43 31.18 36.83
C VAL A 153 28.27 30.52 35.47
N GLY A 154 29.33 30.51 34.66
CA GLY A 154 29.29 29.93 33.33
C GLY A 154 30.68 29.51 32.88
N VAL A 155 30.73 28.90 31.71
CA VAL A 155 31.97 28.35 31.18
C VAL A 155 32.05 28.64 29.68
N ILE A 156 33.23 28.97 29.20
CA ILE A 156 33.50 29.28 27.80
C ILE A 156 34.65 28.39 27.34
N GLY A 157 34.38 27.49 26.41
CA GLY A 157 35.47 26.68 25.89
C GLY A 157 34.97 25.45 25.16
N ALA A 158 35.75 24.37 25.26
CA ALA A 158 35.47 23.11 24.59
C ALA A 158 35.51 23.28 23.06
N SER A 159 36.70 23.61 22.57
CA SER A 159 36.86 23.92 21.14
C SER A 159 36.54 22.72 20.26
N GLY A 160 37.04 21.53 20.61
CA GLY A 160 36.89 20.38 19.76
C GLY A 160 35.47 19.89 19.63
N SER A 161 35.30 18.62 19.29
CA SER A 161 33.99 17.98 19.26
C SER A 161 33.78 17.01 20.42
N SER A 162 34.68 16.05 20.59
CA SER A 162 34.51 15.06 21.65
C SER A 162 34.57 15.72 23.02
N VAL A 163 35.53 16.63 23.23
CA VAL A 163 35.63 17.33 24.51
C VAL A 163 34.41 18.19 24.76
N SER A 164 33.79 18.71 23.69
CA SER A 164 32.54 19.45 23.86
C SER A 164 31.43 18.52 24.35
N ILE A 165 31.29 17.35 23.71
CA ILE A 165 30.24 16.43 24.13
C ILE A 165 30.43 16.03 25.59
N MET A 166 31.67 15.76 25.99
CA MET A 166 31.94 15.35 27.36
C MET A 166 31.60 16.47 28.34
N VAL A 167 32.05 17.69 28.06
CA VAL A 167 31.77 18.79 28.98
C VAL A 167 30.27 19.07 29.06
N ALA A 168 29.58 18.96 27.93
CA ALA A 168 28.13 19.15 27.95
C ALA A 168 27.45 18.10 28.81
N ASN A 169 27.87 16.84 28.69
CA ASN A 169 27.22 15.77 29.45
C ASN A 169 27.48 15.91 30.94
N ILE A 170 28.66 16.38 31.33
CA ILE A 170 28.96 16.51 32.75
C ILE A 170 28.43 17.81 33.34
N LEU A 171 28.15 18.82 32.52
CA LEU A 171 27.59 20.08 33.01
C LEU A 171 26.09 20.20 32.80
N ARG A 172 25.47 19.29 32.05
CA ARG A 172 24.01 19.28 32.00
C ARG A 172 23.42 18.93 33.36
N LEU A 173 24.09 18.08 34.12
CA LEU A 173 23.53 17.64 35.39
C LEU A 173 23.54 18.75 36.43
N PHE A 174 24.59 19.57 36.45
CA PHE A 174 24.68 20.66 37.41
C PHE A 174 23.99 21.93 36.95
N GLN A 175 23.46 21.97 35.74
CA GLN A 175 22.70 23.11 35.24
C GLN A 175 23.57 24.37 35.23
N ILE A 176 24.61 24.35 34.39
CA ILE A 176 25.51 25.48 34.20
C ILE A 176 25.55 25.78 32.71
N PRO A 177 25.34 27.03 32.29
CA PRO A 177 25.37 27.33 30.86
C PRO A 177 26.76 27.18 30.28
N GLN A 178 26.81 26.85 28.99
CA GLN A 178 28.06 26.61 28.29
C GLN A 178 27.96 27.20 26.90
N ILE A 179 29.00 27.92 26.48
CA ILE A 179 29.07 28.51 25.15
C ILE A 179 30.38 28.09 24.51
N SER A 180 30.28 27.43 23.35
CA SER A 180 31.44 26.98 22.59
C SER A 180 31.65 27.87 21.38
N TYR A 181 32.87 27.84 20.85
CA TYR A 181 33.23 28.70 19.72
C TYR A 181 33.78 27.96 18.52
N ALA A 182 34.20 26.71 18.66
CA ALA A 182 34.78 25.98 17.55
C ALA A 182 34.12 24.62 17.31
N SER A 183 33.03 24.32 18.01
CA SER A 183 32.39 23.02 17.88
C SER A 183 31.45 23.05 16.68
N THR A 184 31.82 22.36 15.61
CA THR A 184 31.06 22.37 14.37
C THR A 184 30.35 21.06 14.10
N ALA A 185 30.40 20.09 15.02
CA ALA A 185 29.75 18.83 14.77
C ALA A 185 28.23 19.00 14.82
N PRO A 186 27.49 18.35 13.91
CA PRO A 186 26.03 18.48 13.93
C PRO A 186 25.35 17.70 15.04
N GLU A 187 26.07 16.85 15.77
CA GLU A 187 25.45 16.08 16.84
C GLU A 187 24.99 16.98 17.98
N LEU A 188 25.74 18.04 18.26
CA LEU A 188 25.41 18.97 19.34
C LEU A 188 24.39 20.01 18.83
N SER A 189 23.26 19.51 18.36
CA SER A 189 22.19 20.35 17.84
C SER A 189 20.81 19.97 18.34
N ASP A 190 20.70 18.99 19.23
CA ASP A 190 19.42 18.57 19.80
C ASP A 190 19.25 19.23 21.16
N ASP A 191 18.23 20.07 21.28
CA ASP A 191 18.00 20.77 22.55
C ASP A 191 17.69 19.78 23.66
N ARG A 192 16.93 18.72 23.34
CA ARG A 192 16.55 17.74 24.35
C ARG A 192 17.76 16.98 24.87
N ARG A 193 18.71 16.66 23.98
CA ARG A 193 19.87 15.90 24.39
C ARG A 193 20.85 16.75 25.19
N TYR A 194 21.02 18.02 24.81
CA TYR A 194 21.94 18.92 25.49
C TYR A 194 21.19 20.21 25.82
N ASP A 195 20.77 20.36 27.08
CA ASP A 195 19.97 21.52 27.46
C ASP A 195 20.83 22.77 27.55
N PHE A 196 21.87 22.73 28.39
CA PHE A 196 22.69 23.93 28.65
C PHE A 196 23.88 23.92 27.70
N PHE A 197 23.64 24.37 26.47
CA PHE A 197 24.71 24.39 25.48
C PHE A 197 24.39 25.40 24.39
N SER A 198 25.40 26.16 23.98
CA SER A 198 25.25 27.19 22.97
C SER A 198 26.51 27.27 22.13
N ARG A 199 26.34 27.74 20.89
CA ARG A 199 27.44 27.85 19.94
C ARG A 199 27.30 29.16 19.18
N VAL A 200 28.44 29.82 18.93
CA VAL A 200 28.46 31.03 18.12
C VAL A 200 28.93 30.79 16.70
N VAL A 201 29.27 29.55 16.36
CA VAL A 201 29.74 29.19 15.02
C VAL A 201 28.74 28.21 14.42
N PRO A 202 28.28 28.42 13.19
CA PRO A 202 27.24 27.54 12.65
C PRO A 202 27.77 26.15 12.42
N PRO A 203 26.91 25.14 12.48
CA PRO A 203 27.34 23.76 12.23
C PRO A 203 27.36 23.44 10.74
N ASP A 204 27.73 22.21 10.42
CA ASP A 204 27.85 21.79 9.03
C ASP A 204 26.50 21.59 8.36
N SER A 205 25.41 21.47 9.11
CA SER A 205 24.11 21.33 8.48
C SER A 205 23.81 22.52 7.59
N PHE A 206 24.07 23.74 8.07
CA PHE A 206 23.83 24.92 7.25
C PHE A 206 24.71 24.91 6.01
N GLN A 207 25.96 24.48 6.13
CA GLN A 207 26.79 24.37 4.94
C GLN A 207 26.14 23.45 3.92
N ALA A 208 25.61 22.31 4.39
CA ALA A 208 24.91 21.42 3.47
C ALA A 208 23.71 22.10 2.84
N GLN A 209 22.93 22.83 3.64
CA GLN A 209 21.76 23.51 3.09
C GLN A 209 22.17 24.50 2.01
N ALA A 210 23.25 25.25 2.23
CA ALA A 210 23.70 26.20 1.23
C ALA A 210 24.10 25.48 -0.06
N MET A 211 24.83 24.37 0.06
CA MET A 211 25.28 23.66 -1.14
C MET A 211 24.09 23.16 -1.94
N VAL A 212 23.11 22.53 -1.28
CA VAL A 212 21.97 22.00 -2.01
C VAL A 212 21.14 23.13 -2.60
N ASP A 213 21.23 24.34 -2.03
CA ASP A 213 20.56 25.48 -2.64
C ASP A 213 21.31 25.96 -3.88
N ILE A 214 22.64 25.97 -3.85
CA ILE A 214 23.38 26.36 -5.04
C ILE A 214 23.17 25.35 -6.17
N VAL A 215 23.22 24.06 -5.84
CA VAL A 215 22.98 23.04 -6.86
C VAL A 215 21.58 23.19 -7.45
N LYS A 216 20.57 23.35 -6.59
CA LYS A 216 19.20 23.43 -7.09
C LYS A 216 19.01 24.65 -7.97
N ALA A 217 19.53 25.80 -7.54
CA ALA A 217 19.31 27.03 -8.31
C ALA A 217 20.01 26.97 -9.65
N LEU A 218 21.26 26.53 -9.67
CA LEU A 218 22.00 26.49 -10.92
C LEU A 218 21.41 25.44 -11.87
N GLY A 219 20.86 24.36 -11.33
CA GLY A 219 20.19 23.36 -12.12
C GLY A 219 21.04 22.14 -12.38
N TRP A 220 20.80 21.08 -11.61
CA TRP A 220 21.58 19.86 -11.71
C TRP A 220 20.75 18.72 -11.12
N ASN A 221 21.15 17.49 -11.42
CA ASN A 221 20.44 16.32 -10.90
C ASN A 221 21.38 15.27 -10.35
N TYR A 222 22.61 15.20 -10.86
CA TYR A 222 23.59 14.21 -10.45
C TYR A 222 24.64 14.87 -9.59
N VAL A 223 24.85 14.31 -8.40
CA VAL A 223 25.88 14.78 -7.49
C VAL A 223 26.53 13.57 -6.84
N SER A 224 27.86 13.60 -6.75
CA SER A 224 28.64 12.51 -6.17
C SER A 224 29.23 12.98 -4.86
N THR A 225 29.10 12.17 -3.82
CA THR A 225 29.55 12.54 -2.48
C THR A 225 30.89 11.88 -2.19
N LEU A 226 31.85 12.69 -1.77
CA LEU A 226 33.17 12.22 -1.35
C LEU A 226 33.45 12.74 0.05
N ALA A 227 34.04 11.89 0.89
CA ALA A 227 34.34 12.28 2.26
C ALA A 227 35.64 11.62 2.70
N SER A 228 36.26 12.19 3.72
CA SER A 228 37.47 11.66 4.30
C SER A 228 37.15 10.90 5.60
N GLU A 229 38.19 10.45 6.29
CA GLU A 229 38.00 9.72 7.54
C GLU A 229 37.57 10.67 8.66
N GLY A 230 37.31 10.08 9.83
CA GLY A 230 36.90 10.86 10.98
C GLY A 230 35.39 10.98 11.11
N SER A 231 34.99 11.91 11.97
CA SER A 231 33.58 12.18 12.23
C SER A 231 33.11 13.48 11.57
N TYR A 232 33.86 13.99 10.60
CA TYR A 232 33.51 15.22 9.90
C TYR A 232 32.95 14.94 8.51
N GLY A 233 33.69 14.20 7.69
CA GLY A 233 33.23 13.94 6.34
C GLY A 233 31.98 13.08 6.30
N GLU A 234 31.91 12.07 7.17
CA GLU A 234 30.74 11.20 7.19
C GLU A 234 29.48 11.98 7.54
N LYS A 235 29.56 12.82 8.58
CA LYS A 235 28.38 13.56 9.01
C LYS A 235 27.99 14.62 7.99
N GLY A 236 28.96 15.22 7.31
CA GLY A 236 28.64 16.21 6.30
C GLY A 236 27.82 15.62 5.17
N VAL A 237 28.28 14.48 4.63
CA VAL A 237 27.54 13.84 3.54
C VAL A 237 26.21 13.29 4.03
N GLU A 238 26.16 12.80 5.28
CA GLU A 238 24.90 12.31 5.82
C GLU A 238 23.87 13.45 5.89
N SER A 239 24.29 14.62 6.36
CA SER A 239 23.39 15.77 6.37
C SER A 239 22.98 16.14 4.94
N PHE A 240 23.93 16.08 3.99
CA PHE A 240 23.63 16.45 2.62
C PHE A 240 22.56 15.54 2.03
N THR A 241 22.69 14.23 2.25
CA THR A 241 21.69 13.30 1.74
C THR A 241 20.33 13.55 2.36
N GLN A 242 20.29 13.80 3.67
CA GLN A 242 19.01 13.98 4.35
C GLN A 242 18.29 15.23 3.86
N ILE A 243 19.00 16.33 3.69
CA ILE A 243 18.37 17.55 3.19
C ILE A 243 17.85 17.33 1.77
N SER A 244 18.64 16.63 0.94
CA SER A 244 18.22 16.42 -0.44
C SER A 244 16.94 15.60 -0.51
N LYS A 245 16.84 14.55 0.30
CA LYS A 245 15.64 13.72 0.29
C LYS A 245 14.44 14.48 0.83
N GLU A 246 14.64 15.33 1.83
CA GLU A 246 13.52 16.09 2.40
C GLU A 246 13.04 17.16 1.43
N ALA A 247 13.97 17.90 0.83
CA ALA A 247 13.58 18.99 -0.08
C ALA A 247 13.02 18.44 -1.39
N GLY A 248 13.59 17.35 -1.89
CA GLY A 248 13.12 16.74 -3.11
C GLY A 248 13.72 17.37 -4.35
N GLY A 249 13.63 16.63 -5.45
CA GLY A 249 14.17 17.07 -6.73
C GLY A 249 15.64 16.79 -6.94
N LEU A 250 16.32 16.19 -5.97
CA LEU A 250 17.74 15.88 -6.08
C LEU A 250 17.99 14.47 -5.56
N CYS A 251 19.05 13.85 -6.07
CA CYS A 251 19.37 12.47 -5.71
C CYS A 251 20.87 12.27 -5.67
N ILE A 252 21.27 11.16 -5.05
CA ILE A 252 22.67 10.76 -4.96
C ILE A 252 22.86 9.55 -5.87
N ALA A 253 23.87 9.61 -6.74
CA ALA A 253 24.15 8.53 -7.67
C ALA A 253 25.42 7.77 -7.35
N GLN A 254 26.32 8.34 -6.55
CA GLN A 254 27.56 7.69 -6.17
C GLN A 254 27.78 7.89 -4.69
N SER A 255 28.50 6.97 -4.06
CA SER A 255 28.85 7.12 -2.64
C SER A 255 30.14 6.34 -2.40
N VAL A 256 31.25 7.07 -2.31
CA VAL A 256 32.54 6.47 -2.07
C VAL A 256 33.08 6.96 -0.74
N ARG A 257 33.92 6.15 -0.11
CA ARG A 257 34.54 6.44 1.17
C ARG A 257 36.05 6.33 1.03
N ILE A 258 36.78 7.26 1.63
CA ILE A 258 38.23 7.33 1.49
C ILE A 258 38.85 6.95 2.83
N PRO A 259 39.40 5.75 2.98
CA PRO A 259 40.07 5.39 4.24
C PRO A 259 41.42 6.10 4.36
N GLN A 260 42.03 5.94 5.53
CA GLN A 260 43.32 6.53 5.84
C GLN A 260 44.25 5.51 6.49
N GLU A 261 44.28 4.30 5.96
CA GLU A 261 45.14 3.26 6.51
C GLU A 261 46.59 3.41 6.08
N ARG A 262 46.85 4.16 5.02
CA ARG A 262 48.21 4.36 4.52
C ARG A 262 48.25 5.65 3.71
N LYS A 263 49.47 6.13 3.48
CA LYS A 263 49.68 7.39 2.77
C LYS A 263 50.52 7.25 1.51
N ASP A 264 51.10 6.08 1.26
CA ASP A 264 51.97 5.86 0.11
C ASP A 264 51.39 4.82 -0.84
N ARG A 265 50.07 4.84 -1.02
CA ARG A 265 49.39 3.87 -1.87
C ARG A 265 49.19 4.41 -3.29
N THR A 266 48.47 5.53 -3.42
CA THR A 266 48.14 6.12 -4.71
C THR A 266 47.37 5.16 -5.61
N ILE A 267 46.69 4.18 -5.03
CA ILE A 267 45.87 3.23 -5.78
C ILE A 267 44.39 3.48 -5.56
N ASP A 268 43.96 3.69 -4.31
CA ASP A 268 42.55 3.89 -4.05
C ASP A 268 42.04 5.16 -4.74
N PHE A 269 42.91 6.16 -4.93
CA PHE A 269 42.51 7.35 -5.67
C PHE A 269 42.15 7.01 -7.10
N ASP A 270 42.96 6.17 -7.75
CA ASP A 270 42.63 5.73 -9.10
C ASP A 270 41.31 4.95 -9.12
N ARG A 271 41.07 4.14 -8.09
CA ARG A 271 39.84 3.35 -8.05
C ARG A 271 38.62 4.26 -7.99
N ILE A 272 38.66 5.28 -7.14
CA ILE A 272 37.51 6.16 -7.01
C ILE A 272 37.33 7.01 -8.26
N ILE A 273 38.42 7.49 -8.85
CA ILE A 273 38.29 8.30 -10.06
C ILE A 273 37.76 7.43 -11.20
N LYS A 274 38.13 6.15 -11.23
CA LYS A 274 37.51 5.24 -12.19
C LYS A 274 36.05 5.01 -11.87
N GLN A 275 35.72 4.87 -10.59
CA GLN A 275 34.33 4.68 -10.19
C GLN A 275 33.49 5.89 -10.57
N LEU A 276 34.05 7.09 -10.41
CA LEU A 276 33.32 8.30 -10.79
C LEU A 276 33.22 8.47 -12.29
N LEU A 277 34.19 7.96 -13.04
CA LEU A 277 34.20 8.09 -14.49
C LEU A 277 33.29 7.10 -15.17
N ASP A 278 32.65 6.21 -14.42
CA ASP A 278 31.81 5.19 -15.04
C ASP A 278 30.65 5.79 -15.79
N THR A 279 30.03 6.83 -15.23
CA THR A 279 28.88 7.47 -15.85
C THR A 279 29.29 8.84 -16.37
N PRO A 280 29.43 9.05 -17.68
CA PRO A 280 29.83 10.36 -18.18
C PRO A 280 28.82 11.45 -17.88
N ASN A 281 27.57 11.09 -17.55
CA ASN A 281 26.55 12.10 -17.32
C ASN A 281 26.75 12.85 -16.01
N SER A 282 27.29 12.21 -14.98
CA SER A 282 27.47 12.83 -13.68
C SER A 282 28.68 13.74 -13.73
N ARG A 283 28.47 15.05 -13.89
CA ARG A 283 29.54 16.01 -14.06
C ARG A 283 29.72 16.93 -12.86
N ALA A 284 29.02 16.69 -11.77
CA ALA A 284 29.10 17.54 -10.59
C ALA A 284 29.36 16.68 -9.37
N VAL A 285 30.37 17.04 -8.60
CA VAL A 285 30.74 16.32 -7.39
C VAL A 285 30.90 17.31 -6.25
N VAL A 286 30.70 16.82 -5.03
CA VAL A 286 30.86 17.60 -3.81
C VAL A 286 31.89 16.89 -2.95
N ILE A 287 32.75 17.66 -2.29
CA ILE A 287 33.87 17.12 -1.53
C ILE A 287 33.82 17.65 -0.11
N PHE A 288 34.13 16.78 0.85
CA PHE A 288 34.20 17.17 2.26
C PHE A 288 35.56 16.85 2.86
N ALA A 289 36.55 16.53 2.03
CA ALA A 289 37.84 16.07 2.52
C ALA A 289 38.76 17.27 2.78
N ASN A 290 39.98 16.96 3.21
CA ASN A 290 40.96 17.98 3.54
C ASN A 290 41.74 18.37 2.29
N ASP A 291 42.73 19.25 2.46
CA ASP A 291 43.47 19.79 1.33
C ASP A 291 44.33 18.72 0.65
N GLU A 292 44.98 17.88 1.44
CA GLU A 292 45.85 16.85 0.86
C GLU A 292 45.06 15.91 -0.03
N ASP A 293 43.84 15.55 0.39
CA ASP A 293 43.06 14.59 -0.39
C ASP A 293 42.68 15.18 -1.75
N ILE A 294 42.16 16.41 -1.76
CA ILE A 294 41.76 17.02 -3.02
C ILE A 294 42.99 17.28 -3.90
N LYS A 295 44.12 17.64 -3.28
CA LYS A 295 45.34 17.82 -4.05
C LYS A 295 45.73 16.53 -4.77
N GLN A 296 45.63 15.39 -4.08
CA GLN A 296 45.90 14.11 -4.73
C GLN A 296 44.86 13.81 -5.81
N ILE A 297 43.59 14.12 -5.53
CA ILE A 297 42.54 13.85 -6.51
C ILE A 297 42.80 14.66 -7.78
N LEU A 298 43.15 15.94 -7.62
CA LEU A 298 43.47 16.76 -8.80
C LEU A 298 44.68 16.22 -9.53
N ALA A 299 45.72 15.80 -8.78
CA ALA A 299 46.90 15.24 -9.41
C ALA A 299 46.56 13.99 -10.19
N ALA A 300 45.74 13.10 -9.62
CA ALA A 300 45.33 11.90 -10.34
C ALA A 300 44.53 12.24 -11.58
N ALA A 301 43.62 13.21 -11.48
CA ALA A 301 42.86 13.60 -12.66
C ALA A 301 43.79 14.12 -13.75
N LYS A 302 44.82 14.87 -13.37
CA LYS A 302 45.74 15.42 -14.36
C LYS A 302 46.56 14.32 -15.02
N ARG A 303 47.05 13.36 -14.23
CA ARG A 303 47.86 12.27 -14.78
C ARG A 303 47.02 11.26 -15.54
N ALA A 304 45.70 11.28 -15.35
CA ALA A 304 44.81 10.37 -16.08
C ALA A 304 44.37 10.92 -17.42
N ASP A 305 44.69 12.18 -17.73
CA ASP A 305 44.34 12.78 -19.02
C ASP A 305 42.84 12.71 -19.26
N GLN A 306 42.09 13.30 -18.33
CA GLN A 306 40.63 13.29 -18.42
C GLN A 306 40.16 14.44 -19.30
N VAL A 307 39.15 14.16 -20.13
CA VAL A 307 38.64 15.14 -21.07
C VAL A 307 37.29 15.72 -20.66
N GLY A 308 36.47 14.97 -19.92
CA GLY A 308 35.17 15.49 -19.53
C GLY A 308 35.26 16.73 -18.67
N HIS A 309 36.22 16.77 -17.75
CA HIS A 309 36.46 17.93 -16.89
C HIS A 309 35.18 18.31 -16.15
N PHE A 310 34.72 17.38 -15.34
CA PHE A 310 33.52 17.61 -14.54
C PHE A 310 33.78 18.66 -13.47
N LEU A 311 32.70 19.33 -13.06
CA LEU A 311 32.78 20.45 -12.13
C LEU A 311 32.97 19.97 -10.68
N TRP A 312 33.49 20.87 -9.85
CA TRP A 312 33.71 20.61 -8.44
C TRP A 312 32.91 21.59 -7.59
N VAL A 313 32.48 21.12 -6.43
CA VAL A 313 31.84 21.96 -5.41
C VAL A 313 32.62 21.78 -4.13
N GLY A 314 33.18 22.87 -3.60
CA GLY A 314 34.10 22.81 -2.48
C GLY A 314 33.43 23.04 -1.14
N SER A 315 34.05 22.52 -0.09
CA SER A 315 33.58 22.68 1.28
C SER A 315 34.55 23.56 2.07
N ASP A 316 34.22 23.76 3.35
CA ASP A 316 34.93 24.72 4.17
C ASP A 316 36.43 24.42 4.22
N SER A 317 36.80 23.14 4.12
CA SER A 317 38.21 22.81 4.12
C SER A 317 38.93 23.40 2.92
N TRP A 318 38.23 23.52 1.78
CA TRP A 318 38.85 24.02 0.57
C TRP A 318 39.13 25.52 0.70
N GLY A 319 38.10 26.32 0.89
CA GLY A 319 38.26 27.74 1.12
C GLY A 319 38.96 28.42 -0.05
N SER A 320 39.70 29.47 0.29
CA SER A 320 40.44 30.27 -0.68
C SER A 320 41.90 30.31 -0.22
N LYS A 321 42.67 29.33 -0.68
CA LYS A 321 44.11 29.30 -0.39
C LYS A 321 44.85 28.89 -1.65
N ILE A 322 46.00 29.52 -1.87
CA ILE A 322 46.78 29.27 -3.08
C ILE A 322 47.64 28.02 -2.97
N ASN A 323 47.91 27.52 -1.76
CA ASN A 323 48.78 26.36 -1.62
C ASN A 323 48.25 25.14 -2.33
N PRO A 324 46.98 24.75 -2.17
CA PRO A 324 46.54 23.49 -2.79
C PRO A 324 46.68 23.46 -4.30
N LEU A 325 46.41 24.57 -4.97
CA LEU A 325 46.44 24.56 -6.43
C LEU A 325 47.88 24.68 -6.92
N HIS A 326 48.29 23.74 -7.77
CA HIS A 326 49.65 23.71 -8.28
C HIS A 326 49.65 22.89 -9.56
N GLN A 327 49.91 23.53 -10.68
CA GLN A 327 49.96 22.89 -11.99
C GLN A 327 48.63 22.24 -12.38
N HIS A 328 47.55 22.53 -11.64
CA HIS A 328 46.24 21.97 -11.92
C HIS A 328 45.23 23.06 -12.23
N GLU A 329 45.72 24.26 -12.57
CA GLU A 329 44.82 25.39 -12.76
C GLU A 329 43.79 25.11 -13.85
N ASP A 330 44.15 24.30 -14.84
CA ASP A 330 43.23 24.00 -15.93
C ASP A 330 42.07 23.13 -15.46
N ILE A 331 42.35 22.10 -14.66
CA ILE A 331 41.31 21.16 -14.27
C ILE A 331 40.53 21.61 -13.05
N ALA A 332 41.10 22.47 -12.22
CA ALA A 332 40.39 22.98 -11.05
C ALA A 332 39.51 24.18 -11.36
N GLU A 333 39.57 24.70 -12.58
CA GLU A 333 38.80 25.89 -12.91
C GLU A 333 37.32 25.59 -12.84
N GLY A 334 36.55 26.57 -12.37
CA GLY A 334 35.12 26.41 -12.27
C GLY A 334 34.63 25.71 -11.03
N ALA A 335 35.43 25.70 -9.96
CA ALA A 335 35.04 25.06 -8.71
C ALA A 335 34.31 26.06 -7.83
N ILE A 336 33.10 25.71 -7.41
CA ILE A 336 32.32 26.54 -6.50
C ILE A 336 32.66 26.13 -5.07
N THR A 337 33.17 27.08 -4.29
CA THR A 337 33.64 26.82 -2.93
C THR A 337 32.86 27.69 -1.95
N ILE A 338 32.58 27.13 -0.78
CA ILE A 338 31.88 27.85 0.28
C ILE A 338 32.83 28.02 1.45
N GLN A 339 32.96 29.25 1.95
CA GLN A 339 33.91 29.57 2.99
C GLN A 339 33.26 30.53 3.99
N PRO A 340 33.49 30.34 5.29
CA PRO A 340 32.94 31.29 6.27
C PRO A 340 33.57 32.67 6.13
N LYS A 341 32.78 33.68 6.45
CA LYS A 341 33.26 35.06 6.37
C LYS A 341 34.36 35.30 7.39
N ARG A 342 35.37 36.05 6.98
CA ARG A 342 36.51 36.39 7.84
C ARG A 342 36.52 37.89 8.11
N ALA A 343 36.78 38.25 9.36
CA ALA A 343 36.93 39.63 9.77
C ALA A 343 38.19 39.80 10.60
N THR A 344 38.85 40.94 10.45
CA THR A 344 40.10 41.24 11.14
C THR A 344 39.85 42.37 12.13
N VAL A 345 40.21 42.14 13.40
CA VAL A 345 40.08 43.15 14.43
C VAL A 345 41.39 43.91 14.57
N GLU A 346 41.33 45.09 15.17
CA GLU A 346 42.50 45.94 15.34
C GLU A 346 42.98 46.04 16.78
N GLY A 347 42.13 45.74 17.76
CA GLY A 347 42.52 45.89 19.15
C GLY A 347 43.36 44.74 19.67
N PHE A 348 42.97 43.51 19.33
CA PHE A 348 43.70 42.34 19.81
C PHE A 348 45.12 42.32 19.26
N ASP A 349 45.30 42.65 18.00
CA ASP A 349 46.64 42.62 17.41
C ASP A 349 47.57 43.60 18.10
N ALA A 350 47.08 44.81 18.38
CA ALA A 350 47.90 45.78 19.10
C ALA A 350 48.18 45.32 20.52
N TYR A 351 47.22 44.67 21.17
CA TYR A 351 47.43 44.18 22.53
C TYR A 351 48.49 43.09 22.57
N PHE A 352 48.40 42.11 21.66
CA PHE A 352 49.32 40.99 21.69
C PHE A 352 50.73 41.40 21.30
N THR A 353 50.86 42.36 20.39
CA THR A 353 52.17 42.81 19.93
C THR A 353 52.90 43.66 20.96
N SER A 354 52.24 44.06 22.05
CA SER A 354 52.82 44.95 23.03
C SER A 354 53.24 44.25 24.31
N ARG A 355 53.02 42.95 24.42
CA ARG A 355 53.32 42.21 25.64
C ARG A 355 54.72 41.60 25.59
N THR A 356 55.37 41.56 26.74
CA THR A 356 56.70 40.97 26.88
C THR A 356 56.74 40.15 28.16
N LEU A 357 57.90 39.54 28.43
CA LEU A 357 58.02 38.61 29.55
C LEU A 357 57.74 39.30 30.88
N GLU A 358 58.32 40.48 31.10
CA GLU A 358 58.19 41.17 32.37
C GLU A 358 56.94 42.03 32.48
N ASN A 359 56.15 42.13 31.42
CA ASN A 359 54.97 43.00 31.45
C ASN A 359 53.81 42.34 32.18
N ASN A 360 53.53 41.08 31.87
CA ASN A 360 52.42 40.34 32.46
C ASN A 360 52.94 39.06 33.11
N ARG A 361 52.36 38.72 34.26
CA ARG A 361 52.74 37.52 34.99
C ARG A 361 51.58 36.57 35.25
N ARG A 362 50.35 36.96 34.92
CA ARG A 362 49.21 36.06 35.15
C ARG A 362 49.30 34.82 34.28
N ASN A 363 49.73 34.96 33.03
CA ASN A 363 49.83 33.81 32.13
C ASN A 363 50.99 32.92 32.54
N VAL A 364 50.72 31.63 32.72
CA VAL A 364 51.74 30.69 33.15
C VAL A 364 52.47 30.01 31.99
N TRP A 365 51.87 29.99 30.80
CA TRP A 365 52.48 29.34 29.64
C TRP A 365 53.20 30.32 28.72
N PHE A 366 53.24 31.62 29.07
CA PHE A 366 53.82 32.60 28.17
C PHE A 366 55.32 32.39 28.03
N ALA A 367 56.01 32.09 29.12
CA ALA A 367 57.45 31.86 29.06
C ALA A 367 57.77 30.66 28.18
N GLU A 368 57.02 29.57 28.32
CA GLU A 368 57.26 28.40 27.49
C GLU A 368 56.95 28.69 26.03
N TYR A 369 55.90 29.48 25.77
CA TYR A 369 55.60 29.88 24.39
C TYR A 369 56.72 30.73 23.80
N TRP A 370 57.24 31.68 24.58
CA TRP A 370 58.33 32.52 24.10
C TRP A 370 59.55 31.67 23.77
N GLU A 371 59.82 30.65 24.59
CA GLU A 371 60.93 29.75 24.33
C GLU A 371 60.72 28.95 23.05
N GLU A 372 59.52 28.40 22.86
CA GLU A 372 59.25 27.58 21.69
C GLU A 372 59.11 28.40 20.43
N ASN A 373 58.62 29.63 20.53
CA ASN A 373 58.41 30.45 19.33
C ASN A 373 59.74 30.83 18.69
N PHE A 374 60.69 31.30 19.50
CA PHE A 374 62.01 31.69 19.01
C PHE A 374 63.02 30.58 19.08
N ASN A 375 62.63 29.40 19.56
CA ASN A 375 63.52 28.23 19.61
C ASN A 375 64.80 28.56 20.38
N CYS A 376 64.62 29.14 21.57
CA CYS A 376 65.73 29.50 22.44
C CYS A 376 65.40 29.13 23.87
N LYS A 377 66.34 28.49 24.54
CA LYS A 377 66.19 28.02 25.92
C LYS A 377 67.24 28.67 26.81
N LEU A 378 66.83 29.03 28.02
CA LEU A 378 67.74 29.65 28.98
C LEU A 378 68.64 28.60 29.62
N ASP A 389 70.85 25.17 22.23
CA ASP A 389 71.84 25.83 23.07
C ASP A 389 71.95 27.32 22.72
N ARG A 390 70.80 27.96 22.54
CA ARG A 390 70.72 29.37 22.19
C ARG A 390 69.92 30.10 23.25
N LYS A 391 70.44 31.24 23.71
CA LYS A 391 69.80 32.03 24.76
C LYS A 391 69.24 33.31 24.19
N CYS A 392 68.05 33.69 24.67
CA CYS A 392 67.34 34.87 24.22
C CYS A 392 66.92 35.70 25.41
N THR A 393 67.24 37.00 25.38
CA THR A 393 66.89 37.91 26.46
C THR A 393 66.38 39.22 25.86
N GLY A 394 65.09 39.50 26.05
CA GLY A 394 64.51 40.77 25.66
C GLY A 394 64.59 41.04 24.16
N GLN A 395 64.04 40.15 23.35
CA GLN A 395 64.04 40.38 21.90
C GLN A 395 63.04 41.47 21.51
N GLU A 396 61.81 41.37 22.01
CA GLU A 396 60.76 42.32 21.69
C GLU A 396 60.57 42.44 20.18
N ARG A 397 60.51 41.27 19.52
CA ARG A 397 60.30 41.21 18.08
C ARG A 397 59.29 40.12 17.72
N ILE A 398 58.33 39.88 18.62
CA ILE A 398 57.35 38.83 18.39
C ILE A 398 56.57 39.09 17.11
N GLY A 399 56.25 40.35 16.83
CA GLY A 399 55.51 40.72 15.64
C GLY A 399 56.35 41.05 14.43
N LYS A 400 57.68 40.92 14.52
CA LYS A 400 58.57 41.26 13.43
C LYS A 400 59.35 40.06 12.91
N ASP A 401 59.96 39.28 13.80
CA ASP A 401 60.73 38.12 13.36
C ASP A 401 59.84 37.05 12.75
N SER A 402 58.65 36.86 13.33
CA SER A 402 57.67 35.90 12.83
C SER A 402 56.52 36.63 12.15
N ASN A 403 56.21 36.23 10.92
CA ASN A 403 55.13 36.86 10.17
C ASN A 403 53.79 36.24 10.53
N TYR A 404 53.45 36.26 11.82
CA TYR A 404 52.22 35.65 12.28
C TYR A 404 51.01 36.47 11.88
N GLU A 405 49.87 35.79 11.74
CA GLU A 405 48.60 36.41 11.41
C GLU A 405 47.51 35.82 12.30
N GLN A 406 46.62 36.68 12.80
CA GLN A 406 45.62 36.23 13.75
C GLN A 406 44.66 35.26 13.09
N GLU A 407 44.19 34.29 13.88
CA GLU A 407 43.29 33.28 13.37
C GLU A 407 41.87 33.83 13.29
N GLY A 408 41.02 33.14 12.53
CA GLY A 408 39.66 33.60 12.33
C GLY A 408 38.72 33.33 13.48
N LYS A 409 39.16 32.59 14.49
CA LYS A 409 38.30 32.27 15.62
C LYS A 409 38.43 33.27 16.77
N VAL A 410 39.35 34.23 16.69
CA VAL A 410 39.47 35.22 17.76
C VAL A 410 38.18 35.99 17.91
N GLN A 411 37.59 36.42 16.79
CA GLN A 411 36.33 37.15 16.86
C GLN A 411 35.25 36.33 17.55
N PHE A 412 35.31 35.00 17.41
CA PHE A 412 34.27 34.16 17.97
C PHE A 412 34.34 34.10 19.50
N VAL A 413 35.55 33.95 20.05
CA VAL A 413 35.65 33.95 21.51
C VAL A 413 35.30 35.32 22.08
N ILE A 414 35.68 36.40 21.39
CA ILE A 414 35.30 37.73 21.84
C ILE A 414 33.79 37.89 21.85
N ASP A 415 33.13 37.41 20.79
CA ASP A 415 31.67 37.48 20.75
C ASP A 415 31.05 36.60 21.83
N ALA A 416 31.63 35.42 22.07
CA ALA A 416 31.09 34.53 23.09
C ALA A 416 31.13 35.20 24.46
N VAL A 417 32.24 35.84 24.80
CA VAL A 417 32.31 36.57 26.06
C VAL A 417 31.30 37.71 26.08
N TYR A 418 31.12 38.40 24.96
CA TYR A 418 30.16 39.48 24.90
C TYR A 418 28.75 38.97 25.19
N ALA A 419 28.36 37.86 24.56
CA ALA A 419 27.02 37.34 24.78
C ALA A 419 26.81 36.96 26.23
N MET A 420 27.82 36.35 26.85
CA MET A 420 27.72 36.02 28.27
C MET A 420 27.56 37.28 29.11
N ALA A 421 28.37 38.30 28.83
CA ALA A 421 28.29 39.53 29.63
C ALA A 421 26.95 40.21 29.46
N HIS A 422 26.44 40.31 28.23
CA HIS A 422 25.18 40.98 28.01
C HIS A 422 24.03 40.26 28.70
N ALA A 423 23.99 38.93 28.61
CA ALA A 423 22.93 38.19 29.29
C ALA A 423 22.99 38.38 30.79
N LEU A 424 24.19 38.35 31.37
CA LEU A 424 24.34 38.59 32.79
C LEU A 424 23.89 39.99 33.16
N HIS A 425 24.22 40.98 32.31
CA HIS A 425 23.82 42.35 32.57
C HIS A 425 22.30 42.50 32.56
N HIS A 426 21.63 41.92 31.56
CA HIS A 426 20.17 41.99 31.51
C HIS A 426 19.54 41.28 32.70
N MET A 427 20.07 40.11 33.06
CA MET A 427 19.55 39.41 34.23
C MET A 427 19.73 40.24 35.49
N ASN A 428 20.89 40.88 35.65
CA ASN A 428 21.13 41.72 36.82
C ASN A 428 20.17 42.90 36.86
N LYS A 429 19.94 43.54 35.71
CA LYS A 429 19.03 44.69 35.69
C LYS A 429 17.61 44.27 36.05
N ASP A 430 17.16 43.11 35.55
CA ASP A 430 15.80 42.68 35.84
C ASP A 430 15.66 42.18 37.27
N LEU A 431 16.71 41.59 37.85
CA LEU A 431 16.61 41.07 39.20
C LEU A 431 16.55 42.21 40.22
N CYS A 432 17.44 43.19 40.09
CA CYS A 432 17.48 44.29 41.05
C CYS A 432 17.93 45.56 40.35
N ALA A 433 17.24 46.66 40.64
CA ALA A 433 17.58 47.96 40.08
C ALA A 433 17.69 49.07 41.11
N ASP A 434 17.29 48.82 42.36
CA ASP A 434 17.34 49.82 43.42
C ASP A 434 18.63 49.76 44.23
N TYR A 435 19.56 48.89 43.87
CA TYR A 435 20.81 48.73 44.59
C TYR A 435 21.97 49.21 43.74
N ARG A 436 22.89 49.96 44.37
CA ARG A 436 24.02 50.51 43.64
C ARG A 436 25.01 49.42 43.25
N GLY A 437 25.32 48.52 44.17
CA GLY A 437 26.32 47.51 43.93
C GLY A 437 25.73 46.16 43.56
N VAL A 438 26.16 45.11 44.26
CA VAL A 438 25.70 43.75 44.00
C VAL A 438 24.58 43.42 44.98
N CYS A 439 23.39 43.17 44.46
CA CYS A 439 22.28 42.82 45.34
C CYS A 439 22.40 41.36 45.76
N PRO A 440 22.04 41.02 47.00
CA PRO A 440 22.13 39.61 47.43
C PRO A 440 21.23 38.67 46.65
N GLU A 441 20.19 39.19 45.99
CA GLU A 441 19.27 38.31 45.27
C GLU A 441 19.96 37.60 44.12
N MET A 442 20.99 38.22 43.54
CA MET A 442 21.62 37.64 42.36
C MET A 442 22.33 36.34 42.67
N GLU A 443 22.97 36.24 43.84
CA GLU A 443 23.69 35.01 44.19
C GLU A 443 22.74 33.82 44.30
N GLN A 444 21.57 34.03 44.90
CA GLN A 444 20.62 32.94 45.09
C GLN A 444 19.96 32.52 43.79
N ALA A 445 19.79 33.43 42.85
CA ALA A 445 19.10 33.15 41.60
C ALA A 445 20.10 32.67 40.55
N GLY A 446 19.83 31.50 39.98
CA GLY A 446 20.68 30.95 38.95
C GLY A 446 20.11 29.66 38.43
N GLY A 447 20.50 29.32 37.20
CA GLY A 447 20.07 28.08 36.58
C GLY A 447 19.42 28.30 35.24
N LYS A 448 18.17 27.85 35.09
CA LYS A 448 17.48 28.00 33.81
C LYS A 448 17.30 29.46 33.43
N LYS A 449 17.21 30.35 34.42
CA LYS A 449 16.96 31.75 34.11
C LYS A 449 18.06 32.35 33.26
N LEU A 450 19.32 32.07 33.61
CA LEU A 450 20.43 32.61 32.82
C LEU A 450 20.45 32.02 31.42
N LEU A 451 20.15 30.73 31.29
CA LEU A 451 20.10 30.13 29.96
C LEU A 451 19.04 30.80 29.10
N LYS A 452 17.86 31.06 29.66
CA LYS A 452 16.80 31.70 28.88
C LYS A 452 17.20 33.10 28.45
N TYR A 453 17.88 33.84 29.33
CA TYR A 453 18.38 35.15 28.94
C TYR A 453 19.43 35.05 27.84
N ILE A 454 20.20 33.96 27.83
CA ILE A 454 21.21 33.80 26.79
C ILE A 454 20.56 33.55 25.44
N ARG A 455 19.49 32.74 25.42
CA ARG A 455 18.84 32.44 24.13
C ARG A 455 18.31 33.70 23.48
N ASN A 456 17.72 34.61 24.26
CA ASN A 456 17.13 35.84 23.74
C ASN A 456 18.14 36.97 23.90
N VAL A 457 18.98 37.14 22.88
CA VAL A 457 19.97 38.21 22.85
C VAL A 457 20.22 38.59 21.41
N ASN A 458 20.54 39.87 21.19
CA ASN A 458 20.77 40.37 19.83
C ASN A 458 21.56 41.66 19.94
N PHE A 459 22.77 41.66 19.39
CA PHE A 459 23.61 42.85 19.44
C PHE A 459 24.71 42.71 18.40
N ASN A 460 25.51 43.77 18.28
CA ASN A 460 26.62 43.83 17.33
C ASN A 460 27.92 43.66 18.09
N GLY A 461 28.76 42.73 17.63
CA GLY A 461 30.05 42.47 18.22
C GLY A 461 31.17 43.20 17.52
N SER A 462 32.37 42.62 17.59
CA SER A 462 33.51 43.23 16.93
C SER A 462 33.33 43.28 15.41
N ALA A 463 32.80 42.20 14.83
CA ALA A 463 32.58 42.16 13.39
C ALA A 463 31.34 42.96 13.03
N GLY A 464 31.18 43.19 11.72
CA GLY A 464 29.99 43.90 11.25
C GLY A 464 28.71 43.13 11.49
N THR A 465 28.75 41.81 11.34
CA THR A 465 27.54 41.02 11.48
C THR A 465 27.14 40.90 12.95
N PRO A 466 25.84 40.82 13.25
CA PRO A 466 25.41 40.62 14.63
C PRO A 466 25.47 39.14 15.02
N VAL A 467 25.19 38.88 16.29
CA VAL A 467 25.18 37.54 16.85
C VAL A 467 23.79 37.29 17.44
N MET A 468 23.29 36.08 17.24
CA MET A 468 21.97 35.70 17.73
C MET A 468 21.92 34.19 17.81
N PHE A 469 20.88 33.68 18.47
CA PHE A 469 20.66 32.26 18.59
C PHE A 469 19.24 31.94 18.16
N ASN A 470 19.09 30.84 17.42
CA ASN A 470 17.79 30.38 16.94
C ASN A 470 17.17 29.46 17.99
N LYS A 471 16.11 28.75 17.62
CA LYS A 471 15.44 27.86 18.55
C LYS A 471 16.38 26.79 19.07
N ASN A 472 17.17 26.17 18.18
CA ASN A 472 18.03 25.08 18.59
C ASN A 472 19.15 25.56 19.51
N GLY A 473 19.71 26.72 19.21
CA GLY A 473 20.77 27.31 20.02
C GLY A 473 22.05 27.64 19.28
N ASP A 474 22.11 27.45 17.97
CA ASP A 474 23.29 27.73 17.19
C ASP A 474 23.12 29.00 16.36
N ALA A 475 24.24 29.63 16.04
CA ALA A 475 24.20 30.87 15.29
C ALA A 475 23.79 30.60 13.84
N PRO A 476 23.13 31.56 13.20
CA PRO A 476 22.76 31.38 11.79
C PRO A 476 23.98 31.36 10.89
N GLY A 477 23.87 30.59 9.82
CA GLY A 477 24.99 30.44 8.90
C GLY A 477 25.13 31.65 8.00
N ARG A 478 26.37 32.10 7.82
CA ARG A 478 26.69 33.18 6.89
C ARG A 478 27.94 32.80 6.11
N TYR A 479 27.80 32.65 4.79
CA TYR A 479 28.93 32.31 3.94
C TYR A 479 28.92 33.18 2.70
N ASP A 480 30.06 33.21 2.02
CA ASP A 480 30.21 33.85 0.72
C ASP A 480 30.84 32.86 -0.26
N ILE A 481 30.35 32.86 -1.49
CA ILE A 481 30.73 31.87 -2.49
C ILE A 481 31.89 32.41 -3.31
N PHE A 482 32.93 31.60 -3.48
CA PHE A 482 34.09 31.94 -4.27
C PHE A 482 34.22 31.00 -5.47
N GLN A 483 35.04 31.42 -6.43
CA GLN A 483 35.25 30.65 -7.65
C GLN A 483 36.62 30.99 -8.22
N TYR A 484 37.18 30.03 -8.95
CA TYR A 484 38.50 30.15 -9.55
C TYR A 484 38.37 30.37 -11.05
N GLN A 485 39.03 31.41 -11.57
CA GLN A 485 39.05 31.68 -12.99
C GLN A 485 40.46 32.15 -13.37
N THR A 486 41.06 31.49 -14.37
CA THR A 486 42.39 31.87 -14.83
C THR A 486 42.52 31.97 -16.35
N THR A 487 41.70 31.29 -17.14
CA THR A 487 41.96 31.24 -18.58
C THR A 487 41.64 32.56 -19.26
N ASN A 488 40.72 33.35 -18.70
CA ASN A 488 40.36 34.63 -19.28
C ASN A 488 40.29 35.75 -18.28
N THR A 489 40.33 35.47 -16.98
CA THR A 489 40.25 36.52 -15.97
C THR A 489 41.53 37.35 -15.93
N SER A 490 41.38 38.62 -15.57
CA SER A 490 42.55 39.48 -15.41
C SER A 490 43.41 39.05 -14.23
N ASN A 491 42.78 38.63 -13.13
CA ASN A 491 43.49 38.21 -11.94
C ASN A 491 43.36 36.70 -11.77
N PRO A 492 44.47 35.96 -11.67
CA PRO A 492 44.37 34.50 -11.54
C PRO A 492 43.71 34.04 -10.24
N GLY A 493 43.46 34.94 -9.30
CA GLY A 493 42.90 34.57 -8.01
C GLY A 493 41.39 34.40 -8.04
N TYR A 494 40.85 34.01 -6.88
CA TYR A 494 39.42 33.81 -6.75
C TYR A 494 38.68 35.14 -6.75
N ARG A 495 37.44 35.10 -7.23
CA ARG A 495 36.56 36.26 -7.26
C ARG A 495 35.25 35.95 -6.58
N LEU A 496 34.72 36.94 -5.85
CA LEU A 496 33.46 36.79 -5.16
C LEU A 496 32.31 36.79 -6.15
N ILE A 497 31.34 35.90 -5.96
CA ILE A 497 30.21 35.79 -6.87
C ILE A 497 28.86 35.78 -6.16
N GLY A 498 28.80 35.58 -4.85
CA GLY A 498 27.53 35.56 -4.17
C GLY A 498 27.68 35.31 -2.68
N GLN A 499 26.58 35.49 -1.98
CA GLN A 499 26.55 35.34 -0.53
C GLN A 499 25.33 34.51 -0.12
N TRP A 500 25.41 33.94 1.08
CA TRP A 500 24.37 33.05 1.59
C TRP A 500 24.21 33.34 3.08
N THR A 501 23.19 34.13 3.43
CA THR A 501 22.88 34.43 4.82
C THR A 501 21.55 33.82 5.24
N ASP A 502 20.47 34.15 4.57
CA ASP A 502 19.20 33.47 4.79
C ASP A 502 18.58 32.96 3.51
N GLU A 503 18.72 33.68 2.40
CA GLU A 503 18.23 33.24 1.11
C GLU A 503 19.36 33.34 0.09
N LEU A 504 19.42 32.36 -0.81
CA LEU A 504 20.54 32.26 -1.74
C LEU A 504 20.51 33.42 -2.73
N GLN A 505 21.64 34.14 -2.83
CA GLN A 505 21.76 35.30 -3.72
C GLN A 505 23.05 35.12 -4.52
N LEU A 506 22.91 34.73 -5.79
CA LEU A 506 24.03 34.39 -6.64
C LEU A 506 23.90 35.10 -7.98
N ASN A 507 25.02 35.60 -8.51
CA ASN A 507 25.03 36.28 -9.79
C ASN A 507 25.41 35.29 -10.88
N ILE A 508 24.41 34.86 -11.66
CA ILE A 508 24.66 33.82 -12.66
C ILE A 508 25.60 34.35 -13.75
N GLU A 509 25.31 35.53 -14.29
CA GLU A 509 26.08 36.07 -15.40
C GLU A 509 27.50 36.44 -15.00
N ASP A 510 27.82 36.46 -13.72
CA ASP A 510 29.15 36.87 -13.29
C ASP A 510 30.19 35.76 -13.50
N MET A 511 29.77 34.50 -13.48
CA MET A 511 30.69 33.36 -13.59
C MET A 511 30.60 32.75 -14.98
N GLN A 512 31.75 32.69 -15.66
CA GLN A 512 31.82 31.99 -16.95
C GLN A 512 33.02 31.06 -17.08
N TRP A 513 34.11 31.28 -16.34
CA TRP A 513 35.35 30.51 -16.47
C TRP A 513 35.76 30.30 -17.92
N GLY A 514 35.44 31.27 -18.78
CA GLY A 514 36.06 31.33 -20.09
C GLY A 514 35.52 30.35 -21.09
N LYS A 515 35.42 30.78 -22.35
CA LYS A 515 35.02 29.90 -23.45
C LYS A 515 33.79 29.08 -23.09
N GLY A 516 32.82 29.72 -22.43
CA GLY A 516 31.64 29.01 -22.02
C GLY A 516 30.59 29.87 -21.33
N VAL A 517 29.33 29.49 -21.53
CA VAL A 517 28.23 30.14 -20.83
C VAL A 517 28.10 29.55 -19.43
N ARG A 518 27.45 30.30 -18.54
CA ARG A 518 27.40 29.93 -17.13
C ARG A 518 26.67 28.60 -16.90
N GLU A 519 25.77 28.20 -17.79
CA GLU A 519 25.02 26.97 -17.63
C GLU A 519 25.53 25.92 -18.59
N ILE A 520 26.81 26.01 -18.93
CA ILE A 520 27.42 25.16 -19.96
C ILE A 520 27.21 23.70 -19.61
N PRO A 521 27.50 23.27 -18.38
CA PRO A 521 27.32 21.86 -18.05
C PRO A 521 25.87 21.53 -17.77
N ALA A 522 25.50 20.30 -18.14
CA ALA A 522 24.16 19.78 -17.96
C ALA A 522 24.26 18.42 -17.31
N SER A 523 23.45 18.20 -16.30
CA SER A 523 23.41 16.90 -15.60
C SER A 523 21.97 16.68 -15.18
N VAL A 524 21.20 16.07 -16.08
CA VAL A 524 19.77 15.88 -15.86
C VAL A 524 19.36 14.42 -15.87
N CYS A 525 20.27 13.50 -16.18
CA CYS A 525 20.01 12.06 -16.10
C CYS A 525 19.07 11.60 -17.22
N THR A 526 18.61 12.54 -18.05
CA THR A 526 17.74 12.20 -19.17
C THR A 526 17.49 13.46 -19.99
N LEU A 527 17.61 13.34 -21.30
CA LEU A 527 17.28 14.47 -22.17
C LEU A 527 15.77 14.69 -22.12
N PRO A 528 15.30 15.93 -21.96
CA PRO A 528 13.84 16.13 -21.90
C PRO A 528 13.14 15.78 -23.21
N CYS A 529 12.30 14.75 -23.18
CA CYS A 529 11.60 14.28 -24.37
C CYS A 529 10.30 15.06 -24.52
N LYS A 530 10.24 15.93 -25.54
CA LYS A 530 9.01 16.62 -25.87
C LYS A 530 8.80 16.65 -27.39
N PRO A 531 8.91 15.52 -28.08
CA PRO A 531 8.65 15.51 -29.52
C PRO A 531 7.20 15.31 -29.90
N GLY A 532 6.28 15.34 -28.93
CA GLY A 532 4.90 14.99 -29.15
C GLY A 532 4.48 13.70 -28.48
N GLN A 533 5.41 13.02 -27.79
CA GLN A 533 5.10 11.81 -27.04
C GLN A 533 5.79 11.90 -25.69
N ARG A 534 5.07 11.52 -24.63
CA ARG A 534 5.62 11.56 -23.30
C ARG A 534 4.94 10.52 -22.43
N LYS A 535 5.66 10.05 -21.43
CA LYS A 535 5.09 9.12 -20.46
C LYS A 535 6.05 8.99 -19.30
N LYS A 536 5.50 8.94 -18.09
CA LYS A 536 6.28 8.85 -16.87
C LYS A 536 6.35 7.39 -16.41
N THR A 537 7.55 6.92 -16.14
CA THR A 537 7.78 5.56 -15.68
C THR A 537 8.23 5.58 -14.23
N GLN A 538 7.57 4.78 -13.40
CA GLN A 538 7.89 4.70 -11.97
C GLN A 538 9.14 3.90 -11.70
N LYS A 539 9.61 3.11 -12.67
CA LYS A 539 10.81 2.30 -12.46
C LYS A 539 11.99 3.20 -12.15
N GLY A 540 12.81 2.78 -11.18
CA GLY A 540 13.95 3.55 -10.77
C GLY A 540 13.59 4.57 -9.70
N THR A 541 14.60 5.34 -9.32
CA THR A 541 14.40 6.38 -8.33
C THR A 541 13.60 7.54 -8.92
N PRO A 542 12.71 8.17 -8.14
CA PRO A 542 11.86 9.23 -8.70
C PRO A 542 12.64 10.42 -9.22
N CYS A 543 13.95 10.41 -8.99
CA CYS A 543 14.78 11.57 -9.32
C CYS A 543 14.67 11.94 -10.80
N CYS A 544 14.94 11.00 -11.68
CA CYS A 544 14.87 11.24 -13.11
C CYS A 544 13.97 10.22 -13.79
N TRP A 545 13.40 10.64 -14.92
CA TRP A 545 12.32 9.91 -15.58
C TRP A 545 12.74 9.45 -16.96
N THR A 546 12.21 8.29 -17.36
CA THR A 546 12.44 7.70 -18.68
C THR A 546 11.11 7.59 -19.42
N CYS A 547 11.12 8.05 -20.67
CA CYS A 547 9.93 8.09 -21.51
C CYS A 547 10.01 7.02 -22.59
N GLU A 548 8.90 6.32 -22.80
CA GLU A 548 8.81 5.27 -23.80
C GLU A 548 7.76 5.60 -24.85
N PRO A 549 8.00 5.29 -26.12
CA PRO A 549 7.02 5.63 -27.16
C PRO A 549 5.78 4.76 -27.09
N CYS A 550 4.66 5.35 -26.70
CA CYS A 550 3.39 4.62 -26.66
C CYS A 550 2.72 4.67 -28.04
N ASP A 551 1.68 3.86 -28.21
CA ASP A 551 1.09 3.67 -29.53
C ASP A 551 0.70 5.00 -30.14
N GLY A 552 0.65 5.02 -31.46
CA GLY A 552 0.21 6.18 -32.20
C GLY A 552 -1.29 6.34 -32.32
N TYR A 553 -2.07 5.45 -31.71
CA TYR A 553 -3.52 5.50 -31.83
C TYR A 553 -4.19 6.27 -30.70
N GLN A 554 -3.43 6.90 -29.82
CA GLN A 554 -4.01 7.77 -28.80
C GLN A 554 -2.99 8.82 -28.41
N TYR A 555 -3.48 9.88 -27.78
CA TYR A 555 -2.64 11.00 -27.36
C TYR A 555 -2.36 10.92 -25.87
N GLN A 556 -1.35 11.67 -25.44
CA GLN A 556 -0.96 11.68 -24.05
C GLN A 556 -1.91 12.53 -23.21
N PHE A 557 -2.14 12.09 -21.98
CA PHE A 557 -3.04 12.76 -21.05
C PHE A 557 -2.23 13.33 -19.90
N ASP A 558 -2.41 14.62 -19.63
CA ASP A 558 -1.75 15.31 -18.52
C ASP A 558 -0.23 15.17 -18.58
N GLU A 559 0.33 14.90 -19.75
CA GLU A 559 1.77 14.79 -19.91
C GLU A 559 2.35 13.77 -18.94
N MET A 560 1.53 12.78 -18.56
CA MET A 560 1.94 11.78 -17.59
C MET A 560 1.55 10.37 -17.96
N THR A 561 0.60 10.17 -18.87
CA THR A 561 0.20 8.83 -19.25
C THR A 561 -0.41 8.83 -20.65
N CYS A 562 -0.45 7.66 -21.27
CA CYS A 562 -0.99 7.47 -22.62
C CYS A 562 -2.34 6.76 -22.49
N GLN A 563 -3.40 7.55 -22.39
CA GLN A 563 -4.76 7.02 -22.30
C GLN A 563 -5.37 6.84 -23.69
N HIS A 564 -6.38 5.97 -23.76
CA HIS A 564 -7.01 5.64 -25.03
C HIS A 564 -8.11 6.65 -25.35
N CYS A 565 -8.03 7.24 -26.54
CA CYS A 565 -8.99 8.28 -26.90
C CYS A 565 -10.27 7.65 -27.46
N PRO A 566 -11.38 8.37 -27.37
CA PRO A 566 -12.66 7.80 -27.81
C PRO A 566 -12.62 7.41 -29.28
N TYR A 567 -13.36 6.35 -29.61
CA TYR A 567 -13.30 5.73 -30.92
C TYR A 567 -14.05 6.58 -31.95
N ASP A 568 -14.14 6.04 -33.17
CA ASP A 568 -14.81 6.67 -34.29
C ASP A 568 -14.09 7.93 -34.76
N GLN A 569 -12.80 8.05 -34.50
CA GLN A 569 -12.06 9.25 -34.88
C GLN A 569 -10.58 9.04 -34.63
N ARG A 570 -9.75 9.38 -35.61
CA ARG A 570 -8.32 9.13 -35.53
C ARG A 570 -7.58 10.26 -34.85
N PRO A 571 -6.40 9.98 -34.30
CA PRO A 571 -5.61 11.03 -33.64
C PRO A 571 -4.82 11.86 -34.64
N ASN A 572 -4.37 13.02 -34.16
CA ASN A 572 -3.54 13.91 -34.96
C ASN A 572 -2.08 13.47 -34.83
N GLU A 573 -1.16 14.32 -35.29
CA GLU A 573 0.26 13.97 -35.29
C GLU A 573 0.98 14.37 -34.01
N ASN A 574 0.62 15.52 -33.44
CA ASN A 574 1.31 16.03 -32.26
C ASN A 574 0.69 15.51 -30.96
N ARG A 575 -0.25 14.58 -31.03
CA ARG A 575 -0.84 13.97 -29.85
C ARG A 575 -1.49 15.01 -28.94
N THR A 576 -2.33 15.85 -29.53
CA THR A 576 -3.10 16.84 -28.79
C THR A 576 -4.60 16.63 -28.88
N GLY A 577 -5.09 16.01 -29.95
CA GLY A 577 -6.52 15.80 -30.12
C GLY A 577 -6.78 14.54 -30.91
N CYS A 578 -7.97 13.97 -30.72
CA CYS A 578 -8.36 12.70 -31.33
C CYS A 578 -9.64 12.92 -32.13
N GLN A 579 -9.48 13.23 -33.42
CA GLN A 579 -10.61 13.57 -34.28
C GLN A 579 -10.29 13.13 -35.70
N ASP A 580 -11.30 12.58 -36.39
CA ASP A 580 -11.18 12.16 -37.79
C ASP A 580 -11.97 13.15 -38.65
N ILE A 581 -11.26 14.12 -39.22
CA ILE A 581 -11.89 15.12 -40.07
C ILE A 581 -12.28 14.49 -41.41
N PRO A 582 -11.38 13.74 -42.07
CA PRO A 582 -11.72 13.20 -43.39
C PRO A 582 -12.83 12.16 -43.31
N ILE A 583 -13.61 12.09 -44.40
CA ILE A 583 -14.72 11.16 -44.52
C ILE A 583 -14.70 10.55 -45.91
N ILE A 584 -15.48 9.49 -46.08
CA ILE A 584 -15.58 8.77 -47.35
C ILE A 584 -16.99 8.96 -47.90
N LYS A 585 -17.08 9.47 -49.13
CA LYS A 585 -18.34 9.68 -49.81
C LYS A 585 -18.25 9.14 -51.24
N LEU A 586 -19.35 8.59 -51.72
CA LEU A 586 -19.38 8.01 -53.05
C LEU A 586 -19.44 9.09 -54.12
N GLU A 587 -18.67 8.89 -55.19
CA GLU A 587 -18.62 9.80 -56.32
C GLU A 587 -18.82 9.03 -57.62
N TRP A 588 -19.53 9.63 -58.56
CA TRP A 588 -19.75 8.98 -59.85
C TRP A 588 -18.48 8.94 -60.68
N HIS A 589 -17.74 10.05 -60.72
CA HIS A 589 -16.57 10.13 -61.59
C HIS A 589 -15.42 9.27 -61.06
N SER A 590 -15.13 9.36 -59.75
CA SER A 590 -13.93 8.70 -59.24
C SER A 590 -14.11 7.19 -59.13
N PRO A 591 -15.00 6.66 -58.31
CA PRO A 591 -15.27 5.22 -58.33
C PRO A 591 -15.83 4.78 -59.68
N TRP A 592 -16.12 3.48 -59.77
CA TRP A 592 -16.65 2.87 -60.98
C TRP A 592 -18.08 3.25 -61.28
N ALA A 593 -18.69 4.12 -60.47
CA ALA A 593 -20.12 4.41 -60.62
C ALA A 593 -20.43 5.19 -61.88
N VAL A 594 -19.42 5.61 -62.65
CA VAL A 594 -19.69 6.34 -63.88
C VAL A 594 -20.44 5.46 -64.88
N ILE A 595 -20.01 4.21 -65.04
CA ILE A 595 -20.56 3.32 -66.06
C ILE A 595 -22.04 3.07 -65.77
N PRO A 596 -22.42 2.70 -64.54
CA PRO A 596 -23.87 2.60 -64.27
C PRO A 596 -24.61 3.90 -64.51
N VAL A 597 -23.98 5.04 -64.22
CA VAL A 597 -24.61 6.32 -64.49
C VAL A 597 -24.79 6.52 -65.98
N PHE A 598 -23.78 6.14 -66.77
CA PHE A 598 -23.91 6.25 -68.22
C PHE A 598 -24.98 5.30 -68.74
N LEU A 599 -25.07 4.10 -68.16
CA LEU A 599 -26.12 3.16 -68.56
C LEU A 599 -27.51 3.71 -68.24
N ALA A 600 -27.65 4.37 -67.09
CA ALA A 600 -28.93 4.99 -66.76
C ALA A 600 -29.26 6.10 -67.74
N MET A 601 -28.27 6.90 -68.12
CA MET A 601 -28.50 7.94 -69.12
C MET A 601 -28.87 7.34 -70.46
N LEU A 602 -28.24 6.23 -70.84
CA LEU A 602 -28.58 5.58 -72.10
C LEU A 602 -30.01 5.08 -72.09
N GLY A 603 -30.47 4.55 -70.94
CA GLY A 603 -31.84 4.10 -70.84
C GLY A 603 -32.85 5.21 -70.99
N ILE A 604 -32.49 6.43 -70.58
CA ILE A 604 -33.38 7.57 -70.73
C ILE A 604 -33.63 7.86 -72.20
N ILE A 605 -32.62 7.67 -73.05
CA ILE A 605 -32.80 7.88 -74.48
C ILE A 605 -33.76 6.86 -75.07
N ALA A 606 -33.73 5.61 -74.58
CA ALA A 606 -34.60 4.57 -75.12
C ALA A 606 -36.06 4.88 -74.85
N THR A 607 -36.39 5.30 -73.63
CA THR A 607 -37.78 5.60 -73.28
C THR A 607 -38.26 6.89 -73.94
N ILE A 608 -37.36 7.74 -74.44
CA ILE A 608 -37.78 8.92 -75.18
C ILE A 608 -38.22 8.60 -76.59
N PHE A 609 -38.09 7.34 -77.02
CA PHE A 609 -38.52 6.91 -78.34
C PHE A 609 -39.69 5.94 -78.30
N VAL A 610 -39.83 5.14 -77.25
CA VAL A 610 -40.96 4.25 -77.13
C VAL A 610 -42.25 5.05 -76.94
N MET A 611 -42.21 6.08 -76.11
CA MET A 611 -43.39 6.90 -75.86
C MET A 611 -43.62 7.96 -76.93
N ALA A 612 -42.68 8.13 -77.87
CA ALA A 612 -42.85 9.14 -78.90
C ALA A 612 -44.01 8.79 -79.83
N THR A 613 -44.04 7.55 -80.31
CA THR A 613 -45.11 7.09 -81.20
C THR A 613 -46.29 6.52 -80.40
N PHE A 614 -46.76 7.29 -79.43
CA PHE A 614 -47.88 6.87 -78.60
C PHE A 614 -48.93 7.96 -78.49
N ILE A 615 -48.49 9.22 -78.63
CA ILE A 615 -49.42 10.34 -78.51
C ILE A 615 -50.35 10.40 -79.73
N ARG A 616 -49.80 10.24 -80.93
CA ARG A 616 -50.61 10.30 -82.15
C ARG A 616 -51.29 8.98 -82.47
N TYR A 617 -50.60 7.85 -82.24
CA TYR A 617 -51.16 6.53 -82.53
C TYR A 617 -52.02 6.07 -81.35
N ASN A 618 -53.20 6.68 -81.25
CA ASN A 618 -54.13 6.36 -80.17
C ASN A 618 -55.56 6.08 -80.63
N ASP A 619 -55.90 6.32 -81.90
CA ASP A 619 -57.25 6.10 -82.40
C ASP A 619 -57.31 5.39 -83.74
N THR A 620 -56.18 5.23 -84.43
CA THR A 620 -56.20 4.59 -85.74
C THR A 620 -56.51 3.10 -85.60
N PRO A 621 -57.18 2.49 -86.59
CA PRO A 621 -57.48 1.06 -86.50
C PRO A 621 -56.29 0.18 -86.85
N ILE A 622 -55.14 0.48 -86.25
CA ILE A 622 -53.92 -0.32 -86.39
C ILE A 622 -53.43 -0.80 -85.03
N VAL A 623 -53.36 0.11 -84.05
CA VAL A 623 -52.94 -0.25 -82.70
C VAL A 623 -54.07 -0.91 -81.92
N ARG A 624 -55.31 -0.84 -82.41
CA ARG A 624 -56.44 -1.37 -81.66
C ARG A 624 -56.32 -2.86 -81.41
N ALA A 625 -55.46 -3.57 -82.16
CA ALA A 625 -55.27 -4.99 -81.92
C ALA A 625 -54.77 -5.24 -80.50
N SER A 626 -53.85 -4.41 -80.03
CA SER A 626 -53.37 -4.52 -78.66
C SER A 626 -54.36 -3.85 -77.69
N GLY A 627 -54.43 -4.39 -76.48
CA GLY A 627 -55.36 -3.86 -75.49
C GLY A 627 -54.95 -2.47 -75.06
N ARG A 628 -55.92 -1.55 -75.04
CA ARG A 628 -55.64 -0.18 -74.63
C ARG A 628 -55.31 -0.11 -73.15
N GLU A 629 -56.03 -0.88 -72.31
CA GLU A 629 -55.74 -0.87 -70.89
C GLU A 629 -54.35 -1.43 -70.59
N LEU A 630 -53.96 -2.48 -71.32
CA LEU A 630 -52.64 -3.05 -71.12
C LEU A 630 -51.55 -2.09 -71.57
N SER A 631 -51.82 -1.32 -72.64
CA SER A 631 -50.83 -0.37 -73.12
C SER A 631 -50.53 0.71 -72.09
N TYR A 632 -51.53 1.11 -71.31
CA TYR A 632 -51.32 2.11 -70.27
C TYR A 632 -50.49 1.57 -69.12
N VAL A 633 -50.61 0.28 -68.82
CA VAL A 633 -49.84 -0.30 -67.72
C VAL A 633 -48.36 -0.34 -68.07
N LEU A 634 -48.04 -0.79 -69.28
CA LEU A 634 -46.64 -0.90 -69.67
C LEU A 634 -45.99 0.47 -69.86
N LEU A 635 -46.78 1.48 -70.26
CA LEU A 635 -46.23 2.82 -70.40
C LEU A 635 -45.78 3.38 -69.06
N THR A 636 -46.59 3.18 -68.01
CA THR A 636 -46.24 3.70 -66.68
C THR A 636 -45.16 2.85 -66.01
N GLY A 637 -45.18 1.54 -66.23
CA GLY A 637 -44.17 0.69 -65.60
C GLY A 637 -42.77 0.96 -66.12
N ILE A 638 -42.65 1.26 -67.41
CA ILE A 638 -41.33 1.55 -67.97
C ILE A 638 -40.77 2.84 -67.39
N PHE A 639 -41.62 3.85 -67.17
CA PHE A 639 -41.14 5.11 -66.62
C PHE A 639 -40.82 5.01 -65.13
N LEU A 640 -41.47 4.08 -64.42
CA LEU A 640 -41.24 3.96 -62.98
C LEU A 640 -39.83 3.46 -62.68
N CYS A 641 -39.39 2.41 -63.39
CA CYS A 641 -38.07 1.85 -63.14
C CYS A 641 -36.96 2.80 -63.57
N TYR A 642 -37.22 3.64 -64.56
CA TYR A 642 -36.21 4.61 -65.00
C TYR A 642 -35.89 5.61 -63.89
N ILE A 643 -36.88 5.98 -63.09
CA ILE A 643 -36.63 6.92 -62.00
C ILE A 643 -36.01 6.23 -60.79
N ILE A 644 -36.22 4.92 -60.65
CA ILE A 644 -35.69 4.20 -59.49
C ILE A 644 -34.17 4.09 -59.58
N THR A 645 -33.64 3.72 -60.75
CA THR A 645 -32.20 3.62 -60.91
C THR A 645 -31.52 4.97 -60.70
N PHE A 646 -32.19 6.06 -61.06
CA PHE A 646 -31.62 7.38 -60.87
C PHE A 646 -31.58 7.76 -59.40
N LEU A 647 -32.58 7.34 -58.63
CA LEU A 647 -32.62 7.70 -57.22
C LEU A 647 -31.56 6.94 -56.42
N MET A 648 -31.46 5.63 -56.63
CA MET A 648 -30.48 4.84 -55.87
C MET A 648 -29.06 5.25 -56.21
N ILE A 649 -28.82 5.73 -57.43
CA ILE A 649 -27.49 6.22 -57.78
C ILE A 649 -27.13 7.39 -56.88
N ALA A 650 -28.07 8.29 -56.64
CA ALA A 650 -27.83 9.45 -55.79
C ALA A 650 -27.78 9.03 -54.32
N LYS A 651 -26.90 9.67 -53.55
CA LYS A 651 -26.73 9.36 -52.13
C LYS A 651 -26.96 10.61 -51.30
N PRO A 652 -28.19 10.88 -50.88
CA PRO A 652 -28.43 12.04 -50.00
C PRO A 652 -28.03 11.75 -48.55
N ASP A 653 -27.50 12.76 -47.88
CA ASP A 653 -27.12 12.62 -46.48
C ASP A 653 -28.36 12.56 -45.59
N VAL A 654 -29.41 13.30 -45.93
CA VAL A 654 -30.59 13.36 -45.08
C VAL A 654 -31.38 12.05 -45.15
N ALA A 655 -32.30 11.89 -44.21
CA ALA A 655 -33.16 10.71 -44.13
C ALA A 655 -34.35 10.87 -45.09
N VAL A 656 -34.02 10.97 -46.37
CA VAL A 656 -35.00 11.09 -47.45
C VAL A 656 -35.01 9.86 -48.35
N CYS A 657 -34.32 8.80 -47.95
CA CYS A 657 -34.31 7.57 -48.75
C CYS A 657 -35.65 6.83 -48.69
N SER A 658 -36.59 7.28 -47.85
CA SER A 658 -37.89 6.61 -47.77
C SER A 658 -38.63 6.71 -49.09
N PHE A 659 -38.58 7.86 -49.75
CA PHE A 659 -39.20 8.00 -51.06
C PHE A 659 -38.45 7.21 -52.13
N ARG A 660 -37.20 6.84 -51.87
CA ARG A 660 -36.40 6.11 -52.84
C ARG A 660 -36.56 4.60 -52.71
N ARG A 661 -36.71 4.08 -51.50
CA ARG A 661 -36.85 2.63 -51.33
C ARG A 661 -38.12 2.12 -51.96
N VAL A 662 -39.15 2.96 -52.08
CA VAL A 662 -40.38 2.55 -52.73
C VAL A 662 -40.26 2.54 -54.24
N PHE A 663 -39.30 3.28 -54.80
CA PHE A 663 -39.15 3.30 -56.26
C PHE A 663 -38.73 1.93 -56.78
N LEU A 664 -37.88 1.22 -56.04
CA LEU A 664 -37.43 -0.11 -56.43
C LEU A 664 -38.26 -1.23 -55.81
N GLY A 665 -38.82 -1.00 -54.62
CA GLY A 665 -39.64 -2.02 -54.00
C GLY A 665 -41.00 -2.13 -54.64
N LEU A 666 -41.73 -1.01 -54.71
CA LEU A 666 -43.06 -0.99 -55.28
C LEU A 666 -43.06 -0.77 -56.80
N GLY A 667 -42.02 -0.13 -57.33
CA GLY A 667 -41.97 0.13 -58.77
C GLY A 667 -41.66 -1.10 -59.60
N MET A 668 -41.09 -2.14 -58.98
CA MET A 668 -40.80 -3.36 -59.72
C MET A 668 -42.06 -4.19 -59.98
N CYS A 669 -42.98 -4.22 -59.00
CA CYS A 669 -44.18 -5.03 -59.17
C CYS A 669 -45.04 -4.54 -60.33
N ILE A 670 -45.21 -3.22 -60.45
CA ILE A 670 -46.06 -2.67 -61.50
C ILE A 670 -45.45 -2.89 -62.88
N SER A 671 -44.13 -3.14 -62.94
CA SER A 671 -43.50 -3.42 -64.23
C SER A 671 -43.87 -4.81 -64.73
N TYR A 672 -43.87 -5.81 -63.84
CA TYR A 672 -44.22 -7.17 -64.21
C TYR A 672 -45.72 -7.43 -64.16
N ALA A 673 -46.52 -6.52 -63.62
CA ALA A 673 -47.96 -6.75 -63.53
C ALA A 673 -48.59 -6.87 -64.92
N ALA A 674 -48.16 -6.03 -65.85
CA ALA A 674 -48.70 -6.11 -67.21
C ALA A 674 -48.32 -7.42 -67.88
N LEU A 675 -47.10 -7.91 -67.63
CA LEU A 675 -46.68 -9.18 -68.21
C LEU A 675 -47.43 -10.36 -67.60
N LEU A 676 -47.81 -10.26 -66.32
CA LEU A 676 -48.47 -11.38 -65.66
C LEU A 676 -49.87 -11.59 -66.21
N THR A 677 -50.66 -10.51 -66.32
CA THR A 677 -52.02 -10.63 -66.84
C THR A 677 -52.03 -10.83 -68.34
N LYS A 678 -50.98 -10.41 -69.04
CA LYS A 678 -50.92 -10.62 -70.48
C LYS A 678 -50.84 -12.10 -70.83
N THR A 679 -50.01 -12.85 -70.10
CA THR A 679 -49.90 -14.28 -70.34
C THR A 679 -51.21 -15.00 -70.03
N TYR A 680 -51.86 -14.63 -68.92
CA TYR A 680 -53.14 -15.25 -68.58
C TYR A 680 -54.21 -14.92 -69.61
N ARG A 681 -54.22 -13.68 -70.12
CA ARG A 681 -55.24 -13.28 -71.08
C ARG A 681 -55.11 -14.08 -72.38
N ILE A 682 -53.88 -14.26 -72.87
CA ILE A 682 -53.69 -15.03 -74.11
C ILE A 682 -53.72 -16.53 -73.87
N TYR A 683 -53.72 -16.97 -72.61
CA TYR A 683 -53.80 -18.39 -72.31
C TYR A 683 -55.24 -18.86 -72.10
N ARG A 684 -56.13 -17.96 -71.68
CA ARG A 684 -57.52 -18.34 -71.47
C ARG A 684 -58.23 -18.61 -72.79
N ILE A 685 -57.89 -17.86 -73.85
CA ILE A 685 -58.49 -18.11 -75.15
C ILE A 685 -58.05 -19.44 -75.73
N PHE A 686 -56.92 -19.98 -75.26
CA PHE A 686 -56.45 -21.27 -75.74
C PHE A 686 -57.14 -22.41 -75.02
N GLU A 687 -57.40 -22.26 -73.72
CA GLU A 687 -58.07 -23.31 -72.98
C GLU A 687 -59.54 -23.44 -73.39
N GLN A 688 -60.22 -22.32 -73.59
CA GLN A 688 -61.62 -22.33 -74.00
C GLN A 688 -62.47 -23.08 -72.99
N SER A 700 -64.45 -8.32 -71.38
CA SER A 700 -64.45 -7.52 -70.16
C SER A 700 -63.06 -6.94 -69.90
N PRO A 701 -62.69 -5.91 -70.66
CA PRO A 701 -61.35 -5.34 -70.51
C PRO A 701 -61.07 -4.77 -69.14
N THR A 702 -62.10 -4.27 -68.44
CA THR A 702 -61.90 -3.70 -67.12
C THR A 702 -61.56 -4.76 -66.08
N SER A 703 -61.81 -6.05 -66.38
CA SER A 703 -61.50 -7.10 -65.41
C SER A 703 -60.00 -7.28 -65.23
N GLN A 704 -59.24 -7.25 -66.33
CA GLN A 704 -57.79 -7.39 -66.23
C GLN A 704 -57.17 -6.20 -65.52
N LEU A 705 -57.82 -5.03 -65.60
CA LEU A 705 -57.30 -3.84 -64.93
C LEU A 705 -57.41 -3.98 -63.42
N ALA A 706 -58.49 -4.58 -62.93
CA ALA A 706 -58.70 -4.69 -61.49
C ALA A 706 -57.72 -5.65 -60.84
N ILE A 707 -57.47 -6.80 -61.47
CA ILE A 707 -56.64 -7.83 -60.84
C ILE A 707 -55.20 -7.34 -60.67
N THR A 708 -54.69 -6.60 -61.67
CA THR A 708 -53.37 -6.02 -61.53
C THR A 708 -53.35 -4.92 -60.47
N SER A 709 -54.43 -4.14 -60.39
CA SER A 709 -54.49 -3.07 -59.40
C SER A 709 -54.46 -3.62 -57.98
N SER A 710 -54.97 -4.84 -57.77
CA SER A 710 -55.00 -5.41 -56.43
C SER A 710 -53.59 -5.75 -55.94
N LEU A 711 -52.76 -6.37 -56.79
CA LEU A 711 -51.42 -6.74 -56.35
C LEU A 711 -50.54 -5.52 -56.16
N ILE A 712 -50.86 -4.38 -56.78
CA ILE A 712 -50.16 -3.14 -56.47
C ILE A 712 -50.42 -2.74 -55.02
N SER A 713 -51.65 -2.92 -54.56
CA SER A 713 -51.98 -2.58 -53.17
C SER A 713 -51.21 -3.47 -52.20
N VAL A 714 -50.94 -4.72 -52.58
CA VAL A 714 -50.15 -5.61 -51.73
C VAL A 714 -48.73 -5.07 -51.58
N GLN A 715 -48.12 -4.67 -52.70
CA GLN A 715 -46.77 -4.12 -52.63
C GLN A 715 -46.77 -2.78 -51.90
N LEU A 716 -47.78 -1.94 -52.16
CA LEU A 716 -47.84 -0.64 -51.50
C LEU A 716 -48.07 -0.80 -50.00
N LEU A 717 -48.94 -1.73 -49.61
CA LEU A 717 -49.17 -1.99 -48.19
C LEU A 717 -48.01 -2.73 -47.55
N GLY A 718 -47.20 -3.43 -48.35
CA GLY A 718 -46.06 -4.14 -47.78
C GLY A 718 -45.05 -3.22 -47.14
N VAL A 719 -44.77 -2.08 -47.78
CA VAL A 719 -43.84 -1.11 -47.21
C VAL A 719 -44.47 -0.31 -46.09
N PHE A 720 -45.79 -0.17 -46.08
CA PHE A 720 -46.44 0.58 -45.00
C PHE A 720 -46.32 -0.14 -43.67
N ILE A 721 -46.45 -1.46 -43.68
CA ILE A 721 -46.36 -2.21 -42.42
C ILE A 721 -44.92 -2.29 -41.94
N TRP A 722 -43.94 -2.19 -42.84
CA TRP A 722 -42.55 -2.18 -42.43
C TRP A 722 -42.23 -0.94 -41.60
N PHE A 723 -42.81 0.20 -41.97
CA PHE A 723 -42.56 1.44 -41.24
C PHE A 723 -43.18 1.40 -39.84
N ILE A 724 -44.28 0.68 -39.67
CA ILE A 724 -44.88 0.55 -38.35
C ILE A 724 -44.13 -0.46 -37.48
N VAL A 725 -43.42 -1.41 -38.09
CA VAL A 725 -42.73 -2.43 -37.31
C VAL A 725 -41.60 -1.82 -36.49
N ASP A 726 -40.74 -1.03 -37.13
CA ASP A 726 -39.62 -0.39 -36.46
C ASP A 726 -39.49 1.02 -36.99
N PRO A 727 -38.98 1.94 -36.17
CA PRO A 727 -38.80 3.32 -36.63
C PRO A 727 -37.77 3.39 -37.75
N PRO A 728 -37.96 4.28 -38.73
CA PRO A 728 -36.99 4.40 -39.84
C PRO A 728 -35.80 5.28 -39.47
N ASN A 729 -35.09 4.90 -38.41
CA ASN A 729 -33.94 5.68 -37.96
C ASN A 729 -32.82 5.62 -38.99
N ILE A 730 -32.20 6.77 -39.26
CA ILE A 730 -31.09 6.88 -40.21
C ILE A 730 -29.84 7.26 -39.42
N ILE A 731 -28.81 6.43 -39.51
CA ILE A 731 -27.53 6.65 -38.83
C ILE A 731 -26.44 6.70 -39.89
N ILE A 732 -25.64 7.77 -39.85
CA ILE A 732 -24.54 7.95 -40.80
C ILE A 732 -23.18 7.65 -40.20
N ASP A 733 -23.08 7.55 -38.88
CA ASP A 733 -21.79 7.30 -38.24
C ASP A 733 -21.34 5.86 -38.48
N TYR A 734 -20.04 5.70 -38.73
CA TYR A 734 -19.45 4.38 -38.92
C TYR A 734 -18.02 4.41 -38.43
N ASP A 735 -17.52 3.25 -38.00
CA ASP A 735 -16.16 3.10 -37.49
C ASP A 735 -15.45 2.01 -38.28
N GLU A 736 -14.26 2.34 -38.79
CA GLU A 736 -13.49 1.36 -39.55
C GLU A 736 -12.93 0.27 -38.64
N HIS A 737 -12.38 0.65 -37.49
CA HIS A 737 -11.81 -0.30 -36.54
C HIS A 737 -10.74 -1.16 -37.20
N LYS A 738 -9.90 -0.55 -38.01
CA LYS A 738 -8.78 -1.21 -38.67
C LYS A 738 -7.48 -0.64 -38.12
N THR A 739 -6.62 -1.51 -37.63
CA THR A 739 -5.33 -1.10 -37.07
C THR A 739 -4.21 -1.12 -38.11
N MET A 740 -4.47 -1.62 -39.31
CA MET A 740 -3.41 -1.72 -40.31
C MET A 740 -2.89 -0.34 -40.69
N ASN A 741 -3.78 0.64 -40.83
CA ASN A 741 -3.39 2.01 -41.20
C ASN A 741 -4.04 2.97 -40.23
N PRO A 742 -3.36 3.32 -39.13
CA PRO A 742 -3.97 4.25 -38.17
C PRO A 742 -4.27 5.60 -38.78
N GLU A 743 -3.54 6.00 -39.81
CA GLU A 743 -3.83 7.27 -40.46
C GLU A 743 -5.10 7.21 -41.29
N GLN A 744 -5.47 6.03 -41.77
CA GLN A 744 -6.66 5.88 -42.61
C GLN A 744 -7.93 5.84 -41.77
N ALA A 745 -8.98 6.53 -42.25
CA ALA A 745 -10.27 6.62 -41.55
C ALA A 745 -11.37 6.42 -42.58
N ARG A 746 -11.91 5.20 -42.63
CA ARG A 746 -12.96 4.85 -43.58
C ARG A 746 -14.32 5.03 -42.91
N GLY A 747 -15.21 5.77 -43.57
CA GLY A 747 -16.56 5.99 -43.05
C GLY A 747 -17.63 5.81 -44.10
N VAL A 748 -18.70 5.08 -43.74
CA VAL A 748 -19.79 4.76 -44.67
C VAL A 748 -21.11 5.15 -44.02
N LEU A 749 -21.98 5.79 -44.78
CA LEU A 749 -23.30 6.19 -44.32
C LEU A 749 -24.36 5.54 -45.21
N LYS A 750 -25.32 4.86 -44.59
CA LYS A 750 -26.41 4.23 -45.32
C LYS A 750 -27.65 4.20 -44.44
N CYS A 751 -28.81 4.07 -45.09
CA CYS A 751 -30.09 4.00 -44.39
C CYS A 751 -30.64 2.58 -44.50
N ASP A 752 -30.97 1.99 -43.35
CA ASP A 752 -31.62 0.68 -43.30
C ASP A 752 -30.87 -0.34 -44.16
N ILE A 753 -29.54 -0.34 -44.06
CA ILE A 753 -28.70 -1.20 -44.86
C ILE A 753 -28.77 -2.61 -44.26
N THR A 754 -29.61 -3.46 -44.85
CA THR A 754 -29.75 -4.84 -44.42
C THR A 754 -29.74 -5.74 -45.65
N ASP A 755 -28.91 -6.78 -45.62
CA ASP A 755 -28.85 -7.70 -46.76
C ASP A 755 -30.16 -8.44 -46.94
N LEU A 756 -30.82 -8.82 -45.84
CA LEU A 756 -32.08 -9.55 -45.95
C LEU A 756 -33.20 -8.65 -46.45
N GLN A 757 -33.18 -7.37 -46.09
CA GLN A 757 -34.25 -6.46 -46.52
C GLN A 757 -34.26 -6.32 -48.04
N ILE A 758 -33.10 -6.15 -48.65
CA ILE A 758 -33.04 -6.02 -50.11
C ILE A 758 -33.32 -7.37 -50.77
N ILE A 759 -32.93 -8.47 -50.14
CA ILE A 759 -33.13 -9.78 -50.75
C ILE A 759 -34.62 -10.17 -50.74
N CYS A 760 -35.29 -9.98 -49.60
CA CYS A 760 -36.69 -10.41 -49.51
C CYS A 760 -37.59 -9.53 -50.37
N SER A 761 -37.29 -8.23 -50.44
CA SER A 761 -38.08 -7.34 -51.30
C SER A 761 -37.96 -7.75 -52.77
N LEU A 762 -36.75 -8.08 -53.22
CA LEU A 762 -36.57 -8.51 -54.60
C LEU A 762 -37.08 -9.94 -54.82
N GLY A 763 -37.10 -10.76 -53.77
CA GLY A 763 -37.55 -12.14 -53.91
C GLY A 763 -39.03 -12.28 -54.22
N TYR A 764 -39.82 -11.23 -53.95
CA TYR A 764 -41.25 -11.30 -54.25
C TYR A 764 -41.48 -11.44 -55.75
N SER A 765 -40.74 -10.69 -56.56
CA SER A 765 -40.94 -10.75 -58.01
C SER A 765 -40.50 -12.09 -58.58
N ILE A 766 -39.48 -12.72 -57.99
CA ILE A 766 -39.05 -14.03 -58.49
C ILE A 766 -40.12 -15.08 -58.24
N LEU A 767 -40.84 -14.98 -57.12
CA LEU A 767 -41.86 -15.98 -56.82
C LEU A 767 -42.98 -15.96 -57.87
N LEU A 768 -43.44 -14.78 -58.25
CA LEU A 768 -44.51 -14.69 -59.26
C LEU A 768 -44.00 -14.96 -60.67
N MET A 769 -42.71 -14.79 -60.92
CA MET A 769 -42.18 -15.09 -62.24
C MET A 769 -42.13 -16.59 -62.51
N VAL A 770 -41.91 -17.39 -61.48
CA VAL A 770 -41.83 -18.84 -61.66
C VAL A 770 -43.18 -19.41 -62.08
N THR A 771 -44.26 -18.96 -61.44
CA THR A 771 -45.59 -19.45 -61.79
C THR A 771 -46.04 -18.97 -63.16
N CYS A 772 -45.41 -17.93 -63.70
CA CYS A 772 -45.76 -17.42 -65.01
C CYS A 772 -44.99 -18.09 -66.13
N THR A 773 -43.71 -18.40 -65.91
CA THR A 773 -42.91 -19.03 -66.95
C THR A 773 -43.42 -20.43 -67.27
N VAL A 774 -43.86 -21.17 -66.24
CA VAL A 774 -44.33 -22.54 -66.47
C VAL A 774 -45.55 -22.53 -67.38
N TYR A 775 -46.46 -21.58 -67.18
CA TYR A 775 -47.65 -21.48 -68.02
C TYR A 775 -47.33 -20.97 -69.42
N ALA A 776 -46.12 -20.45 -69.66
CA ALA A 776 -45.73 -19.96 -70.97
C ALA A 776 -45.15 -21.04 -71.87
N PHE A 777 -44.89 -22.25 -71.33
CA PHE A 777 -44.37 -23.32 -72.17
C PHE A 777 -45.38 -23.73 -73.24
N LYS A 778 -46.65 -23.88 -72.85
CA LYS A 778 -47.68 -24.27 -73.81
C LYS A 778 -48.02 -23.15 -74.79
N THR A 779 -47.67 -21.90 -74.48
CA THR A 779 -47.96 -20.81 -75.39
C THR A 779 -47.15 -20.90 -76.67
N ARG A 780 -45.94 -21.46 -76.59
CA ARG A 780 -45.09 -21.58 -77.76
C ARG A 780 -45.76 -22.45 -78.82
N GLY A 781 -45.75 -21.99 -80.06
CA GLY A 781 -46.29 -22.73 -81.18
C GLY A 781 -47.71 -22.38 -81.57
N VAL A 782 -48.37 -21.50 -80.84
CA VAL A 782 -49.75 -21.11 -81.16
C VAL A 782 -49.73 -20.22 -82.40
N PRO A 783 -50.47 -20.55 -83.46
CA PRO A 783 -50.42 -19.75 -84.69
C PRO A 783 -51.30 -18.51 -84.62
N GLU A 784 -51.23 -17.76 -83.52
CA GLU A 784 -51.96 -16.52 -83.37
C GLU A 784 -51.09 -15.31 -83.68
N ASN A 785 -49.94 -15.18 -82.99
CA ASN A 785 -49.00 -14.09 -83.21
C ASN A 785 -47.59 -14.69 -83.11
N PHE A 786 -47.05 -15.08 -84.27
CA PHE A 786 -45.74 -15.75 -84.28
C PHE A 786 -44.64 -14.82 -83.76
N ASN A 787 -44.64 -13.56 -84.21
CA ASN A 787 -43.60 -12.64 -83.76
C ASN A 787 -43.73 -12.33 -82.27
N GLU A 788 -44.96 -12.17 -81.78
CA GLU A 788 -45.15 -11.84 -80.37
C GLU A 788 -44.81 -13.02 -79.48
N ALA A 789 -45.18 -14.23 -79.88
CA ALA A 789 -44.89 -15.40 -79.05
C ALA A 789 -43.39 -15.65 -78.95
N LYS A 790 -42.67 -15.52 -80.06
CA LYS A 790 -41.23 -15.77 -80.05
C LYS A 790 -40.47 -14.72 -79.26
N TYR A 791 -41.00 -13.50 -79.18
CA TYR A 791 -40.32 -12.43 -78.45
C TYR A 791 -40.36 -12.67 -76.95
N ILE A 792 -41.53 -13.05 -76.42
CA ILE A 792 -41.65 -13.24 -74.98
C ILE A 792 -40.77 -14.37 -74.49
N GLY A 793 -40.70 -15.47 -75.26
CA GLY A 793 -39.92 -16.61 -74.83
C GLY A 793 -38.44 -16.29 -74.66
N PHE A 794 -37.92 -15.37 -75.47
CA PHE A 794 -36.50 -15.03 -75.38
C PHE A 794 -36.19 -14.26 -74.11
N THR A 795 -37.10 -13.39 -73.67
CA THR A 795 -36.84 -12.55 -72.50
C THR A 795 -36.72 -13.40 -71.24
N MET A 796 -37.58 -14.42 -71.08
CA MET A 796 -37.66 -15.15 -69.83
C MET A 796 -36.29 -15.68 -69.40
N TYR A 797 -35.59 -16.37 -70.29
CA TYR A 797 -34.31 -16.97 -69.91
C TYR A 797 -33.32 -15.90 -69.45
N THR A 798 -33.39 -14.69 -70.01
CA THR A 798 -32.46 -13.65 -69.61
C THR A 798 -32.72 -13.17 -68.19
N THR A 799 -33.99 -13.04 -67.81
CA THR A 799 -34.33 -12.49 -66.50
C THR A 799 -33.90 -13.42 -65.38
N CYS A 800 -34.17 -14.72 -65.50
CA CYS A 800 -33.76 -15.66 -64.46
C CYS A 800 -32.26 -15.71 -64.31
N ILE A 801 -31.50 -15.39 -65.36
CA ILE A 801 -30.04 -15.47 -65.30
C ILE A 801 -29.50 -14.44 -64.31
N VAL A 802 -29.97 -13.19 -64.40
CA VAL A 802 -29.44 -12.14 -63.55
C VAL A 802 -29.89 -12.34 -62.10
N TRP A 803 -31.07 -12.91 -61.89
CA TRP A 803 -31.52 -13.18 -60.52
C TRP A 803 -30.70 -14.31 -59.90
N LEU A 804 -30.38 -15.35 -60.67
CA LEU A 804 -29.63 -16.47 -60.13
C LEU A 804 -28.21 -16.09 -59.77
N ALA A 805 -27.62 -15.14 -60.49
CA ALA A 805 -26.26 -14.70 -60.20
C ALA A 805 -26.20 -13.68 -59.07
N PHE A 806 -27.34 -13.09 -58.70
CA PHE A 806 -27.35 -12.08 -57.65
C PHE A 806 -27.09 -12.67 -56.28
N ILE A 807 -27.60 -13.87 -56.01
CA ILE A 807 -27.53 -14.47 -54.68
C ILE A 807 -26.09 -14.82 -54.32
N PRO A 808 -25.33 -15.49 -55.19
CA PRO A 808 -23.95 -15.83 -54.83
C PRO A 808 -23.09 -14.61 -54.52
N ILE A 809 -23.53 -13.41 -54.89
CA ILE A 809 -22.67 -12.24 -54.82
C ILE A 809 -22.40 -11.85 -53.36
N PHE A 810 -23.46 -11.71 -52.56
CA PHE A 810 -23.28 -11.18 -51.22
C PHE A 810 -22.55 -12.17 -50.31
N PHE A 811 -22.63 -13.47 -50.62
CA PHE A 811 -22.02 -14.50 -49.78
C PHE A 811 -20.53 -14.61 -50.10
N GLY A 812 -19.70 -14.52 -49.06
CA GLY A 812 -18.26 -14.68 -49.23
C GLY A 812 -17.55 -13.45 -49.74
N THR A 813 -18.19 -12.28 -49.70
CA THR A 813 -17.57 -11.04 -50.18
C THR A 813 -17.64 -9.90 -49.18
N ALA A 814 -18.55 -9.91 -48.22
CA ALA A 814 -18.73 -8.79 -47.30
C ALA A 814 -17.67 -8.75 -46.19
N GLN A 815 -16.60 -9.53 -46.30
CA GLN A 815 -15.59 -9.57 -45.25
C GLN A 815 -14.76 -8.29 -45.17
N SER A 816 -14.65 -7.55 -46.27
CA SER A 816 -13.82 -6.35 -46.32
C SER A 816 -14.61 -5.13 -45.86
N ALA A 817 -14.07 -3.94 -46.10
CA ALA A 817 -14.68 -2.69 -45.67
C ALA A 817 -15.09 -1.78 -46.82
N GLU A 818 -14.79 -2.14 -48.06
CA GLU A 818 -15.13 -1.33 -49.23
C GLU A 818 -16.36 -1.83 -49.97
N LYS A 819 -17.14 -2.74 -49.37
CA LYS A 819 -18.31 -3.30 -50.02
C LYS A 819 -19.56 -2.44 -49.86
N LEU A 820 -19.45 -1.30 -49.19
CA LEU A 820 -20.61 -0.44 -48.99
C LEU A 820 -21.04 0.26 -50.26
N TYR A 821 -20.15 0.39 -51.25
CA TYR A 821 -20.47 1.07 -52.49
C TYR A 821 -20.38 0.19 -53.71
N ILE A 822 -20.02 -1.08 -53.57
CA ILE A 822 -19.92 -1.97 -54.72
C ILE A 822 -21.25 -2.67 -54.99
N GLN A 823 -22.03 -2.96 -53.95
CA GLN A 823 -23.33 -3.57 -54.16
C GLN A 823 -24.27 -2.65 -54.91
N THR A 824 -24.19 -1.34 -54.65
CA THR A 824 -25.08 -0.40 -55.33
C THR A 824 -24.83 -0.40 -56.83
N THR A 825 -23.57 -0.43 -57.24
CA THR A 825 -23.23 -0.33 -58.66
C THR A 825 -23.76 -1.54 -59.42
N THR A 826 -23.48 -2.75 -58.92
CA THR A 826 -23.92 -3.95 -59.63
C THR A 826 -25.44 -4.07 -59.64
N LEU A 827 -26.10 -3.58 -58.60
CA LEU A 827 -27.55 -3.56 -58.61
C LEU A 827 -28.09 -2.58 -59.63
N THR A 828 -27.34 -1.51 -59.91
CA THR A 828 -27.81 -0.52 -60.87
C THR A 828 -27.83 -1.08 -62.28
N ILE A 829 -26.76 -1.76 -62.69
CA ILE A 829 -26.71 -2.29 -64.05
C ILE A 829 -27.68 -3.46 -64.20
N SER A 830 -27.96 -4.18 -63.11
CA SER A 830 -28.89 -5.31 -63.20
C SER A 830 -30.29 -4.84 -63.59
N MET A 831 -30.75 -3.73 -63.01
CA MET A 831 -32.08 -3.22 -63.35
C MET A 831 -32.12 -2.73 -64.79
N ASN A 832 -31.08 -2.03 -65.24
CA ASN A 832 -31.08 -1.51 -66.61
C ASN A 832 -31.07 -2.65 -67.62
N LEU A 833 -30.27 -3.69 -67.37
CA LEU A 833 -30.19 -4.80 -68.31
C LEU A 833 -31.52 -5.55 -68.39
N SER A 834 -32.18 -5.74 -67.25
CA SER A 834 -33.44 -6.47 -67.26
C SER A 834 -34.55 -5.68 -67.93
N ALA A 835 -34.48 -4.34 -67.86
CA ALA A 835 -35.52 -3.51 -68.47
C ALA A 835 -35.30 -3.33 -69.96
N SER A 836 -34.05 -3.25 -70.41
CA SER A 836 -33.78 -3.04 -71.83
C SER A 836 -34.26 -4.21 -72.67
N VAL A 837 -34.04 -5.45 -72.20
CA VAL A 837 -34.50 -6.61 -72.94
C VAL A 837 -36.02 -6.64 -72.98
N ALA A 838 -36.69 -6.19 -71.92
CA ALA A 838 -38.14 -6.19 -71.90
C ALA A 838 -38.71 -5.24 -72.94
N LEU A 839 -38.18 -4.01 -73.00
CA LEU A 839 -38.69 -3.03 -73.95
C LEU A 839 -38.22 -3.31 -75.37
N GLY A 840 -37.09 -4.01 -75.53
CA GLY A 840 -36.61 -4.31 -76.87
C GLY A 840 -37.57 -5.18 -77.65
N MET A 841 -38.07 -6.25 -77.02
CA MET A 841 -39.04 -7.11 -77.68
C MET A 841 -40.41 -6.44 -77.76
N LEU A 842 -40.74 -5.58 -76.79
CA LEU A 842 -42.04 -4.93 -76.78
C LEU A 842 -42.14 -3.90 -77.91
N TYR A 843 -41.04 -3.19 -78.18
CA TYR A 843 -41.02 -2.18 -79.24
C TYR A 843 -40.68 -2.76 -80.61
N MET A 844 -40.39 -4.06 -80.69
CA MET A 844 -40.05 -4.65 -81.99
C MET A 844 -41.19 -4.52 -82.99
N PRO A 845 -42.43 -4.87 -82.67
CA PRO A 845 -43.51 -4.71 -83.66
C PRO A 845 -43.84 -3.25 -83.96
N LYS A 846 -43.42 -2.32 -83.10
CA LYS A 846 -43.79 -0.92 -83.29
C LYS A 846 -43.13 -0.34 -84.55
N VAL A 847 -41.89 -0.74 -84.83
CA VAL A 847 -41.18 -0.20 -86.00
C VAL A 847 -41.66 -0.80 -87.31
N TYR A 848 -42.44 -1.88 -87.27
CA TYR A 848 -42.91 -2.48 -88.52
C TYR A 848 -43.80 -1.52 -89.29
N ILE A 849 -44.70 -0.83 -88.60
CA ILE A 849 -45.63 0.08 -89.27
C ILE A 849 -44.96 1.38 -89.72
N ILE A 850 -43.69 1.58 -89.39
CA ILE A 850 -42.99 2.79 -89.76
C ILE A 850 -42.30 2.59 -91.11
N ILE A 851 -41.40 1.61 -91.19
CA ILE A 851 -40.67 1.38 -92.42
C ILE A 851 -41.55 0.70 -93.47
N PHE A 852 -42.50 -0.12 -93.05
CA PHE A 852 -43.39 -0.80 -93.98
C PHE A 852 -44.79 -0.19 -93.97
N HIS B 43 28.36 12.26 59.01
CA HIS B 43 28.66 12.44 57.56
C HIS B 43 28.52 11.12 56.81
N SER B 44 29.57 10.32 56.81
CA SER B 44 29.56 9.02 56.17
C SER B 44 30.46 8.06 56.93
N ILE B 45 30.03 6.81 57.00
CA ILE B 45 30.80 5.77 57.68
C ILE B 45 31.97 5.38 56.78
N ARG B 46 33.16 5.33 57.35
CA ARG B 46 34.38 5.02 56.62
C ARG B 46 34.99 3.75 57.19
N ILE B 47 35.34 2.81 56.31
CA ILE B 47 35.94 1.55 56.70
C ILE B 47 37.29 1.42 56.01
N GLU B 48 38.33 1.16 56.79
CA GLU B 48 39.68 1.07 56.24
C GLU B 48 39.83 -0.17 55.38
N GLY B 49 40.57 -0.03 54.30
CA GLY B 49 40.85 -1.14 53.40
C GLY B 49 41.62 -0.73 52.18
N ASP B 50 42.39 -1.66 51.62
CA ASP B 50 43.16 -1.36 50.40
C ASP B 50 42.24 -1.16 49.21
N VAL B 51 41.09 -1.83 49.18
CA VAL B 51 40.11 -1.67 48.12
C VAL B 51 38.74 -1.42 48.75
N THR B 52 38.04 -0.41 48.26
CA THR B 52 36.79 0.03 48.85
C THR B 52 35.76 0.25 47.75
N LEU B 53 34.48 0.14 48.14
CA LEU B 53 33.37 0.41 47.23
C LEU B 53 32.35 1.29 47.94
N GLY B 54 31.68 2.15 47.17
CA GLY B 54 30.77 3.11 47.74
C GLY B 54 29.39 2.54 48.03
N GLY B 55 28.59 3.34 48.74
CA GLY B 55 27.23 2.94 49.09
C GLY B 55 26.26 4.11 49.14
N LEU B 56 25.11 3.94 48.48
CA LEU B 56 24.04 4.93 48.49
C LEU B 56 22.80 4.32 49.13
N PHE B 57 22.24 5.02 50.12
CA PHE B 57 21.01 4.57 50.77
C PHE B 57 20.15 5.77 51.16
N PRO B 58 18.82 5.63 51.08
CA PRO B 58 17.92 6.69 51.56
C PRO B 58 17.68 6.64 53.07
N VAL B 59 18.67 7.14 53.82
CA VAL B 59 18.58 7.12 55.28
C VAL B 59 17.51 8.11 55.75
N HIS B 60 17.53 9.32 55.21
CA HIS B 60 16.60 10.37 55.62
C HIS B 60 15.52 10.57 54.55
N ALA B 61 14.53 11.39 54.89
CA ALA B 61 13.40 11.68 54.01
C ALA B 61 13.25 13.19 53.86
N LYS B 62 12.86 13.62 52.67
CA LYS B 62 12.69 15.04 52.39
C LYS B 62 11.49 15.60 53.14
N GLY B 63 11.67 16.79 53.70
CA GLY B 63 10.62 17.46 54.44
C GLY B 63 10.25 18.82 53.85
N PRO B 64 10.43 19.89 54.61
CA PRO B 64 10.08 21.22 54.10
C PRO B 64 10.89 21.59 52.87
N SER B 65 10.55 22.75 52.31
CA SER B 65 11.25 23.23 51.12
C SER B 65 12.66 23.70 51.43
N GLY B 66 12.88 24.23 52.63
CA GLY B 66 14.18 24.76 52.99
C GLY B 66 15.23 23.67 53.16
N VAL B 67 15.08 22.87 54.21
CA VAL B 67 16.04 21.80 54.47
C VAL B 67 15.86 20.70 53.43
N PRO B 68 16.94 20.12 52.88
CA PRO B 68 16.78 19.04 51.90
C PRO B 68 16.08 17.83 52.50
N CYS B 69 16.51 17.41 53.69
CA CYS B 69 15.95 16.24 54.35
C CYS B 69 15.75 16.53 55.83
N GLY B 70 14.66 15.99 56.38
CA GLY B 70 14.35 16.15 57.77
C GLY B 70 14.39 14.85 58.56
N ASP B 71 13.22 14.31 58.85
CA ASP B 71 13.12 13.15 59.73
C ASP B 71 13.72 11.91 59.08
N ILE B 72 14.10 10.96 59.93
CA ILE B 72 14.68 9.70 59.50
C ILE B 72 13.58 8.66 59.32
N LYS B 73 13.86 7.64 58.53
CA LYS B 73 12.92 6.54 58.31
C LYS B 73 13.59 5.21 58.69
N ARG B 74 12.81 4.35 59.34
CA ARG B 74 13.31 3.09 59.88
C ARG B 74 12.99 1.88 59.01
N GLU B 75 12.04 2.01 58.06
CA GLU B 75 11.69 0.86 57.23
C GLU B 75 12.77 0.58 56.18
N ASN B 76 13.51 1.60 55.76
CA ASN B 76 14.58 1.41 54.78
C ASN B 76 15.85 2.14 55.15
N GLY B 77 15.89 2.85 56.28
CA GLY B 77 17.03 3.69 56.62
C GLY B 77 18.21 2.96 57.22
N ILE B 78 17.99 2.28 58.35
CA ILE B 78 19.09 1.69 59.11
C ILE B 78 19.21 0.20 58.78
N HIS B 79 18.10 -0.44 58.44
CA HIS B 79 18.14 -1.88 58.20
C HIS B 79 19.09 -2.22 57.06
N ARG B 80 19.01 -1.48 55.96
CA ARG B 80 19.86 -1.79 54.81
C ARG B 80 21.33 -1.55 55.12
N LEU B 81 21.64 -0.50 55.87
CA LEU B 81 23.04 -0.25 56.24
C LEU B 81 23.59 -1.40 57.08
N GLU B 82 22.84 -1.85 58.08
CA GLU B 82 23.30 -2.94 58.92
C GLU B 82 23.45 -4.22 58.12
N ALA B 83 22.56 -4.45 57.15
CA ALA B 83 22.69 -5.61 56.28
C ALA B 83 24.00 -5.56 55.50
N MET B 84 24.33 -4.39 54.95
CA MET B 84 25.57 -4.25 54.21
C MET B 84 26.79 -4.43 55.13
N LEU B 85 26.73 -3.85 56.33
CA LEU B 85 27.81 -4.05 57.28
C LEU B 85 27.98 -5.52 57.64
N TYR B 86 26.87 -6.22 57.89
CA TYR B 86 26.94 -7.65 58.18
C TYR B 86 27.48 -8.41 56.98
N ALA B 87 27.09 -8.02 55.77
CA ALA B 87 27.61 -8.68 54.57
C ALA B 87 29.12 -8.47 54.45
N LEU B 88 29.60 -7.26 54.69
CA LEU B 88 31.02 -7.00 54.62
C LEU B 88 31.78 -7.80 55.67
N ASP B 89 31.24 -7.90 56.89
CA ASP B 89 31.94 -8.61 57.95
C ASP B 89 32.11 -10.08 57.62
N GLN B 90 31.03 -10.72 57.14
CA GLN B 90 31.10 -12.14 56.83
C GLN B 90 31.94 -12.40 55.58
N ILE B 91 32.02 -11.43 54.66
CA ILE B 91 32.96 -11.56 53.55
C ILE B 91 34.39 -11.54 54.05
N ASN B 92 34.71 -10.61 54.96
CA ASN B 92 36.06 -10.57 55.52
C ASN B 92 36.35 -11.81 56.35
N SER B 93 35.33 -12.39 56.99
CA SER B 93 35.55 -13.58 57.80
C SER B 93 35.76 -14.82 56.94
N ASP B 94 35.06 -14.90 55.81
CA ASP B 94 35.13 -16.09 54.97
C ASP B 94 36.46 -16.15 54.23
N PRO B 95 37.27 -17.20 54.41
CA PRO B 95 38.53 -17.30 53.65
C PRO B 95 38.35 -17.79 52.22
N ASN B 96 37.15 -18.21 51.83
CA ASN B 96 36.96 -18.74 50.48
C ASN B 96 37.13 -17.65 49.42
N LEU B 97 36.59 -16.46 49.69
CA LEU B 97 36.65 -15.35 48.75
C LEU B 97 37.64 -14.31 49.26
N LEU B 98 38.58 -13.91 48.40
CA LEU B 98 39.59 -12.92 48.77
C LEU B 98 40.33 -13.36 50.03
N PRO B 99 41.10 -14.44 49.97
CA PRO B 99 41.71 -14.99 51.18
C PRO B 99 42.74 -14.05 51.81
N ASN B 100 43.67 -13.55 51.01
CA ASN B 100 44.78 -12.75 51.51
C ASN B 100 44.54 -11.25 51.39
N VAL B 101 43.39 -10.83 50.87
CA VAL B 101 43.11 -9.42 50.63
C VAL B 101 41.75 -9.08 51.23
N THR B 102 41.67 -7.93 51.90
CA THR B 102 40.46 -7.47 52.54
C THR B 102 39.70 -6.50 51.64
N LEU B 103 38.45 -6.25 52.00
CA LEU B 103 37.55 -5.39 51.23
C LEU B 103 36.90 -4.38 52.17
N GLY B 104 36.96 -3.10 51.81
CA GLY B 104 36.34 -2.04 52.56
C GLY B 104 35.18 -1.40 51.80
N ALA B 105 34.61 -0.38 52.44
CA ALA B 105 33.46 0.31 51.86
C ALA B 105 33.31 1.68 52.52
N ARG B 106 32.44 2.51 51.93
CA ARG B 106 32.11 3.84 52.42
C ARG B 106 30.59 4.00 52.39
N ILE B 107 29.95 3.78 53.55
CA ILE B 107 28.51 3.92 53.63
C ILE B 107 28.14 5.39 53.62
N LEU B 108 27.05 5.72 52.92
CA LEU B 108 26.69 7.11 52.72
C LEU B 108 25.21 7.20 52.38
N ASP B 109 24.61 8.35 52.70
CA ASP B 109 23.18 8.58 52.56
C ASP B 109 22.90 9.52 51.41
N THR B 110 21.66 9.47 50.91
CA THR B 110 21.25 10.27 49.76
C THR B 110 20.15 11.27 50.08
N CYS B 111 19.39 11.07 51.15
CA CYS B 111 18.30 11.97 51.54
C CYS B 111 17.22 12.09 50.46
N SER B 112 17.14 11.13 49.55
CA SER B 112 16.05 11.06 48.58
C SER B 112 15.92 12.36 47.78
N ARG B 113 17.07 12.92 47.40
CA ARG B 113 17.12 14.13 46.58
C ARG B 113 18.08 13.93 45.42
N ASP B 114 17.65 14.32 44.23
CA ASP B 114 18.49 14.13 43.05
C ASP B 114 19.76 14.96 43.16
N THR B 115 19.61 16.24 43.54
CA THR B 115 20.78 17.11 43.62
C THR B 115 21.73 16.63 44.71
N TYR B 116 21.20 16.18 45.85
CA TYR B 116 22.07 15.67 46.89
C TYR B 116 22.80 14.42 46.42
N ALA B 117 22.13 13.56 45.65
CA ALA B 117 22.80 12.40 45.08
C ALA B 117 23.96 12.81 44.19
N LEU B 118 23.77 13.85 43.39
CA LEU B 118 24.87 14.38 42.57
C LEU B 118 26.02 14.85 43.44
N GLU B 119 25.72 15.57 44.52
CA GLU B 119 26.77 16.08 45.39
C GLU B 119 27.54 14.92 46.03
N GLN B 120 26.84 13.87 46.44
CA GLN B 120 27.55 12.73 47.04
C GLN B 120 28.35 11.97 45.99
N SER B 121 27.81 11.84 44.78
CA SER B 121 28.55 11.14 43.73
C SER B 121 29.86 11.86 43.43
N LEU B 122 29.82 13.19 43.39
CA LEU B 122 31.05 13.95 43.21
C LEU B 122 32.03 13.68 44.35
N THR B 123 31.51 13.53 45.58
CA THR B 123 32.38 13.24 46.71
C THR B 123 33.03 11.86 46.56
N PHE B 124 32.30 10.90 45.98
CA PHE B 124 32.90 9.60 45.71
C PHE B 124 34.06 9.71 44.73
N VAL B 125 33.89 10.48 43.66
CA VAL B 125 34.83 10.44 42.55
C VAL B 125 35.98 11.42 42.72
N GLN B 126 35.82 12.45 43.54
CA GLN B 126 36.85 13.48 43.67
C GLN B 126 38.11 12.93 44.30
N ALA B 127 37.98 11.96 45.21
CA ALA B 127 39.15 11.43 45.91
C ALA B 127 40.20 10.87 44.97
N LEU B 128 39.79 10.43 43.77
CA LEU B 128 40.72 9.89 42.79
C LEU B 128 40.92 10.81 41.59
N ILE B 129 40.05 11.78 41.37
CA ILE B 129 40.14 12.64 40.20
C ILE B 129 40.92 13.91 40.50
N GLN B 130 40.81 14.44 41.71
CA GLN B 130 41.54 15.66 42.05
C GLN B 130 43.04 15.43 41.99
N LYS B 131 43.76 16.41 41.46
CA LYS B 131 45.21 16.32 41.34
C LYS B 131 45.91 16.95 42.54
N ASP B 132 45.69 18.25 42.78
CA ASP B 132 46.37 18.95 43.85
C ASP B 132 45.62 20.25 44.11
N THR B 133 46.03 20.95 45.17
CA THR B 133 45.42 22.21 45.59
C THR B 133 46.51 23.14 46.08
N SER B 134 46.62 24.31 45.46
CA SER B 134 47.68 25.28 45.78
C SER B 134 47.23 26.17 46.94
N ASP B 135 47.29 25.62 48.14
CA ASP B 135 46.92 26.35 49.34
C ASP B 135 47.50 25.65 50.56
N VAL B 136 47.65 26.42 51.64
CA VAL B 136 48.15 25.92 52.91
C VAL B 136 47.26 26.47 54.02
N ARG B 137 47.02 25.66 55.04
CA ARG B 137 46.18 26.08 56.16
C ARG B 137 46.98 26.84 57.20
N CYS B 138 48.04 26.22 57.73
CA CYS B 138 48.84 26.83 58.78
C CYS B 138 50.11 27.45 58.19
N PHE B 146 48.23 14.09 53.86
CA PHE B 146 46.91 14.64 54.13
C PHE B 146 45.92 13.55 54.55
N VAL B 147 45.50 12.74 53.59
CA VAL B 147 44.54 11.67 53.82
C VAL B 147 44.78 10.58 52.79
N LYS B 148 44.25 9.39 53.08
CA LYS B 148 44.42 8.26 52.19
C LYS B 148 43.78 8.54 50.83
N PRO B 149 44.36 8.00 49.75
CA PRO B 149 43.77 8.26 48.42
C PRO B 149 42.34 7.78 48.28
N GLU B 150 41.98 6.69 48.95
CA GLU B 150 40.61 6.18 48.95
C GLU B 150 40.14 5.88 47.52
N LYS B 151 40.82 4.91 46.91
CA LYS B 151 40.50 4.49 45.55
C LYS B 151 39.26 3.57 45.58
N VAL B 152 38.16 4.06 45.05
CA VAL B 152 36.92 3.29 44.96
C VAL B 152 36.93 2.49 43.67
N VAL B 153 36.30 1.32 43.71
CA VAL B 153 36.23 0.42 42.56
C VAL B 153 34.82 0.29 42.02
N GLY B 154 33.82 0.31 42.91
CA GLY B 154 32.43 0.17 42.50
C GLY B 154 31.51 0.80 43.53
N VAL B 155 30.23 0.85 43.18
CA VAL B 155 29.21 1.50 44.00
C VAL B 155 27.97 0.62 44.04
N ILE B 156 27.37 0.51 45.22
CA ILE B 156 26.17 -0.29 45.44
C ILE B 156 25.13 0.63 46.06
N GLY B 157 24.04 0.88 45.33
CA GLY B 157 22.98 1.71 45.88
C GLY B 157 22.00 2.25 44.87
N ALA B 158 21.55 3.49 45.08
CA ALA B 158 20.58 4.15 44.21
C ALA B 158 19.25 3.38 44.17
N SER B 159 18.63 3.32 45.35
CA SER B 159 17.43 2.49 45.50
C SER B 159 16.29 2.99 44.60
N GLY B 160 16.04 4.29 44.59
CA GLY B 160 14.90 4.82 43.87
C GLY B 160 14.98 4.66 42.37
N SER B 161 14.26 5.50 41.64
CA SER B 161 14.33 5.55 40.19
C SER B 161 15.08 6.78 39.69
N SER B 162 14.66 7.98 40.11
CA SER B 162 15.32 9.19 39.64
C SER B 162 16.77 9.22 40.08
N VAL B 163 17.04 8.95 41.35
CA VAL B 163 18.41 8.96 41.84
C VAL B 163 19.23 7.90 41.11
N SER B 164 18.60 6.81 40.70
CA SER B 164 19.31 5.81 39.90
C SER B 164 19.71 6.37 38.55
N ILE B 165 18.78 7.01 37.84
CA ILE B 165 19.11 7.57 36.54
C ILE B 165 20.22 8.60 36.68
N MET B 166 20.14 9.46 37.70
CA MET B 166 21.15 10.50 37.87
C MET B 166 22.53 9.90 38.15
N VAL B 167 22.61 8.94 39.08
CA VAL B 167 23.90 8.35 39.40
C VAL B 167 24.48 7.64 38.19
N ALA B 168 23.63 6.99 37.40
CA ALA B 168 24.10 6.34 36.19
C ALA B 168 24.72 7.35 35.22
N ASN B 169 24.08 8.52 35.09
CA ASN B 169 24.56 9.50 34.13
C ASN B 169 25.89 10.10 34.55
N ILE B 170 26.11 10.28 35.85
CA ILE B 170 27.36 10.89 36.30
C ILE B 170 28.49 9.88 36.35
N LEU B 171 28.18 8.60 36.59
CA LEU B 171 29.21 7.57 36.66
C LEU B 171 29.46 6.87 35.34
N ARG B 172 28.60 7.07 34.34
CA ARG B 172 28.90 6.52 33.02
C ARG B 172 30.12 7.17 32.41
N LEU B 173 30.38 8.44 32.74
CA LEU B 173 31.49 9.15 32.13
C LEU B 173 32.82 8.68 32.72
N PHE B 174 32.88 8.45 34.02
CA PHE B 174 34.11 8.02 34.67
C PHE B 174 34.32 6.51 34.61
N GLN B 175 33.37 5.77 34.04
CA GLN B 175 33.52 4.34 33.81
C GLN B 175 33.74 3.58 35.13
N ILE B 176 32.71 3.62 35.97
CA ILE B 176 32.69 2.91 37.24
C ILE B 176 31.45 2.05 37.25
N PRO B 177 31.55 0.75 37.57
CA PRO B 177 30.35 -0.10 37.57
C PRO B 177 29.41 0.25 38.71
N GLN B 178 28.13 -0.03 38.49
CA GLN B 178 27.08 0.28 39.45
C GLN B 178 26.09 -0.88 39.50
N ILE B 179 25.67 -1.23 40.71
CA ILE B 179 24.66 -2.28 40.92
C ILE B 179 23.59 -1.73 41.85
N SER B 180 22.35 -1.75 41.40
CA SER B 180 21.21 -1.30 42.18
C SER B 180 20.41 -2.52 42.65
N TYR B 181 19.57 -2.30 43.66
CA TYR B 181 18.78 -3.37 44.24
C TYR B 181 17.28 -3.11 44.28
N ALA B 182 16.84 -1.86 44.17
CA ALA B 182 15.42 -1.54 44.29
C ALA B 182 14.89 -0.77 43.09
N SER B 183 15.67 -0.60 42.03
CA SER B 183 15.25 0.19 40.88
C SER B 183 14.46 -0.69 39.92
N THR B 184 13.17 -0.41 39.78
CA THR B 184 12.27 -1.22 38.99
C THR B 184 11.72 -0.50 37.77
N ALA B 185 12.21 0.69 37.47
CA ALA B 185 11.69 1.41 36.32
C ALA B 185 12.18 0.77 35.03
N PRO B 186 11.33 0.66 34.00
CA PRO B 186 11.76 0.05 32.73
C PRO B 186 12.66 0.94 31.89
N GLU B 187 12.81 2.21 32.26
CA GLU B 187 13.65 3.11 31.47
C GLU B 187 15.13 2.73 31.55
N LEU B 188 15.56 2.20 32.70
CA LEU B 188 16.96 1.81 32.88
C LEU B 188 17.18 0.38 32.37
N SER B 189 16.91 0.19 31.08
CA SER B 189 17.03 -1.12 30.47
C SER B 189 17.78 -1.12 29.15
N ASP B 190 18.24 0.03 28.67
CA ASP B 190 18.95 0.13 27.41
C ASP B 190 20.46 0.09 27.67
N ASP B 191 21.13 -0.91 27.12
CA ASP B 191 22.56 -1.03 27.34
C ASP B 191 23.31 0.15 26.74
N ARG B 192 22.87 0.63 25.58
CA ARG B 192 23.53 1.75 24.92
C ARG B 192 23.29 3.06 25.65
N ARG B 193 22.12 3.21 26.28
CA ARG B 193 21.85 4.43 27.04
C ARG B 193 22.68 4.47 28.32
N TYR B 194 22.76 3.34 29.02
CA TYR B 194 23.49 3.25 30.28
C TYR B 194 24.42 2.04 30.22
N ASP B 195 25.72 2.29 30.04
CA ASP B 195 26.68 1.21 29.92
C ASP B 195 26.94 0.55 31.27
N PHE B 196 27.42 1.32 32.24
CA PHE B 196 27.83 0.79 33.54
C PHE B 196 26.64 0.81 34.49
N PHE B 197 25.80 -0.22 34.39
CA PHE B 197 24.61 -0.28 35.21
C PHE B 197 24.10 -1.70 35.28
N SER B 198 23.72 -2.14 36.49
CA SER B 198 23.24 -3.49 36.71
C SER B 198 22.16 -3.48 37.78
N ARG B 199 21.23 -4.43 37.67
CA ARG B 199 20.13 -4.56 38.60
C ARG B 199 19.94 -6.01 38.99
N VAL B 200 19.75 -6.27 40.28
CA VAL B 200 19.48 -7.62 40.76
C VAL B 200 17.99 -7.87 40.94
N VAL B 201 17.14 -6.89 40.68
CA VAL B 201 15.70 -7.02 40.81
C VAL B 201 15.08 -6.81 39.44
N PRO B 202 14.19 -7.69 38.97
CA PRO B 202 13.69 -7.56 37.61
C PRO B 202 12.84 -6.31 37.46
N PRO B 203 12.75 -5.76 36.26
CA PRO B 203 11.92 -4.58 36.02
C PRO B 203 10.47 -4.98 35.72
N ASP B 204 9.63 -3.96 35.54
CA ASP B 204 8.21 -4.19 35.32
C ASP B 204 7.89 -4.78 33.95
N SER B 205 8.84 -4.75 33.01
CA SER B 205 8.59 -5.38 31.73
C SER B 205 8.31 -6.87 31.89
N PHE B 206 9.09 -7.54 32.75
CA PHE B 206 8.87 -8.96 32.99
C PHE B 206 7.52 -9.22 33.65
N GLN B 207 7.11 -8.36 34.58
CA GLN B 207 5.78 -8.52 35.15
C GLN B 207 4.73 -8.43 34.05
N ALA B 208 4.85 -7.47 33.15
CA ALA B 208 3.89 -7.37 32.06
C ALA B 208 3.91 -8.62 31.19
N GLN B 209 5.10 -9.14 30.91
CA GLN B 209 5.17 -10.36 30.10
C GLN B 209 4.43 -11.50 30.79
N ALA B 210 4.61 -11.64 32.11
CA ALA B 210 3.92 -12.71 32.81
C ALA B 210 2.40 -12.53 32.73
N MET B 211 1.91 -11.31 32.90
CA MET B 211 0.47 -11.08 32.85
C MET B 211 -0.09 -11.46 31.47
N VAL B 212 0.54 -10.97 30.40
CA VAL B 212 0.01 -11.27 29.08
C VAL B 212 0.09 -12.76 28.79
N ASP B 213 1.01 -13.48 29.45
CA ASP B 213 1.04 -14.92 29.30
C ASP B 213 -0.13 -15.58 30.04
N ILE B 214 -0.47 -15.09 31.23
CA ILE B 214 -1.61 -15.65 31.94
C ILE B 214 -2.90 -15.37 31.18
N VAL B 215 -3.06 -14.15 30.67
CA VAL B 215 -4.27 -13.82 29.91
C VAL B 215 -4.36 -14.71 28.68
N LYS B 216 -3.28 -14.82 27.91
CA LYS B 216 -3.35 -15.59 26.68
C LYS B 216 -3.61 -17.06 26.97
N ALA B 217 -2.94 -17.63 27.96
CA ALA B 217 -3.08 -19.05 28.22
C ALA B 217 -4.49 -19.38 28.70
N LEU B 218 -5.04 -18.57 29.61
CA LEU B 218 -6.36 -18.86 30.14
C LEU B 218 -7.44 -18.62 29.09
N GLY B 219 -7.18 -17.72 28.14
CA GLY B 219 -8.12 -17.45 27.07
C GLY B 219 -8.97 -16.22 27.33
N TRP B 220 -8.63 -15.11 26.69
CA TRP B 220 -9.36 -13.86 26.83
C TRP B 220 -9.02 -12.99 25.63
N ASN B 221 -9.84 -11.96 25.40
CA ASN B 221 -9.57 -11.04 24.31
C ASN B 221 -9.80 -9.58 24.69
N TYR B 222 -10.67 -9.32 25.67
CA TYR B 222 -10.99 -7.97 26.09
C TYR B 222 -10.40 -7.73 27.47
N VAL B 223 -9.57 -6.69 27.58
CA VAL B 223 -8.94 -6.33 28.84
C VAL B 223 -8.90 -4.82 28.97
N SER B 224 -9.09 -4.34 30.19
CA SER B 224 -9.12 -2.92 30.48
C SER B 224 -7.94 -2.55 31.36
N THR B 225 -7.33 -1.41 31.07
CA THR B 225 -6.13 -0.95 31.76
C THR B 225 -6.49 0.17 32.72
N LEU B 226 -6.06 0.03 33.97
CA LEU B 226 -6.18 1.07 34.98
C LEU B 226 -4.81 1.32 35.59
N ALA B 227 -4.48 2.58 35.81
CA ALA B 227 -3.19 2.94 36.37
C ALA B 227 -3.35 4.14 37.29
N SER B 228 -2.37 4.31 38.18
CA SER B 228 -2.34 5.43 39.10
C SER B 228 -1.34 6.48 38.63
N GLU B 229 -1.15 7.51 39.45
CA GLU B 229 -0.25 8.61 39.11
C GLU B 229 1.20 8.16 39.22
N GLY B 230 2.10 9.07 38.87
CA GLY B 230 3.52 8.77 38.93
C GLY B 230 4.06 8.18 37.65
N SER B 231 5.30 7.72 37.74
CA SER B 231 6.00 7.09 36.61
C SER B 231 6.01 5.58 36.71
N TYR B 232 5.10 5.01 37.51
CA TYR B 232 5.02 3.57 37.74
C TYR B 232 3.82 2.96 37.05
N GLY B 233 2.63 3.50 37.27
CA GLY B 233 1.45 2.97 36.61
C GLY B 233 1.45 3.21 35.11
N GLU B 234 1.82 4.41 34.68
CA GLU B 234 1.80 4.72 33.26
C GLU B 234 2.75 3.81 32.49
N LYS B 235 3.97 3.62 33.01
CA LYS B 235 4.94 2.79 32.31
C LYS B 235 4.51 1.32 32.31
N GLY B 236 3.86 0.88 33.39
CA GLY B 236 3.43 -0.52 33.43
C GLY B 236 2.43 -0.84 32.34
N VAL B 237 1.42 0.00 32.19
CA VAL B 237 0.41 -0.23 31.16
C VAL B 237 1.01 -0.02 29.77
N GLU B 238 1.94 0.93 29.63
CA GLU B 238 2.58 1.14 28.34
C GLU B 238 3.32 -0.12 27.90
N SER B 239 4.09 -0.72 28.81
CA SER B 239 4.75 -1.97 28.49
C SER B 239 3.74 -3.06 28.18
N PHE B 240 2.64 -3.11 28.92
CA PHE B 240 1.62 -4.12 28.69
C PHE B 240 1.03 -3.97 27.29
N THR B 241 0.75 -2.74 26.87
CA THR B 241 0.25 -2.50 25.53
C THR B 241 1.29 -2.89 24.48
N GLN B 242 2.55 -2.56 24.72
CA GLN B 242 3.60 -2.84 23.73
C GLN B 242 3.76 -4.34 23.51
N ILE B 243 3.80 -5.12 24.59
CA ILE B 243 3.95 -6.56 24.44
C ILE B 243 2.74 -7.16 23.74
N SER B 244 1.55 -6.68 24.09
CA SER B 244 0.33 -7.23 23.49
C SER B 244 0.32 -7.01 21.98
N LYS B 245 0.68 -5.80 21.54
CA LYS B 245 0.69 -5.51 20.11
C LYS B 245 1.76 -6.32 19.39
N GLU B 246 2.90 -6.55 20.04
CA GLU B 246 3.97 -7.32 19.42
C GLU B 246 3.60 -8.79 19.30
N ALA B 247 3.04 -9.38 20.37
CA ALA B 247 2.72 -10.80 20.36
C ALA B 247 1.48 -11.08 19.51
N GLY B 248 0.50 -10.18 19.53
CA GLY B 248 -0.71 -10.36 18.76
C GLY B 248 -1.71 -11.26 19.46
N GLY B 249 -2.96 -11.18 19.01
CA GLY B 249 -4.03 -11.96 19.58
C GLY B 249 -4.70 -11.33 20.78
N LEU B 250 -4.29 -10.14 21.19
CA LEU B 250 -4.87 -9.45 22.34
C LEU B 250 -5.00 -7.97 22.01
N CYS B 251 -5.92 -7.29 22.69
CA CYS B 251 -6.18 -5.89 22.43
C CYS B 251 -6.59 -5.16 23.70
N ILE B 252 -6.50 -3.84 23.64
CA ILE B 252 -6.96 -2.96 24.71
C ILE B 252 -8.24 -2.27 24.24
N ALA B 253 -9.29 -2.37 25.05
CA ALA B 253 -10.57 -1.75 24.73
C ALA B 253 -10.89 -0.56 25.60
N GLN B 254 -10.19 -0.37 26.71
CA GLN B 254 -10.44 0.72 27.63
C GLN B 254 -9.11 1.27 28.13
N SER B 255 -9.05 2.57 28.38
CA SER B 255 -7.84 3.19 28.90
C SER B 255 -8.25 4.41 29.70
N VAL B 256 -8.18 4.29 31.02
CA VAL B 256 -8.54 5.38 31.91
C VAL B 256 -7.32 5.73 32.77
N ARG B 257 -7.28 6.98 33.22
CA ARG B 257 -6.19 7.50 34.02
C ARG B 257 -6.76 8.07 35.31
N ILE B 258 -6.07 7.86 36.42
CA ILE B 258 -6.54 8.24 37.73
C ILE B 258 -5.63 9.35 38.27
N PRO B 259 -6.05 10.61 38.27
CA PRO B 259 -5.23 11.66 38.88
C PRO B 259 -5.24 11.57 40.40
N GLN B 260 -4.40 12.38 41.02
CA GLN B 260 -4.24 12.39 42.47
C GLN B 260 -4.19 13.82 43.00
N GLU B 261 -5.05 14.70 42.49
CA GLU B 261 -5.05 16.08 42.95
C GLU B 261 -5.84 16.26 44.24
N ARG B 262 -6.65 15.28 44.63
CA ARG B 262 -7.46 15.39 45.84
C ARG B 262 -7.83 13.99 46.30
N LYS B 263 -8.27 13.91 47.56
CA LYS B 263 -8.63 12.64 48.18
C LYS B 263 -10.07 12.58 48.65
N ASP B 264 -10.83 13.67 48.51
CA ASP B 264 -12.21 13.74 48.98
C ASP B 264 -13.17 14.01 47.84
N ARG B 265 -12.92 13.40 46.67
CA ARG B 265 -13.79 13.58 45.51
C ARG B 265 -14.86 12.50 45.44
N THR B 266 -14.43 11.24 45.32
CA THR B 266 -15.34 10.10 45.18
C THR B 266 -16.24 10.21 43.96
N ILE B 267 -15.82 10.99 42.96
CA ILE B 267 -16.56 11.14 41.71
C ILE B 267 -15.86 10.45 40.55
N ASP B 268 -14.54 10.64 40.44
CA ASP B 268 -13.80 10.01 39.34
C ASP B 268 -13.92 8.49 39.39
N PHE B 269 -14.01 7.91 40.59
CA PHE B 269 -14.19 6.47 40.70
C PHE B 269 -15.49 6.03 40.06
N ASP B 270 -16.58 6.75 40.33
CA ASP B 270 -17.85 6.44 39.68
C ASP B 270 -17.76 6.63 38.18
N ARG B 271 -17.01 7.65 37.73
CA ARG B 271 -16.88 7.90 36.30
C ARG B 271 -16.19 6.74 35.60
N ILE B 272 -15.09 6.25 36.18
CA ILE B 272 -14.36 5.17 35.53
C ILE B 272 -15.14 3.86 35.62
N ILE B 273 -15.77 3.60 36.77
CA ILE B 273 -16.50 2.34 36.91
C ILE B 273 -17.69 2.34 35.98
N LYS B 274 -18.30 3.50 35.72
CA LYS B 274 -19.36 3.58 34.74
C LYS B 274 -18.82 3.38 33.33
N GLN B 275 -17.64 3.94 33.05
CA GLN B 275 -17.01 3.73 31.74
C GLN B 275 -16.69 2.25 31.53
N LEU B 276 -16.25 1.56 32.58
CA LEU B 276 -15.94 0.14 32.46
C LEU B 276 -17.20 -0.70 32.32
N LEU B 277 -18.30 -0.28 32.93
CA LEU B 277 -19.54 -1.03 32.88
C LEU B 277 -20.29 -0.86 31.58
N ASP B 278 -19.73 -0.10 30.63
CA ASP B 278 -20.44 0.17 29.39
C ASP B 278 -20.57 -1.10 28.56
N THR B 279 -19.52 -1.90 28.49
CA THR B 279 -19.53 -3.10 27.67
C THR B 279 -19.57 -4.33 28.57
N PRO B 280 -20.70 -5.04 28.65
CA PRO B 280 -20.74 -6.22 29.53
C PRO B 280 -19.78 -7.30 29.12
N ASN B 281 -19.28 -7.27 27.88
CA ASN B 281 -18.38 -8.33 27.42
C ASN B 281 -17.04 -8.29 28.13
N SER B 282 -16.49 -7.10 28.35
CA SER B 282 -15.17 -6.98 28.96
C SER B 282 -15.26 -7.34 30.43
N ARG B 283 -14.91 -8.58 30.76
CA ARG B 283 -14.99 -9.09 32.12
C ARG B 283 -13.62 -9.26 32.77
N ALA B 284 -12.56 -8.74 32.15
CA ALA B 284 -11.22 -8.86 32.70
C ALA B 284 -10.57 -7.49 32.69
N VAL B 285 -10.00 -7.10 33.83
CA VAL B 285 -9.32 -5.83 33.97
C VAL B 285 -7.99 -6.07 34.67
N VAL B 286 -7.03 -5.21 34.38
CA VAL B 286 -5.71 -5.25 35.00
C VAL B 286 -5.50 -3.93 35.73
N ILE B 287 -4.82 -3.98 36.88
CA ILE B 287 -4.65 -2.82 37.73
C ILE B 287 -3.19 -2.68 38.09
N PHE B 288 -2.70 -1.43 38.09
CA PHE B 288 -1.32 -1.13 38.45
C PHE B 288 -1.24 -0.16 39.62
N ALA B 289 -2.36 0.10 40.29
CA ALA B 289 -2.41 1.15 41.29
C ALA B 289 -1.98 0.62 42.65
N ASN B 290 -2.02 1.49 43.65
CA ASN B 290 -1.62 1.15 45.00
C ASN B 290 -2.81 0.55 45.75
N ASP B 291 -2.62 0.27 47.05
CA ASP B 291 -3.66 -0.41 47.82
C ASP B 291 -4.85 0.51 48.07
N GLU B 292 -4.60 1.78 48.36
CA GLU B 292 -5.69 2.71 48.65
C GLU B 292 -6.63 2.84 47.46
N ASP B 293 -6.07 2.91 46.24
CA ASP B 293 -6.90 3.10 45.06
C ASP B 293 -7.80 1.90 44.83
N ILE B 294 -7.24 0.68 44.89
CA ILE B 294 -8.05 -0.50 44.66
C ILE B 294 -9.08 -0.68 45.77
N LYS B 295 -8.72 -0.31 47.00
CA LYS B 295 -9.69 -0.36 48.09
C LYS B 295 -10.89 0.52 47.80
N GLN B 296 -10.65 1.73 47.29
CA GLN B 296 -11.75 2.59 46.88
C GLN B 296 -12.54 2.00 45.72
N ILE B 297 -11.84 1.42 44.75
CA ILE B 297 -12.52 0.86 43.58
C ILE B 297 -13.45 -0.27 44.00
N LEU B 298 -12.97 -1.16 44.87
CA LEU B 298 -13.81 -2.26 45.32
C LEU B 298 -15.01 -1.75 46.09
N ALA B 299 -14.82 -0.73 46.93
CA ALA B 299 -15.94 -0.17 47.67
C ALA B 299 -16.99 0.38 46.72
N ALA B 300 -16.56 1.09 45.67
CA ALA B 300 -17.50 1.64 44.71
C ALA B 300 -18.26 0.55 43.97
N ALA B 301 -17.57 -0.52 43.59
CA ALA B 301 -18.26 -1.63 42.96
C ALA B 301 -19.30 -2.24 43.90
N LYS B 302 -18.95 -2.38 45.18
CA LYS B 302 -19.88 -2.95 46.15
C LYS B 302 -21.09 -2.06 46.34
N ARG B 303 -20.88 -0.75 46.45
CA ARG B 303 -21.99 0.18 46.68
C ARG B 303 -22.82 0.41 45.43
N ALA B 304 -22.32 0.04 44.26
CA ALA B 304 -23.04 0.23 43.01
C ALA B 304 -23.99 -0.91 42.67
N ASP B 305 -24.00 -1.97 43.47
CA ASP B 305 -24.88 -3.12 43.22
C ASP B 305 -24.60 -3.73 41.85
N GLN B 306 -23.36 -4.17 41.67
CA GLN B 306 -22.93 -4.74 40.41
C GLN B 306 -23.20 -6.23 40.39
N VAL B 307 -23.72 -6.72 39.26
CA VAL B 307 -24.09 -8.12 39.12
C VAL B 307 -23.15 -8.91 38.22
N GLY B 308 -22.51 -8.27 37.24
CA GLY B 308 -21.61 -9.01 36.37
C GLY B 308 -20.40 -9.59 37.08
N HIS B 309 -19.84 -8.84 38.03
CA HIS B 309 -18.72 -9.31 38.83
C HIS B 309 -17.56 -9.77 37.95
N PHE B 310 -17.03 -8.82 37.19
CA PHE B 310 -15.92 -9.12 36.30
C PHE B 310 -14.65 -9.41 37.08
N LEU B 311 -13.72 -10.14 36.45
CA LEU B 311 -12.52 -10.60 37.10
C LEU B 311 -11.50 -9.47 37.25
N TRP B 312 -10.53 -9.69 38.14
CA TRP B 312 -9.42 -8.76 38.36
C TRP B 312 -8.10 -9.48 38.18
N VAL B 313 -7.12 -8.74 37.67
CA VAL B 313 -5.73 -9.19 37.59
C VAL B 313 -4.90 -8.18 38.37
N GLY B 314 -4.17 -8.65 39.37
CA GLY B 314 -3.44 -7.79 40.28
C GLY B 314 -1.98 -7.65 39.91
N SER B 315 -1.37 -6.56 40.40
CA SER B 315 0.05 -6.28 40.17
C SER B 315 0.81 -6.35 41.49
N ASP B 316 2.11 -6.06 41.40
CA ASP B 316 3.00 -6.25 42.55
C ASP B 316 2.57 -5.44 43.76
N SER B 317 1.89 -4.32 43.55
CA SER B 317 1.37 -3.56 44.69
C SER B 317 0.30 -4.35 45.43
N TRP B 318 -0.45 -5.18 44.72
CA TRP B 318 -1.52 -5.93 45.35
C TRP B 318 -0.97 -7.00 46.27
N GLY B 319 -0.16 -7.90 45.72
CA GLY B 319 0.50 -8.91 46.54
C GLY B 319 -0.50 -9.81 47.24
N SER B 320 -0.15 -10.22 48.45
CA SER B 320 -0.98 -11.09 49.28
C SER B 320 -1.03 -10.47 50.67
N LYS B 321 -2.00 -9.59 50.89
CA LYS B 321 -2.20 -8.93 52.17
C LYS B 321 -3.68 -8.99 52.53
N ILE B 322 -3.95 -8.91 53.84
CA ILE B 322 -5.33 -8.85 54.32
C ILE B 322 -5.87 -7.42 54.38
N ASN B 323 -5.00 -6.42 54.34
CA ASN B 323 -5.44 -5.03 54.42
C ASN B 323 -6.31 -4.67 53.22
N PRO B 324 -5.90 -5.00 51.99
CA PRO B 324 -6.67 -4.56 50.81
C PRO B 324 -8.07 -5.13 50.72
N LEU B 325 -8.42 -6.14 51.51
CA LEU B 325 -9.74 -6.75 51.47
C LEU B 325 -10.46 -6.48 52.78
N HIS B 326 -11.67 -5.95 52.68
CA HIS B 326 -12.50 -5.70 53.86
C HIS B 326 -13.95 -5.60 53.41
N GLN B 327 -14.74 -6.63 53.71
CA GLN B 327 -16.16 -6.64 53.40
C GLN B 327 -16.43 -6.74 51.91
N HIS B 328 -15.37 -6.76 51.10
CA HIS B 328 -15.47 -6.92 49.65
C HIS B 328 -15.02 -8.30 49.22
N GLU B 329 -15.01 -9.26 50.14
CA GLU B 329 -14.49 -10.58 49.84
C GLU B 329 -15.30 -11.25 48.73
N ASP B 330 -16.60 -10.96 48.65
CA ASP B 330 -17.42 -11.58 47.63
C ASP B 330 -17.05 -11.09 46.24
N ILE B 331 -16.87 -9.78 46.08
CA ILE B 331 -16.61 -9.21 44.76
C ILE B 331 -15.14 -9.26 44.37
N ALA B 332 -14.23 -9.37 45.33
CA ALA B 332 -12.82 -9.47 45.03
C ALA B 332 -12.36 -10.92 44.83
N GLU B 333 -13.25 -11.88 44.98
CA GLU B 333 -12.87 -13.28 44.85
C GLU B 333 -12.47 -13.58 43.40
N GLY B 334 -11.38 -14.34 43.25
CA GLY B 334 -10.91 -14.74 41.95
C GLY B 334 -9.92 -13.79 41.29
N ALA B 335 -9.26 -12.94 42.07
CA ALA B 335 -8.32 -11.99 41.52
C ALA B 335 -6.96 -12.66 41.38
N ILE B 336 -6.44 -12.71 40.15
CA ILE B 336 -5.12 -13.27 39.88
C ILE B 336 -4.08 -12.18 40.14
N THR B 337 -3.24 -12.40 41.14
CA THR B 337 -2.21 -11.43 41.54
C THR B 337 -0.83 -12.04 41.34
N ILE B 338 0.12 -11.22 40.93
CA ILE B 338 1.51 -11.63 40.72
C ILE B 338 2.36 -10.94 41.78
N GLN B 339 3.21 -11.71 42.45
CA GLN B 339 4.06 -11.18 43.49
C GLN B 339 5.48 -11.76 43.38
N PRO B 340 6.52 -10.96 43.63
CA PRO B 340 7.88 -11.51 43.65
C PRO B 340 8.10 -12.43 44.84
N LYS B 341 9.01 -13.39 44.65
CA LYS B 341 9.30 -14.35 45.70
C LYS B 341 9.98 -13.67 46.89
N ARG B 342 9.57 -14.08 48.10
CA ARG B 342 10.10 -13.53 49.34
C ARG B 342 10.84 -14.62 50.11
N ALA B 343 12.02 -14.29 50.61
CA ALA B 343 12.82 -15.21 51.41
C ALA B 343 13.27 -14.51 52.68
N THR B 344 13.36 -15.28 53.76
CA THR B 344 13.76 -14.77 55.07
C THR B 344 15.10 -15.38 55.46
N VAL B 345 16.06 -14.52 55.81
CA VAL B 345 17.37 -14.98 56.25
C VAL B 345 17.37 -15.08 57.77
N GLU B 346 18.36 -15.80 58.30
CA GLU B 346 18.51 -15.98 59.74
C GLU B 346 19.70 -15.25 60.33
N GLY B 347 20.72 -14.95 59.53
CA GLY B 347 21.94 -14.36 60.05
C GLY B 347 21.82 -12.87 60.32
N PHE B 348 21.16 -12.14 59.42
CA PHE B 348 21.01 -10.70 59.61
C PHE B 348 20.16 -10.39 60.84
N ASP B 349 19.09 -11.16 61.06
CA ASP B 349 18.23 -10.88 62.20
C ASP B 349 18.98 -11.07 63.52
N ALA B 350 19.76 -12.14 63.63
CA ALA B 350 20.58 -12.34 64.83
C ALA B 350 21.63 -11.25 64.97
N TYR B 351 22.23 -10.82 63.86
CA TYR B 351 23.23 -9.77 63.92
C TYR B 351 22.63 -8.45 64.39
N PHE B 352 21.45 -8.10 63.87
CA PHE B 352 20.86 -6.80 64.19
C PHE B 352 20.34 -6.77 65.63
N THR B 353 19.83 -7.90 66.12
CA THR B 353 19.24 -7.96 67.45
C THR B 353 20.27 -7.95 68.56
N SER B 354 21.56 -8.09 68.25
CA SER B 354 22.61 -8.20 69.24
C SER B 354 23.45 -6.94 69.39
N ARG B 355 23.13 -5.88 68.65
CA ARG B 355 23.91 -4.65 68.68
C ARG B 355 23.29 -3.65 69.66
N THR B 356 24.15 -2.86 70.30
CA THR B 356 23.72 -1.82 71.23
C THR B 356 24.61 -0.60 71.03
N LEU B 357 24.33 0.45 71.80
CA LEU B 357 25.04 1.71 71.62
C LEU B 357 26.53 1.56 71.87
N GLU B 358 26.91 0.82 72.91
CA GLU B 358 28.30 0.67 73.28
C GLU B 358 29.03 -0.41 72.49
N ASN B 359 28.31 -1.22 71.71
CA ASN B 359 28.94 -2.33 71.00
C ASN B 359 29.65 -1.87 69.74
N ASN B 360 28.98 -1.05 68.93
CA ASN B 360 29.53 -0.57 67.67
C ASN B 360 29.50 0.95 67.65
N ARG B 361 30.56 1.55 67.09
CA ARG B 361 30.66 2.99 66.97
C ARG B 361 30.87 3.47 65.54
N ARG B 362 31.01 2.55 64.58
CA ARG B 362 31.20 2.95 63.19
C ARG B 362 29.96 3.66 62.64
N ASN B 363 28.77 3.16 62.99
CA ASN B 363 27.54 3.76 62.49
C ASN B 363 27.28 5.09 63.18
N VAL B 364 27.05 6.14 62.38
CA VAL B 364 26.83 7.47 62.94
C VAL B 364 25.36 7.79 63.17
N TRP B 365 24.45 7.07 62.51
CA TRP B 365 23.01 7.30 62.67
C TRP B 365 22.37 6.33 63.65
N PHE B 366 23.14 5.45 64.29
CA PHE B 366 22.55 4.47 65.19
C PHE B 366 21.98 5.13 66.43
N ALA B 367 22.69 6.13 66.98
CA ALA B 367 22.20 6.81 68.17
C ALA B 367 20.89 7.54 67.89
N GLU B 368 20.80 8.22 66.75
CA GLU B 368 19.55 8.91 66.41
C GLU B 368 18.42 7.92 66.17
N TYR B 369 18.74 6.78 65.56
CA TYR B 369 17.74 5.72 65.37
C TYR B 369 17.27 5.16 66.71
N TRP B 370 18.20 4.96 67.64
CA TRP B 370 17.83 4.50 68.97
C TRP B 370 16.92 5.51 69.66
N GLU B 371 17.20 6.81 69.48
CA GLU B 371 16.36 7.85 70.05
C GLU B 371 14.98 7.85 69.42
N GLU B 372 14.90 7.75 68.09
CA GLU B 372 13.62 7.84 67.41
C GLU B 372 12.79 6.57 67.58
N ASN B 373 13.44 5.41 67.71
CA ASN B 373 12.70 4.16 67.84
C ASN B 373 11.95 4.09 69.16
N PHE B 374 12.61 4.42 70.26
CA PHE B 374 12.00 4.40 71.59
C PHE B 374 11.41 5.73 71.99
N ASN B 375 11.55 6.77 71.16
CA ASN B 375 10.98 8.09 71.46
C ASN B 375 11.51 8.62 72.78
N CYS B 376 12.83 8.55 72.95
CA CYS B 376 13.48 9.04 74.15
C CYS B 376 14.71 9.86 73.76
N LYS B 377 14.86 11.03 74.37
CA LYS B 377 15.93 11.96 74.06
C LYS B 377 16.80 12.16 75.30
N LEU B 378 18.11 12.24 75.08
CA LEU B 378 19.05 12.44 76.17
C LEU B 378 19.04 13.90 76.61
N ASP B 389 10.78 14.53 76.80
CA ASP B 389 11.49 14.73 78.05
C ASP B 389 11.68 13.40 78.79
N ARG B 390 11.96 12.34 78.03
CA ARG B 390 12.17 11.01 78.57
C ARG B 390 13.57 10.54 78.20
N LYS B 391 14.31 10.03 79.19
CA LYS B 391 15.67 9.57 79.01
C LYS B 391 15.73 8.05 79.03
N CYS B 392 16.57 7.50 78.16
CA CYS B 392 16.76 6.06 78.04
C CYS B 392 18.24 5.74 78.07
N THR B 393 18.63 4.78 78.89
CA THR B 393 20.02 4.34 78.99
C THR B 393 20.05 2.83 79.10
N GLY B 394 20.61 2.18 78.08
CA GLY B 394 20.86 0.75 78.13
C GLY B 394 19.61 -0.10 78.27
N GLN B 395 18.66 0.06 77.34
CA GLN B 395 17.46 -0.76 77.38
C GLN B 395 17.73 -2.19 76.93
N GLU B 396 18.36 -2.34 75.76
CA GLU B 396 18.64 -3.65 75.19
C GLU B 396 17.35 -4.44 74.96
N ARG B 397 16.34 -3.77 74.41
CA ARG B 397 15.07 -4.39 74.09
C ARG B 397 14.61 -4.02 72.68
N ILE B 398 15.57 -3.77 71.79
CA ILE B 398 15.22 -3.40 70.41
C ILE B 398 14.40 -4.51 69.77
N GLY B 399 14.77 -5.76 70.01
CA GLY B 399 14.07 -6.90 69.45
C GLY B 399 12.97 -7.47 70.31
N LYS B 400 12.65 -6.83 71.44
CA LYS B 400 11.63 -7.31 72.35
C LYS B 400 10.46 -6.35 72.50
N ASP B 401 10.75 -5.06 72.71
CA ASP B 401 9.67 -4.09 72.87
C ASP B 401 8.90 -3.90 71.57
N SER B 402 9.60 -3.91 70.44
CA SER B 402 9.00 -3.71 69.14
C SER B 402 8.95 -5.03 68.38
N ASN B 403 7.77 -5.37 67.85
CA ASN B 403 7.59 -6.59 67.07
C ASN B 403 7.98 -6.34 65.62
N TYR B 404 9.21 -5.92 65.39
CA TYR B 404 9.66 -5.58 64.05
C TYR B 404 9.94 -6.84 63.23
N GLU B 405 9.84 -6.70 61.91
CA GLU B 405 10.14 -7.76 60.97
C GLU B 405 11.00 -7.19 59.84
N GLN B 406 11.92 -8.00 59.32
CA GLN B 406 12.82 -7.54 58.29
C GLN B 406 12.07 -7.37 56.97
N GLU B 407 12.61 -6.52 56.11
CA GLU B 407 12.00 -6.25 54.81
C GLU B 407 12.49 -7.26 53.78
N GLY B 408 11.81 -7.28 52.64
CA GLY B 408 12.15 -8.21 51.59
C GLY B 408 13.34 -7.83 50.74
N LYS B 409 13.87 -6.62 50.91
CA LYS B 409 14.99 -6.17 50.11
C LYS B 409 16.35 -6.43 50.77
N VAL B 410 16.37 -7.00 51.98
CA VAL B 410 17.65 -7.32 52.61
C VAL B 410 18.41 -8.33 51.77
N GLN B 411 17.72 -9.37 51.31
CA GLN B 411 18.38 -10.40 50.50
C GLN B 411 18.98 -9.82 49.23
N PHE B 412 18.37 -8.76 48.69
CA PHE B 412 18.83 -8.22 47.42
C PHE B 412 20.14 -7.45 47.57
N VAL B 413 20.28 -6.66 48.65
CA VAL B 413 21.56 -5.99 48.87
C VAL B 413 22.65 -7.00 49.19
N ILE B 414 22.32 -8.05 49.94
CA ILE B 414 23.31 -9.09 50.24
C ILE B 414 23.78 -9.76 48.96
N ASP B 415 22.84 -10.07 48.06
CA ASP B 415 23.23 -10.66 46.78
C ASP B 415 24.07 -9.70 45.95
N ALA B 416 23.71 -8.41 45.96
CA ALA B 416 24.47 -7.44 45.20
C ALA B 416 25.91 -7.37 45.68
N VAL B 417 26.12 -7.36 47.00
CA VAL B 417 27.48 -7.38 47.53
C VAL B 417 28.19 -8.66 47.13
N TYR B 418 27.47 -9.79 47.18
CA TYR B 418 28.08 -11.06 46.80
C TYR B 418 28.55 -11.03 45.35
N ALA B 419 27.71 -10.51 44.44
CA ALA B 419 28.08 -10.47 43.04
C ALA B 419 29.33 -9.60 42.84
N MET B 420 29.38 -8.46 43.52
CA MET B 420 30.55 -7.59 43.41
C MET B 420 31.80 -8.30 43.92
N ALA B 421 31.70 -8.98 45.05
CA ALA B 421 32.87 -9.66 45.60
C ALA B 421 33.35 -10.77 44.67
N HIS B 422 32.43 -11.53 44.09
CA HIS B 422 32.83 -12.61 43.19
C HIS B 422 33.52 -12.07 41.95
N ALA B 423 32.97 -11.00 41.35
CA ALA B 423 33.59 -10.45 40.15
C ALA B 423 35.00 -9.93 40.44
N LEU B 424 35.18 -9.24 41.57
CA LEU B 424 36.50 -8.75 41.92
C LEU B 424 37.48 -9.91 42.14
N HIS B 425 37.04 -10.97 42.81
CA HIS B 425 37.91 -12.12 43.04
C HIS B 425 38.33 -12.77 41.72
N HIS B 426 37.38 -12.92 40.80
CA HIS B 426 37.70 -13.52 39.51
C HIS B 426 38.69 -12.66 38.73
N MET B 427 38.47 -11.34 38.72
CA MET B 427 39.40 -10.46 38.02
C MET B 427 40.79 -10.52 38.64
N ASN B 428 40.87 -10.50 39.96
CA ASN B 428 42.17 -10.59 40.62
C ASN B 428 42.84 -11.92 40.30
N LYS B 429 42.07 -13.01 40.34
CA LYS B 429 42.62 -14.33 40.02
C LYS B 429 43.07 -14.39 38.56
N ASP B 430 42.29 -13.82 37.65
CA ASP B 430 42.64 -13.91 36.23
C ASP B 430 43.82 -13.02 35.89
N LEU B 431 43.90 -11.83 36.49
CA LEU B 431 44.97 -10.90 36.14
C LEU B 431 46.32 -11.41 36.62
N CYS B 432 46.41 -11.81 37.89
CA CYS B 432 47.67 -12.27 38.46
C CYS B 432 47.40 -13.51 39.29
N ALA B 433 48.25 -14.53 39.12
CA ALA B 433 48.12 -15.78 39.85
C ALA B 433 49.43 -16.23 40.50
N ASP B 434 50.55 -15.58 40.23
CA ASP B 434 51.85 -15.97 40.77
C ASP B 434 52.19 -15.23 42.06
N TYR B 435 51.31 -14.36 42.54
CA TYR B 435 51.55 -13.57 43.74
C TYR B 435 50.52 -13.91 44.81
N ARG B 436 50.99 -13.96 46.05
CA ARG B 436 50.11 -14.34 47.16
C ARG B 436 49.19 -13.19 47.57
N GLY B 437 49.73 -11.99 47.70
CA GLY B 437 48.96 -10.86 48.18
C GLY B 437 48.30 -10.06 47.08
N VAL B 438 48.47 -8.74 47.13
CA VAL B 438 47.86 -7.82 46.17
C VAL B 438 48.91 -7.49 45.13
N CYS B 439 48.67 -7.90 43.89
CA CYS B 439 49.62 -7.63 42.83
C CYS B 439 49.45 -6.20 42.31
N PRO B 440 50.53 -5.51 41.96
CA PRO B 440 50.39 -4.11 41.51
C PRO B 440 49.58 -3.97 40.23
N GLU B 441 49.41 -5.04 39.45
CA GLU B 441 48.67 -4.93 38.19
C GLU B 441 47.21 -4.58 38.44
N MET B 442 46.65 -5.01 39.58
CA MET B 442 45.22 -4.81 39.81
C MET B 442 44.87 -3.34 39.98
N GLU B 443 45.75 -2.55 40.61
CA GLU B 443 45.45 -1.14 40.80
C GLU B 443 45.35 -0.41 39.48
N GLN B 444 46.26 -0.69 38.54
CA GLN B 444 46.25 0.00 37.26
C GLN B 444 45.13 -0.48 36.35
N ALA B 445 44.70 -1.73 36.51
CA ALA B 445 43.68 -2.31 35.65
C ALA B 445 42.29 -2.00 36.20
N GLY B 446 41.49 -1.31 35.41
CA GLY B 446 40.12 -1.00 35.80
C GLY B 446 39.38 -0.36 34.65
N GLY B 447 38.05 -0.46 34.71
CA GLY B 447 37.21 0.09 33.68
C GLY B 447 36.24 -0.94 33.11
N LYS B 448 36.27 -1.12 31.79
CA LYS B 448 35.35 -2.06 31.16
C LYS B 448 35.56 -3.49 31.63
N LYS B 449 36.80 -3.84 32.00
CA LYS B 449 37.08 -5.24 32.34
C LYS B 449 36.25 -5.70 33.53
N LEU B 450 36.13 -4.86 34.56
CA LEU B 450 35.34 -5.24 35.72
C LEU B 450 33.87 -5.38 35.34
N LEU B 451 33.37 -4.52 34.46
CA LEU B 451 31.99 -4.66 34.02
C LEU B 451 31.79 -5.98 33.29
N LYS B 452 32.73 -6.35 32.42
CA LYS B 452 32.58 -7.58 31.66
C LYS B 452 32.55 -8.81 32.57
N TYR B 453 33.37 -8.80 33.63
CA TYR B 453 33.32 -9.90 34.58
C TYR B 453 32.03 -9.90 35.39
N ILE B 454 31.44 -8.73 35.63
CA ILE B 454 30.19 -8.69 36.37
C ILE B 454 29.06 -9.30 35.55
N ARG B 455 29.03 -9.04 34.24
CA ARG B 455 27.97 -9.61 33.42
C ARG B 455 27.99 -11.13 33.45
N ASN B 456 29.18 -11.73 33.39
CA ASN B 456 29.31 -13.18 33.33
C ASN B 456 29.61 -13.71 34.73
N VAL B 457 28.53 -13.93 35.49
CA VAL B 457 28.63 -14.48 36.82
C VAL B 457 27.40 -15.32 37.08
N ASN B 458 27.56 -16.34 37.92
CA ASN B 458 26.46 -17.26 38.21
C ASN B 458 26.80 -18.00 39.50
N PHE B 459 25.98 -17.80 40.53
CA PHE B 459 26.24 -18.43 41.82
C PHE B 459 24.96 -18.43 42.63
N ASN B 460 25.02 -19.07 43.79
CA ASN B 460 23.90 -19.17 44.70
C ASN B 460 24.13 -18.23 45.89
N GLY B 461 23.14 -17.40 46.17
CA GLY B 461 23.19 -16.46 47.28
C GLY B 461 22.53 -16.98 48.54
N SER B 462 22.06 -16.04 49.36
CA SER B 462 21.39 -16.43 50.60
C SER B 462 20.11 -17.21 50.31
N ALA B 463 19.33 -16.77 49.32
CA ALA B 463 18.11 -17.46 48.96
C ALA B 463 18.44 -18.71 48.14
N GLY B 464 17.43 -19.57 47.96
CA GLY B 464 17.63 -20.76 47.17
C GLY B 464 17.91 -20.48 45.72
N THR B 465 17.29 -19.45 45.16
CA THR B 465 17.45 -19.16 43.74
C THR B 465 18.83 -18.55 43.49
N PRO B 466 19.43 -18.85 42.33
CA PRO B 466 20.69 -18.20 41.96
C PRO B 466 20.44 -16.79 41.43
N VAL B 467 21.54 -16.08 41.20
CA VAL B 467 21.51 -14.74 40.62
C VAL B 467 22.31 -14.78 39.33
N MET B 468 21.81 -14.09 38.32
CA MET B 468 22.45 -14.04 37.02
C MET B 468 22.00 -12.76 36.33
N PHE B 469 22.73 -12.40 35.27
CA PHE B 469 22.40 -11.24 34.47
C PHE B 469 22.30 -11.65 33.01
N ASN B 470 21.32 -11.08 32.31
CA ASN B 470 21.15 -11.32 30.89
C ASN B 470 22.03 -10.34 30.11
N LYS B 471 21.84 -10.28 28.80
CA LYS B 471 22.63 -9.37 27.98
C LYS B 471 22.32 -7.91 28.30
N ASN B 472 21.06 -7.60 28.54
CA ASN B 472 20.71 -6.21 28.84
C ASN B 472 21.31 -5.75 30.16
N GLY B 473 21.35 -6.62 31.16
CA GLY B 473 21.98 -6.33 32.43
C GLY B 473 21.09 -6.46 33.65
N ASP B 474 19.85 -6.90 33.51
CA ASP B 474 18.93 -7.02 34.63
C ASP B 474 18.61 -8.49 34.89
N ALA B 475 18.29 -8.78 36.15
CA ALA B 475 18.06 -10.16 36.56
C ALA B 475 16.78 -10.71 35.92
N PRO B 476 16.71 -12.02 35.69
CA PRO B 476 15.48 -12.60 35.14
C PRO B 476 14.36 -12.59 36.16
N GLY B 477 13.13 -12.51 35.65
CA GLY B 477 11.97 -12.42 36.52
C GLY B 477 11.61 -13.78 37.08
N ARG B 478 11.28 -13.80 38.37
CA ARG B 478 10.75 -15.00 39.02
C ARG B 478 9.58 -14.59 39.89
N TYR B 479 8.39 -15.11 39.59
CA TYR B 479 7.19 -14.81 40.36
C TYR B 479 6.39 -16.08 40.56
N ASP B 480 5.45 -16.02 41.50
CA ASP B 480 4.48 -17.08 41.76
C ASP B 480 3.08 -16.48 41.79
N ILE B 481 2.12 -17.18 41.20
CA ILE B 481 0.78 -16.67 41.01
C ILE B 481 -0.10 -17.07 42.19
N PHE B 482 -0.86 -16.10 42.71
CA PHE B 482 -1.78 -16.32 43.81
C PHE B 482 -3.21 -16.08 43.37
N GLN B 483 -4.14 -16.49 44.24
CA GLN B 483 -5.57 -16.28 44.00
C GLN B 483 -6.28 -16.29 45.34
N TYR B 484 -7.42 -15.60 45.40
CA TYR B 484 -8.24 -15.53 46.61
C TYR B 484 -9.46 -16.42 46.48
N GLN B 485 -9.73 -17.21 47.53
CA GLN B 485 -10.89 -18.08 47.56
C GLN B 485 -11.46 -18.08 48.98
N THR B 486 -12.79 -17.94 49.10
CA THR B 486 -13.40 -17.94 50.42
C THR B 486 -14.76 -18.64 50.47
N THR B 487 -15.07 -19.51 49.52
CA THR B 487 -16.34 -20.22 49.51
C THR B 487 -16.17 -21.70 49.83
N ASN B 488 -15.35 -22.42 49.05
CA ASN B 488 -15.14 -23.84 49.25
C ASN B 488 -13.87 -24.16 50.03
N THR B 489 -12.84 -23.33 49.92
CA THR B 489 -11.59 -23.57 50.62
C THR B 489 -11.77 -23.35 52.13
N SER B 490 -11.14 -24.23 52.92
CA SER B 490 -11.18 -24.05 54.37
C SER B 490 -10.44 -22.79 54.78
N ASN B 491 -9.32 -22.49 54.13
CA ASN B 491 -8.52 -21.33 54.48
C ASN B 491 -8.96 -20.13 53.64
N PRO B 492 -9.50 -19.07 54.24
CA PRO B 492 -9.93 -17.91 53.43
C PRO B 492 -8.78 -17.20 52.72
N GLY B 493 -7.53 -17.42 53.15
CA GLY B 493 -6.41 -16.72 52.56
C GLY B 493 -6.07 -17.21 51.17
N TYR B 494 -5.11 -16.52 50.56
CA TYR B 494 -4.69 -16.86 49.21
C TYR B 494 -4.05 -18.23 49.18
N ARG B 495 -4.13 -18.88 48.02
CA ARG B 495 -3.51 -20.17 47.79
C ARG B 495 -2.70 -20.14 46.51
N LEU B 496 -1.57 -20.84 46.52
CA LEU B 496 -0.67 -20.88 45.37
C LEU B 496 -1.27 -21.74 44.27
N ILE B 497 -1.14 -21.28 43.02
CA ILE B 497 -1.67 -22.02 41.88
C ILE B 497 -0.67 -22.18 40.75
N GLY B 498 0.46 -21.48 40.77
CA GLY B 498 1.44 -21.66 39.72
C GLY B 498 2.64 -20.75 39.91
N GLN B 499 3.66 -21.01 39.10
CA GLN B 499 4.91 -20.27 39.13
C GLN B 499 5.27 -19.80 37.72
N TRP B 500 6.13 -18.79 37.65
CA TRP B 500 6.51 -18.16 36.39
C TRP B 500 7.97 -17.77 36.49
N THR B 501 8.86 -18.62 35.96
CA THR B 501 10.29 -18.32 35.92
C THR B 501 10.77 -18.13 34.49
N ASP B 502 10.58 -19.10 33.62
CA ASP B 502 10.91 -18.96 32.20
C ASP B 502 9.73 -19.30 31.30
N GLU B 503 8.91 -20.28 31.68
CA GLU B 503 7.71 -20.63 30.94
C GLU B 503 6.55 -20.71 31.92
N LEU B 504 5.38 -20.31 31.45
CA LEU B 504 4.20 -20.24 32.31
C LEU B 504 3.76 -21.65 32.70
N GLN B 505 3.65 -21.90 34.00
CA GLN B 505 3.26 -23.21 34.53
C GLN B 505 2.11 -22.99 35.50
N LEU B 506 0.89 -23.21 35.04
CA LEU B 506 -0.31 -22.90 35.80
C LEU B 506 -1.24 -24.11 35.83
N ASN B 507 -1.80 -24.38 37.00
CA ASN B 507 -2.71 -25.51 37.19
C ASN B 507 -4.15 -25.01 37.00
N ILE B 508 -4.72 -25.28 35.82
CA ILE B 508 -6.06 -24.78 35.53
C ILE B 508 -7.08 -25.39 36.48
N GLU B 509 -6.99 -26.70 36.70
CA GLU B 509 -7.99 -27.40 37.49
C GLU B 509 -7.94 -27.07 38.97
N ASP B 510 -6.92 -26.33 39.43
CA ASP B 510 -6.77 -26.06 40.85
C ASP B 510 -7.40 -24.74 41.29
N MET B 511 -7.96 -23.95 40.38
CA MET B 511 -8.57 -22.67 40.71
C MET B 511 -10.04 -22.68 40.34
N GLN B 512 -10.89 -22.32 41.30
CA GLN B 512 -12.35 -22.28 41.11
C GLN B 512 -12.87 -21.04 41.83
N TRP B 513 -13.04 -19.96 41.07
CA TRP B 513 -13.54 -18.72 41.63
C TRP B 513 -15.04 -18.56 41.32
N GLY B 514 -15.68 -17.67 42.08
CA GLY B 514 -17.09 -17.42 41.89
C GLY B 514 -17.99 -18.58 42.22
N LYS B 515 -17.49 -19.55 42.98
CA LYS B 515 -18.29 -20.72 43.37
C LYS B 515 -18.85 -21.45 42.16
N GLY B 516 -18.00 -21.66 41.15
CA GLY B 516 -18.42 -22.33 39.94
C GLY B 516 -17.28 -23.01 39.21
N VAL B 517 -17.54 -23.43 37.97
CA VAL B 517 -16.51 -24.10 37.17
C VAL B 517 -15.37 -23.14 36.91
N ARG B 518 -14.19 -23.70 36.63
CA ARG B 518 -13.01 -22.88 36.40
C ARG B 518 -13.21 -21.95 35.21
N GLU B 519 -13.37 -22.51 34.02
CA GLU B 519 -13.44 -21.70 32.81
C GLU B 519 -14.86 -21.20 32.57
N ILE B 520 -15.44 -20.57 33.58
CA ILE B 520 -16.80 -20.04 33.49
C ILE B 520 -16.79 -18.76 32.67
N PRO B 521 -15.89 -17.81 32.93
CA PRO B 521 -15.94 -16.54 32.20
C PRO B 521 -15.13 -16.55 30.93
N ALA B 522 -15.67 -15.90 29.91
CA ALA B 522 -15.01 -15.74 28.63
C ALA B 522 -15.31 -14.34 28.11
N SER B 523 -14.33 -13.75 27.44
CA SER B 523 -14.48 -12.42 26.84
C SER B 523 -13.82 -12.47 25.48
N VAL B 524 -14.61 -12.78 24.45
CA VAL B 524 -14.09 -13.01 23.10
C VAL B 524 -14.62 -11.99 22.10
N CYS B 525 -15.36 -10.97 22.56
CA CYS B 525 -15.97 -9.95 21.70
C CYS B 525 -17.14 -10.49 20.90
N THR B 526 -17.37 -11.80 20.94
CA THR B 526 -18.30 -12.41 20.00
C THR B 526 -18.38 -13.90 20.28
N LEU B 527 -19.44 -14.51 19.80
CA LEU B 527 -19.54 -15.95 19.79
C LEU B 527 -18.63 -16.50 18.70
N PRO B 528 -18.34 -17.80 18.73
CA PRO B 528 -17.53 -18.40 17.66
C PRO B 528 -18.09 -18.13 16.27
N CYS B 529 -19.42 -18.15 16.12
CA CYS B 529 -20.10 -17.88 14.86
C CYS B 529 -19.58 -18.79 13.75
N LYS B 530 -19.81 -20.09 13.96
CA LYS B 530 -19.45 -21.13 12.99
C LYS B 530 -20.66 -22.02 12.75
N PRO B 531 -21.70 -21.48 12.12
CA PRO B 531 -22.88 -22.29 11.80
C PRO B 531 -22.75 -23.14 10.54
N GLY B 532 -21.54 -23.24 9.99
CA GLY B 532 -21.31 -23.87 8.70
C GLY B 532 -20.79 -22.93 7.65
N GLN B 533 -20.88 -21.62 7.86
CA GLN B 533 -20.36 -20.64 6.92
C GLN B 533 -19.94 -19.40 7.67
N ARG B 534 -18.92 -18.72 7.17
CA ARG B 534 -18.38 -17.55 7.85
C ARG B 534 -17.72 -16.63 6.84
N LYS B 535 -17.49 -15.39 7.27
CA LYS B 535 -16.73 -14.43 6.50
C LYS B 535 -15.99 -13.51 7.46
N LYS B 536 -14.76 -13.15 7.10
CA LYS B 536 -13.92 -12.30 7.93
C LYS B 536 -14.06 -10.85 7.48
N THR B 537 -14.29 -9.96 8.43
CA THR B 537 -14.49 -8.54 8.17
C THR B 537 -13.29 -7.75 8.65
N GLN B 538 -12.72 -6.92 7.77
CA GLN B 538 -11.54 -6.13 8.13
C GLN B 538 -11.91 -4.93 8.99
N LYS B 539 -13.17 -4.53 9.01
CA LYS B 539 -13.59 -3.38 9.80
C LYS B 539 -13.32 -3.63 11.27
N GLY B 540 -12.87 -2.59 11.96
CA GLY B 540 -12.53 -2.70 13.36
C GLY B 540 -11.09 -3.13 13.57
N THR B 541 -10.76 -3.32 14.84
CA THR B 541 -9.43 -3.79 15.21
C THR B 541 -9.30 -5.27 14.87
N PRO B 542 -8.17 -5.71 14.32
CA PRO B 542 -8.03 -7.13 13.96
C PRO B 542 -8.18 -8.07 15.14
N CYS B 543 -8.21 -7.54 16.36
CA CYS B 543 -8.24 -8.37 17.55
C CYS B 543 -9.45 -9.30 17.53
N CYS B 544 -10.63 -8.74 17.38
CA CYS B 544 -11.86 -9.53 17.36
C CYS B 544 -12.74 -9.10 16.19
N TRP B 545 -13.49 -10.05 15.65
CA TRP B 545 -14.09 -9.97 14.33
C TRP B 545 -15.62 -10.01 14.43
N THR B 546 -16.24 -9.66 13.30
CA THR B 546 -17.70 -9.71 13.14
C THR B 546 -18.05 -10.54 11.92
N CYS B 547 -19.07 -11.38 12.05
CA CYS B 547 -19.47 -12.32 11.02
C CYS B 547 -20.79 -11.89 10.40
N GLU B 548 -20.90 -12.07 9.09
CA GLU B 548 -22.10 -11.73 8.34
C GLU B 548 -22.48 -12.89 7.42
N PRO B 549 -23.77 -13.10 7.18
CA PRO B 549 -24.20 -14.17 6.27
C PRO B 549 -24.09 -13.74 4.82
N CYS B 550 -23.25 -14.44 4.06
CA CYS B 550 -23.07 -14.14 2.66
C CYS B 550 -24.13 -14.88 1.82
N ASP B 551 -24.12 -14.61 0.52
CA ASP B 551 -25.17 -15.10 -0.35
C ASP B 551 -25.27 -16.62 -0.28
N GLY B 552 -26.46 -17.13 -0.56
CA GLY B 552 -26.70 -18.56 -0.50
C GLY B 552 -26.33 -19.34 -1.73
N TYR B 553 -25.73 -18.72 -2.74
CA TYR B 553 -25.40 -19.39 -3.98
C TYR B 553 -23.95 -19.85 -4.06
N GLN B 554 -23.16 -19.70 -2.99
CA GLN B 554 -21.80 -20.21 -2.98
C GLN B 554 -21.41 -20.55 -1.54
N TYR B 555 -20.37 -21.36 -1.41
CA TYR B 555 -19.87 -21.77 -0.10
C TYR B 555 -18.60 -20.99 0.25
N GLN B 556 -18.26 -20.99 1.53
CA GLN B 556 -17.13 -20.22 2.02
C GLN B 556 -15.80 -20.85 1.60
N PHE B 557 -14.81 -19.99 1.37
CA PHE B 557 -13.48 -20.42 0.98
C PHE B 557 -12.48 -19.99 2.05
N ASP B 558 -11.68 -20.95 2.52
CA ASP B 558 -10.66 -20.70 3.53
C ASP B 558 -11.25 -20.15 4.82
N GLU B 559 -12.55 -20.37 5.04
CA GLU B 559 -13.23 -19.93 6.25
C GLU B 559 -13.01 -18.44 6.51
N MET B 560 -12.71 -17.70 5.45
CA MET B 560 -12.48 -16.26 5.57
C MET B 560 -13.12 -15.43 4.46
N THR B 561 -13.59 -16.04 3.37
CA THR B 561 -14.28 -15.28 2.33
C THR B 561 -15.29 -16.18 1.63
N CYS B 562 -16.26 -15.55 0.97
CA CYS B 562 -17.35 -16.22 0.26
C CYS B 562 -17.18 -15.99 -1.22
N GLN B 563 -16.48 -16.93 -1.88
CA GLN B 563 -16.22 -16.85 -3.31
C GLN B 563 -17.26 -17.64 -4.11
N HIS B 564 -17.42 -17.26 -5.36
CA HIS B 564 -18.45 -17.84 -6.23
C HIS B 564 -18.00 -19.20 -6.73
N CYS B 565 -18.81 -20.24 -6.48
CA CYS B 565 -18.47 -21.57 -6.94
C CYS B 565 -18.89 -21.77 -8.40
N PRO B 566 -18.26 -22.71 -9.10
CA PRO B 566 -18.56 -22.89 -10.52
C PRO B 566 -20.04 -23.15 -10.74
N TYR B 567 -20.57 -22.61 -11.83
CA TYR B 567 -21.98 -22.69 -12.14
C TYR B 567 -22.31 -24.06 -12.74
N ASP B 568 -23.52 -24.20 -13.28
CA ASP B 568 -24.01 -25.45 -13.87
C ASP B 568 -24.34 -26.49 -12.82
N GLN B 569 -24.45 -26.09 -11.56
CA GLN B 569 -24.85 -26.98 -10.47
C GLN B 569 -25.34 -26.11 -9.32
N ARG B 570 -25.64 -26.72 -8.18
CA ARG B 570 -26.13 -25.95 -7.04
C ARG B 570 -25.33 -26.27 -5.79
N PRO B 571 -25.23 -25.31 -4.87
CA PRO B 571 -24.52 -25.56 -3.62
C PRO B 571 -25.37 -26.35 -2.64
N ASN B 572 -24.70 -26.92 -1.65
CA ASN B 572 -25.38 -27.67 -0.62
C ASN B 572 -25.85 -26.69 0.45
N GLU B 573 -26.40 -27.23 1.54
CA GLU B 573 -26.98 -26.41 2.59
C GLU B 573 -25.97 -26.07 3.69
N ASN B 574 -24.95 -26.90 3.88
CA ASN B 574 -23.93 -26.65 4.87
C ASN B 574 -22.74 -25.88 4.32
N ARG B 575 -22.81 -25.42 3.07
CA ARG B 575 -21.77 -24.57 2.49
C ARG B 575 -20.40 -25.27 2.51
N THR B 576 -20.39 -26.50 2.03
CA THR B 576 -19.16 -27.27 1.93
C THR B 576 -18.80 -27.68 0.50
N GLY B 577 -19.77 -27.89 -0.37
CA GLY B 577 -19.49 -28.30 -1.73
C GLY B 577 -20.52 -27.72 -2.68
N CYS B 578 -20.16 -27.71 -3.96
CA CYS B 578 -20.98 -27.07 -5.00
C CYS B 578 -21.25 -28.11 -6.09
N GLN B 579 -22.37 -28.83 -5.95
CA GLN B 579 -22.71 -29.91 -6.86
C GLN B 579 -24.21 -30.12 -6.87
N ASP B 580 -24.75 -30.42 -8.05
CA ASP B 580 -26.18 -30.64 -8.26
C ASP B 580 -26.39 -32.06 -8.75
N ILE B 581 -26.70 -32.97 -7.83
CA ILE B 581 -26.93 -34.38 -8.16
C ILE B 581 -28.25 -34.54 -8.92
N PRO B 582 -29.34 -33.91 -8.48
CA PRO B 582 -30.63 -34.12 -9.14
C PRO B 582 -30.63 -33.63 -10.58
N ILE B 583 -31.42 -34.31 -11.42
CA ILE B 583 -31.59 -33.96 -12.82
C ILE B 583 -33.07 -34.06 -13.17
N ILE B 584 -33.43 -33.50 -14.31
CA ILE B 584 -34.80 -33.47 -14.80
C ILE B 584 -34.90 -34.36 -16.02
N LYS B 585 -35.83 -35.32 -16.01
CA LYS B 585 -36.05 -36.23 -17.11
C LYS B 585 -37.53 -36.29 -17.45
N LEU B 586 -37.84 -36.42 -18.72
CA LEU B 586 -39.22 -36.51 -19.17
C LEU B 586 -39.80 -37.87 -18.84
N GLU B 587 -41.00 -37.89 -18.28
CA GLU B 587 -41.71 -39.11 -17.91
C GLU B 587 -43.10 -39.10 -18.53
N TRP B 588 -43.54 -40.27 -19.01
CA TRP B 588 -44.88 -40.36 -19.58
C TRP B 588 -45.94 -40.32 -18.49
N HIS B 589 -45.67 -40.96 -17.35
CA HIS B 589 -46.67 -41.03 -16.29
C HIS B 589 -46.88 -39.67 -15.63
N SER B 590 -45.80 -38.97 -15.27
CA SER B 590 -45.94 -37.75 -14.48
C SER B 590 -46.33 -36.56 -15.35
N PRO B 591 -45.53 -36.11 -16.31
CA PRO B 591 -45.97 -35.06 -17.22
C PRO B 591 -47.16 -35.52 -18.06
N TRP B 592 -47.62 -34.60 -18.91
CA TRP B 592 -48.80 -34.81 -19.74
C TRP B 592 -48.55 -35.77 -20.90
N ALA B 593 -47.37 -36.36 -21.00
CA ALA B 593 -47.03 -37.20 -22.15
C ALA B 593 -47.78 -38.52 -22.14
N VAL B 594 -48.62 -38.79 -21.14
CA VAL B 594 -49.39 -40.04 -21.13
C VAL B 594 -50.39 -40.06 -22.27
N ILE B 595 -51.10 -38.96 -22.49
CA ILE B 595 -52.18 -38.93 -23.48
C ILE B 595 -51.62 -39.17 -24.88
N PRO B 596 -50.56 -38.47 -25.30
CA PRO B 596 -49.97 -38.80 -26.60
C PRO B 596 -49.48 -40.24 -26.69
N VAL B 597 -48.96 -40.76 -25.59
CA VAL B 597 -48.54 -42.16 -25.57
C VAL B 597 -49.74 -43.08 -25.78
N PHE B 598 -50.85 -42.77 -25.12
CA PHE B 598 -52.06 -43.57 -25.32
C PHE B 598 -52.58 -43.42 -26.73
N LEU B 599 -52.51 -42.21 -27.29
CA LEU B 599 -52.95 -41.99 -28.66
C LEU B 599 -52.09 -42.78 -29.65
N ALA B 600 -50.78 -42.82 -29.41
CA ALA B 600 -49.90 -43.61 -30.28
C ALA B 600 -50.23 -45.08 -30.20
N MET B 601 -50.51 -45.58 -28.99
CA MET B 601 -50.93 -46.97 -28.84
C MET B 601 -52.24 -47.24 -29.54
N LEU B 602 -53.16 -46.27 -29.49
CA LEU B 602 -54.44 -46.42 -30.19
C LEU B 602 -54.22 -46.51 -31.70
N GLY B 603 -53.31 -45.69 -32.24
CA GLY B 603 -53.01 -45.75 -33.66
C GLY B 603 -52.39 -47.07 -34.07
N ILE B 604 -51.60 -47.68 -33.19
CA ILE B 604 -51.00 -48.97 -33.51
C ILE B 604 -52.09 -50.04 -33.64
N ILE B 605 -53.14 -49.95 -32.83
CA ILE B 605 -54.26 -50.88 -32.96
C ILE B 605 -55.03 -50.65 -34.25
N ALA B 606 -55.17 -49.38 -34.66
CA ALA B 606 -55.97 -49.08 -35.86
C ALA B 606 -55.30 -49.61 -37.12
N THR B 607 -53.98 -49.46 -37.23
CA THR B 607 -53.27 -49.89 -38.43
C THR B 607 -53.22 -51.41 -38.57
N ILE B 608 -53.52 -52.16 -37.51
CA ILE B 608 -53.60 -53.61 -37.62
C ILE B 608 -54.87 -54.06 -38.32
N PHE B 609 -55.75 -53.13 -38.68
CA PHE B 609 -56.99 -53.44 -39.38
C PHE B 609 -56.96 -53.06 -40.85
N VAL B 610 -56.21 -52.02 -41.22
CA VAL B 610 -56.12 -51.62 -42.62
C VAL B 610 -55.34 -52.66 -43.41
N MET B 611 -54.25 -53.17 -42.84
CA MET B 611 -53.44 -54.18 -43.51
C MET B 611 -53.99 -55.60 -43.34
N ALA B 612 -55.00 -55.78 -42.49
CA ALA B 612 -55.56 -57.12 -42.30
C ALA B 612 -56.27 -57.60 -43.54
N THR B 613 -57.14 -56.77 -44.11
CA THR B 613 -57.89 -57.13 -45.31
C THR B 613 -57.13 -56.74 -46.57
N PHE B 614 -55.85 -57.13 -46.64
CA PHE B 614 -55.01 -56.82 -47.78
C PHE B 614 -54.29 -58.06 -48.28
N ILE B 615 -54.07 -59.02 -47.38
CA ILE B 615 -53.36 -60.25 -47.75
C ILE B 615 -54.26 -61.18 -48.55
N ARG B 616 -55.50 -61.36 -48.11
CA ARG B 616 -56.42 -62.28 -48.80
C ARG B 616 -57.10 -61.62 -49.99
N TYR B 617 -57.42 -60.33 -49.89
CA TYR B 617 -58.08 -59.60 -50.98
C TYR B 617 -57.03 -59.07 -51.95
N ASN B 618 -56.47 -59.99 -52.74
CA ASN B 618 -55.43 -59.66 -53.70
C ASN B 618 -55.71 -60.18 -55.10
N ASP B 619 -56.77 -60.95 -55.31
CA ASP B 619 -57.08 -61.52 -56.61
C ASP B 619 -58.53 -61.39 -57.02
N THR B 620 -59.44 -60.99 -56.12
CA THR B 620 -60.84 -60.87 -56.47
C THR B 620 -61.05 -59.69 -57.41
N PRO B 621 -62.04 -59.79 -58.31
CA PRO B 621 -62.31 -58.67 -59.24
C PRO B 621 -63.10 -57.55 -58.58
N ILE B 622 -62.68 -57.14 -57.38
CA ILE B 622 -63.27 -56.02 -56.66
C ILE B 622 -62.23 -54.97 -56.31
N VAL B 623 -61.07 -55.40 -55.80
CA VAL B 623 -60.01 -54.47 -55.44
C VAL B 623 -59.21 -54.02 -56.66
N ARG B 624 -59.36 -54.71 -57.80
CA ARG B 624 -58.59 -54.37 -58.98
C ARG B 624 -58.85 -52.95 -59.47
N ALA B 625 -59.97 -52.35 -59.07
CA ALA B 625 -60.26 -50.98 -59.49
C ALA B 625 -59.19 -50.02 -59.00
N SER B 626 -58.67 -50.24 -57.80
CA SER B 626 -57.59 -49.40 -57.26
C SER B 626 -56.25 -49.83 -57.82
N GLY B 627 -55.34 -48.85 -57.93
CA GLY B 627 -54.02 -49.14 -58.46
C GLY B 627 -53.20 -49.98 -57.50
N ARG B 628 -52.56 -51.02 -58.03
CA ARG B 628 -51.75 -51.89 -57.18
C ARG B 628 -50.48 -51.18 -56.70
N GLU B 629 -49.82 -50.44 -57.58
CA GLU B 629 -48.62 -49.71 -57.18
C GLU B 629 -48.95 -48.62 -56.17
N LEU B 630 -50.07 -47.92 -56.37
CA LEU B 630 -50.49 -46.89 -55.43
C LEU B 630 -50.81 -47.50 -54.07
N SER B 631 -51.40 -48.69 -54.05
CA SER B 631 -51.74 -49.33 -52.78
C SER B 631 -50.49 -49.68 -51.99
N TYR B 632 -49.42 -50.10 -52.66
CA TYR B 632 -48.19 -50.44 -51.95
C TYR B 632 -47.51 -49.20 -51.39
N VAL B 633 -47.65 -48.05 -52.07
CA VAL B 633 -47.02 -46.83 -51.59
C VAL B 633 -47.68 -46.36 -50.30
N LEU B 634 -49.01 -46.34 -50.27
CA LEU B 634 -49.71 -45.88 -49.07
C LEU B 634 -49.59 -46.88 -47.93
N LEU B 635 -49.46 -48.18 -48.26
CA LEU B 635 -49.29 -49.18 -47.22
C LEU B 635 -47.99 -48.96 -46.44
N THR B 636 -46.90 -48.66 -47.15
CA THR B 636 -45.62 -48.43 -46.49
C THR B 636 -45.57 -47.08 -45.78
N GLY B 637 -46.22 -46.06 -46.35
CA GLY B 637 -46.18 -44.75 -45.73
C GLY B 637 -46.87 -44.73 -44.38
N ILE B 638 -47.99 -45.45 -44.25
CA ILE B 638 -48.72 -45.47 -43.00
C ILE B 638 -47.90 -46.11 -41.89
N PHE B 639 -47.17 -47.18 -42.22
CA PHE B 639 -46.35 -47.85 -41.21
C PHE B 639 -45.12 -47.02 -40.85
N LEU B 640 -44.61 -46.20 -41.79
CA LEU B 640 -43.43 -45.41 -41.50
C LEU B 640 -43.73 -44.33 -40.46
N CYS B 641 -44.86 -43.64 -40.59
CA CYS B 641 -45.18 -42.59 -39.62
C CYS B 641 -45.52 -43.17 -38.25
N TYR B 642 -46.07 -44.38 -38.21
CA TYR B 642 -46.39 -44.99 -36.93
C TYR B 642 -45.13 -45.25 -36.11
N ILE B 643 -44.04 -45.60 -36.77
CA ILE B 643 -42.79 -45.84 -36.05
C ILE B 643 -42.11 -44.53 -35.65
N ILE B 644 -42.37 -43.46 -36.39
CA ILE B 644 -41.75 -42.18 -36.08
C ILE B 644 -42.28 -41.61 -34.77
N THR B 645 -43.60 -41.65 -34.58
CA THR B 645 -44.17 -41.08 -33.37
C THR B 645 -43.72 -41.84 -32.12
N PHE B 646 -43.52 -43.16 -32.24
CA PHE B 646 -43.06 -43.93 -31.09
C PHE B 646 -41.62 -43.58 -30.75
N LEU B 647 -40.78 -43.39 -31.76
CA LEU B 647 -39.38 -43.07 -31.50
C LEU B 647 -39.22 -41.71 -30.82
N MET B 648 -39.94 -40.70 -31.29
CA MET B 648 -39.82 -39.38 -30.69
C MET B 648 -40.35 -39.35 -29.27
N ILE B 649 -41.32 -40.22 -28.96
CA ILE B 649 -41.84 -40.28 -27.60
C ILE B 649 -40.74 -40.70 -26.63
N ALA B 650 -39.96 -41.70 -27.01
CA ALA B 650 -38.89 -42.20 -26.16
C ALA B 650 -37.71 -41.24 -26.18
N LYS B 651 -37.08 -41.06 -25.01
CA LYS B 651 -35.95 -40.14 -24.83
C LYS B 651 -34.75 -40.93 -24.33
N PRO B 652 -33.89 -41.43 -25.22
CA PRO B 652 -32.65 -42.09 -24.77
C PRO B 652 -31.51 -41.11 -24.61
N ASP B 653 -30.69 -41.35 -23.58
CA ASP B 653 -29.52 -40.51 -23.33
C ASP B 653 -28.36 -40.84 -24.27
N VAL B 654 -28.31 -42.06 -24.79
CA VAL B 654 -27.17 -42.47 -25.62
C VAL B 654 -27.23 -41.76 -26.98
N ALA B 655 -26.11 -41.86 -27.71
CA ALA B 655 -26.01 -41.28 -29.05
C ALA B 655 -26.67 -42.23 -30.05
N VAL B 656 -27.99 -42.36 -29.91
CA VAL B 656 -28.81 -43.16 -30.80
C VAL B 656 -29.97 -42.39 -31.39
N CYS B 657 -30.07 -41.09 -31.12
CA CYS B 657 -31.14 -40.28 -31.67
C CYS B 657 -31.01 -40.03 -33.17
N SER B 658 -29.86 -40.37 -33.77
CA SER B 658 -29.69 -40.12 -35.19
C SER B 658 -30.63 -40.98 -36.02
N PHE B 659 -30.89 -42.21 -35.60
CA PHE B 659 -31.84 -43.06 -36.32
C PHE B 659 -33.27 -42.60 -36.12
N ARG B 660 -33.54 -41.76 -35.12
CA ARG B 660 -34.89 -41.30 -34.83
C ARG B 660 -35.26 -40.04 -35.61
N ARG B 661 -34.31 -39.14 -35.84
CA ARG B 661 -34.63 -37.90 -36.53
C ARG B 661 -35.01 -38.16 -37.98
N VAL B 662 -34.49 -39.23 -38.59
CA VAL B 662 -34.83 -39.55 -39.97
C VAL B 662 -36.24 -40.11 -40.09
N PHE B 663 -36.81 -40.64 -39.01
CA PHE B 663 -38.16 -41.20 -39.10
C PHE B 663 -39.17 -40.13 -39.44
N LEU B 664 -39.04 -38.94 -38.85
CA LEU B 664 -39.93 -37.83 -39.14
C LEU B 664 -39.40 -36.91 -40.23
N GLY B 665 -38.11 -36.96 -40.53
CA GLY B 665 -37.55 -36.14 -41.59
C GLY B 665 -37.82 -36.74 -42.96
N LEU B 666 -37.31 -37.94 -43.19
CA LEU B 666 -37.48 -38.61 -44.47
C LEU B 666 -38.77 -39.42 -44.55
N GLY B 667 -39.30 -39.88 -43.42
CA GLY B 667 -40.52 -40.67 -43.42
C GLY B 667 -41.79 -39.88 -43.60
N MET B 668 -41.70 -38.54 -43.56
CA MET B 668 -42.88 -37.71 -43.73
C MET B 668 -43.22 -37.51 -45.20
N CYS B 669 -42.20 -37.37 -46.05
CA CYS B 669 -42.45 -37.12 -47.47
C CYS B 669 -43.08 -38.33 -48.15
N ILE B 670 -42.68 -39.54 -47.74
CA ILE B 670 -43.21 -40.74 -48.39
C ILE B 670 -44.70 -40.92 -48.11
N SER B 671 -45.22 -40.27 -47.07
CA SER B 671 -46.65 -40.36 -46.79
C SER B 671 -47.46 -39.61 -47.82
N TYR B 672 -47.05 -38.39 -48.16
CA TYR B 672 -47.75 -37.58 -49.16
C TYR B 672 -47.37 -37.95 -50.59
N ALA B 673 -46.31 -38.74 -50.79
CA ALA B 673 -45.88 -39.06 -52.15
C ALA B 673 -46.97 -39.80 -52.91
N ALA B 674 -47.63 -40.77 -52.26
CA ALA B 674 -48.72 -41.49 -52.92
C ALA B 674 -49.88 -40.56 -53.23
N LEU B 675 -50.17 -39.62 -52.31
CA LEU B 675 -51.25 -38.67 -52.53
C LEU B 675 -50.94 -37.71 -53.67
N LEU B 676 -49.65 -37.38 -53.86
CA LEU B 676 -49.28 -36.42 -54.91
C LEU B 676 -49.59 -36.97 -56.29
N THR B 677 -49.14 -38.18 -56.60
CA THR B 677 -49.35 -38.77 -57.91
C THR B 677 -50.77 -39.31 -58.08
N LYS B 678 -51.49 -39.55 -56.98
CA LYS B 678 -52.86 -40.01 -57.09
C LYS B 678 -53.76 -38.94 -57.70
N THR B 679 -53.63 -37.70 -57.23
CA THR B 679 -54.45 -36.62 -57.78
C THR B 679 -54.06 -36.31 -59.22
N TYR B 680 -52.75 -36.32 -59.52
CA TYR B 680 -52.31 -36.05 -60.88
C TYR B 680 -52.82 -37.10 -61.86
N ARG B 681 -52.89 -38.36 -61.43
CA ARG B 681 -53.34 -39.42 -62.31
C ARG B 681 -54.81 -39.26 -62.68
N ILE B 682 -55.65 -38.89 -61.71
CA ILE B 682 -57.07 -38.68 -61.99
C ILE B 682 -57.35 -37.31 -62.58
N TYR B 683 -56.35 -36.42 -62.60
CA TYR B 683 -56.50 -35.09 -63.16
C TYR B 683 -56.17 -35.05 -64.65
N ARG B 684 -55.29 -35.94 -65.12
CA ARG B 684 -54.93 -35.96 -66.53
C ARG B 684 -56.05 -36.52 -67.40
N ILE B 685 -56.82 -37.49 -66.88
CA ILE B 685 -57.93 -38.03 -67.65
C ILE B 685 -59.04 -37.01 -67.84
N PHE B 686 -59.06 -35.97 -67.00
CA PHE B 686 -60.06 -34.92 -67.15
C PHE B 686 -59.65 -33.87 -68.17
N GLU B 687 -58.35 -33.56 -68.23
CA GLU B 687 -57.89 -32.58 -69.20
C GLU B 687 -57.94 -33.13 -70.63
N GLN B 688 -57.51 -34.38 -70.81
CA GLN B 688 -57.53 -35.02 -72.12
C GLN B 688 -56.67 -34.23 -73.12
N SER B 700 -49.41 -46.60 -67.90
CA SER B 700 -48.07 -46.93 -67.45
C SER B 700 -47.97 -46.83 -65.93
N PRO B 701 -48.35 -47.89 -65.23
CA PRO B 701 -48.29 -47.84 -63.76
C PRO B 701 -46.88 -47.70 -63.22
N THR B 702 -45.88 -48.23 -63.92
CA THR B 702 -44.51 -48.15 -63.42
C THR B 702 -43.95 -46.73 -63.49
N SER B 703 -44.44 -45.92 -64.43
CA SER B 703 -43.96 -44.54 -64.53
C SER B 703 -44.37 -43.72 -63.32
N GLN B 704 -45.60 -43.93 -62.83
CA GLN B 704 -46.05 -43.21 -61.65
C GLN B 704 -45.25 -43.62 -60.41
N LEU B 705 -44.72 -44.84 -60.40
CA LEU B 705 -43.87 -45.27 -59.28
C LEU B 705 -42.53 -44.57 -59.31
N ALA B 706 -41.99 -44.32 -60.49
CA ALA B 706 -40.66 -43.72 -60.60
C ALA B 706 -40.66 -42.27 -60.15
N ILE B 707 -41.68 -41.50 -60.54
CA ILE B 707 -41.67 -40.07 -60.24
C ILE B 707 -41.75 -39.82 -58.73
N THR B 708 -42.43 -40.71 -58.01
CA THR B 708 -42.46 -40.62 -56.55
C THR B 708 -41.13 -41.06 -55.94
N SER B 709 -40.49 -42.07 -56.54
CA SER B 709 -39.21 -42.55 -55.99
C SER B 709 -38.13 -41.48 -56.08
N SER B 710 -38.24 -40.56 -57.05
CA SER B 710 -37.22 -39.53 -57.21
C SER B 710 -37.25 -38.52 -56.07
N LEU B 711 -38.45 -38.06 -55.69
CA LEU B 711 -38.54 -37.07 -54.62
C LEU B 711 -38.19 -37.66 -53.27
N ILE B 712 -38.31 -38.98 -53.11
CA ILE B 712 -37.83 -39.61 -51.88
C ILE B 712 -36.32 -39.49 -51.76
N SER B 713 -35.62 -39.64 -52.88
CA SER B 713 -34.16 -39.50 -52.85
C SER B 713 -33.74 -38.11 -52.41
N VAL B 714 -34.53 -37.09 -52.76
CA VAL B 714 -34.20 -35.73 -52.34
C VAL B 714 -34.27 -35.62 -50.82
N GLN B 715 -35.31 -36.19 -50.22
CA GLN B 715 -35.40 -36.18 -48.76
C GLN B 715 -34.29 -36.98 -48.12
N LEU B 716 -33.94 -38.13 -48.70
CA LEU B 716 -32.86 -38.94 -48.14
C LEU B 716 -31.54 -38.22 -48.19
N LEU B 717 -31.25 -37.54 -49.30
CA LEU B 717 -30.01 -36.76 -49.40
C LEU B 717 -30.07 -35.48 -48.57
N GLY B 718 -31.26 -35.01 -48.22
CA GLY B 718 -31.35 -33.79 -47.44
C GLY B 718 -30.71 -33.91 -46.07
N VAL B 719 -30.95 -35.03 -45.39
CA VAL B 719 -30.33 -35.25 -44.10
C VAL B 719 -28.85 -35.56 -44.26
N PHE B 720 -28.44 -36.10 -45.41
CA PHE B 720 -27.04 -36.43 -45.62
C PHE B 720 -26.17 -35.18 -45.62
N ILE B 721 -26.61 -34.14 -46.33
CA ILE B 721 -25.83 -32.91 -46.40
C ILE B 721 -25.85 -32.16 -45.07
N TRP B 722 -26.87 -32.38 -44.24
CA TRP B 722 -26.90 -31.77 -42.92
C TRP B 722 -25.87 -32.40 -42.00
N PHE B 723 -25.52 -33.67 -42.24
CA PHE B 723 -24.52 -34.33 -41.43
C PHE B 723 -23.14 -33.76 -41.67
N ILE B 724 -22.84 -33.39 -42.92
CA ILE B 724 -21.53 -32.84 -43.25
C ILE B 724 -21.44 -31.35 -42.98
N VAL B 725 -22.58 -30.66 -42.84
CA VAL B 725 -22.56 -29.21 -42.64
C VAL B 725 -22.00 -28.87 -41.27
N ASP B 726 -22.58 -29.47 -40.23
CA ASP B 726 -22.14 -29.25 -38.86
C ASP B 726 -22.00 -30.59 -38.15
N PRO B 727 -21.05 -30.71 -37.23
CA PRO B 727 -20.86 -31.97 -36.52
C PRO B 727 -22.06 -32.26 -35.63
N PRO B 728 -22.49 -33.53 -35.54
CA PRO B 728 -23.65 -33.87 -34.68
C PRO B 728 -23.25 -33.99 -33.21
N ASN B 729 -22.81 -32.87 -32.63
CA ASN B 729 -22.39 -32.86 -31.24
C ASN B 729 -23.61 -33.00 -30.32
N ILE B 730 -23.52 -33.93 -29.37
CA ILE B 730 -24.58 -34.17 -28.40
C ILE B 730 -24.08 -33.70 -27.04
N ILE B 731 -24.80 -32.77 -26.43
CA ILE B 731 -24.48 -32.24 -25.10
C ILE B 731 -25.68 -32.49 -24.20
N ILE B 732 -25.44 -33.15 -23.07
CA ILE B 732 -26.50 -33.42 -22.11
C ILE B 732 -26.53 -32.42 -20.97
N ASP B 733 -25.47 -31.66 -20.76
CA ASP B 733 -25.42 -30.69 -19.68
C ASP B 733 -26.24 -29.46 -20.01
N TYR B 734 -26.91 -28.92 -18.99
CA TYR B 734 -27.69 -27.69 -19.14
C TYR B 734 -27.63 -26.91 -17.83
N ASP B 735 -27.80 -25.60 -17.93
CA ASP B 735 -27.73 -24.70 -16.79
C ASP B 735 -29.04 -23.92 -16.71
N GLU B 736 -29.71 -24.00 -15.55
CA GLU B 736 -30.95 -23.24 -15.38
C GLU B 736 -30.66 -21.75 -15.20
N HIS B 737 -29.62 -21.42 -14.43
CA HIS B 737 -29.25 -20.02 -14.19
C HIS B 737 -30.44 -19.23 -13.64
N LYS B 738 -31.15 -19.83 -12.70
CA LYS B 738 -32.31 -19.23 -12.07
C LYS B 738 -31.99 -18.88 -10.63
N THR B 739 -32.20 -17.63 -10.25
CA THR B 739 -31.97 -17.17 -8.89
C THR B 739 -33.23 -17.22 -8.03
N MET B 740 -34.39 -17.54 -8.62
CA MET B 740 -35.63 -17.56 -7.84
C MET B 740 -35.62 -18.67 -6.80
N ASN B 741 -35.16 -19.87 -7.17
CA ASN B 741 -35.12 -21.01 -6.27
C ASN B 741 -33.72 -21.61 -6.30
N PRO B 742 -32.84 -21.21 -5.38
CA PRO B 742 -31.45 -21.74 -5.44
C PRO B 742 -31.38 -23.24 -5.28
N GLU B 743 -32.32 -23.85 -4.55
CA GLU B 743 -32.33 -25.29 -4.38
C GLU B 743 -32.80 -26.03 -5.63
N GLN B 744 -33.52 -25.36 -6.52
CA GLN B 744 -34.00 -26.00 -7.74
C GLN B 744 -32.90 -26.01 -8.81
N ALA B 745 -32.81 -27.13 -9.53
CA ALA B 745 -31.81 -27.32 -10.58
C ALA B 745 -32.48 -28.00 -11.76
N ARG B 746 -32.85 -27.21 -12.77
CA ARG B 746 -33.51 -27.71 -13.95
C ARG B 746 -32.47 -28.07 -15.01
N GLY B 747 -32.56 -29.28 -15.55
CA GLY B 747 -31.64 -29.73 -16.59
C GLY B 747 -32.33 -30.49 -17.70
N VAL B 748 -31.98 -30.18 -18.94
CA VAL B 748 -32.57 -30.82 -20.12
C VAL B 748 -31.45 -31.31 -21.01
N LEU B 749 -31.59 -32.55 -21.50
CA LEU B 749 -30.62 -33.15 -22.41
C LEU B 749 -31.33 -33.52 -23.71
N LYS B 750 -31.02 -32.79 -24.78
CA LYS B 750 -31.58 -33.06 -26.09
C LYS B 750 -30.48 -33.01 -27.13
N CYS B 751 -30.65 -33.79 -28.20
CA CYS B 751 -29.69 -33.86 -29.28
C CYS B 751 -30.14 -32.97 -30.43
N ASP B 752 -29.25 -32.09 -30.88
CA ASP B 752 -29.50 -31.21 -32.02
C ASP B 752 -30.78 -30.42 -31.82
N ILE B 753 -30.89 -29.77 -30.65
CA ILE B 753 -32.04 -28.95 -30.34
C ILE B 753 -31.91 -27.61 -31.06
N THR B 754 -32.60 -27.48 -32.20
CA THR B 754 -32.61 -26.23 -32.97
C THR B 754 -34.03 -25.93 -33.39
N ASP B 755 -34.48 -24.70 -33.17
CA ASP B 755 -35.84 -24.34 -33.53
C ASP B 755 -36.02 -24.32 -35.04
N LEU B 756 -35.01 -23.83 -35.78
CA LEU B 756 -35.13 -23.73 -37.23
C LEU B 756 -35.05 -25.10 -37.90
N GLN B 757 -34.28 -26.03 -37.33
CA GLN B 757 -34.14 -27.34 -37.95
C GLN B 757 -35.47 -28.07 -38.01
N ILE B 758 -36.24 -28.02 -36.92
CA ILE B 758 -37.55 -28.66 -36.90
C ILE B 758 -38.53 -27.90 -37.79
N ILE B 759 -38.39 -26.58 -37.89
CA ILE B 759 -39.32 -25.79 -38.68
C ILE B 759 -39.12 -26.06 -40.17
N CYS B 760 -37.86 -26.06 -40.64
CA CYS B 760 -37.60 -26.23 -42.06
C CYS B 760 -37.91 -27.65 -42.51
N SER B 761 -37.62 -28.65 -41.66
CA SER B 761 -37.93 -30.02 -42.02
C SER B 761 -39.43 -30.22 -42.22
N LEU B 762 -40.24 -29.64 -41.34
CA LEU B 762 -41.69 -29.73 -41.48
C LEU B 762 -42.22 -28.80 -42.56
N GLY B 763 -41.51 -27.69 -42.83
CA GLY B 763 -41.98 -26.75 -43.84
C GLY B 763 -41.88 -27.27 -45.26
N TYR B 764 -41.02 -28.26 -45.49
CA TYR B 764 -40.88 -28.82 -46.84
C TYR B 764 -42.17 -29.47 -47.31
N SER B 765 -42.84 -30.22 -46.44
CA SER B 765 -44.07 -30.89 -46.82
C SER B 765 -45.22 -29.91 -47.05
N ILE B 766 -45.15 -28.70 -46.46
CA ILE B 766 -46.24 -27.74 -46.62
C ILE B 766 -46.41 -27.35 -48.08
N LEU B 767 -45.30 -27.22 -48.82
CA LEU B 767 -45.38 -26.80 -50.21
C LEU B 767 -46.17 -27.80 -51.05
N LEU B 768 -45.84 -29.09 -50.94
CA LEU B 768 -46.50 -30.10 -51.76
C LEU B 768 -47.96 -30.28 -51.32
N MET B 769 -48.23 -30.19 -50.02
CA MET B 769 -49.61 -30.30 -49.55
C MET B 769 -50.46 -29.15 -50.09
N VAL B 770 -49.90 -27.93 -50.12
CA VAL B 770 -50.65 -26.79 -50.63
C VAL B 770 -51.02 -27.01 -52.09
N THR B 771 -50.10 -27.54 -52.88
CA THR B 771 -50.39 -27.82 -54.29
C THR B 771 -51.47 -28.88 -54.42
N CYS B 772 -51.41 -29.94 -53.59
CA CYS B 772 -52.44 -30.96 -53.62
C CYS B 772 -53.79 -30.41 -53.18
N THR B 773 -53.80 -29.45 -52.24
CA THR B 773 -55.06 -28.88 -51.79
C THR B 773 -55.77 -28.14 -52.93
N VAL B 774 -55.02 -27.34 -53.69
CA VAL B 774 -55.62 -26.64 -54.82
C VAL B 774 -56.03 -27.61 -55.91
N TYR B 775 -55.21 -28.64 -56.15
CA TYR B 775 -55.55 -29.61 -57.19
C TYR B 775 -56.82 -30.36 -56.85
N ALA B 776 -56.97 -30.76 -55.59
CA ALA B 776 -58.19 -31.47 -55.18
C ALA B 776 -59.41 -30.56 -55.24
N PHE B 777 -59.24 -29.27 -54.90
CA PHE B 777 -60.37 -28.35 -54.93
C PHE B 777 -60.94 -28.22 -56.34
N LYS B 778 -60.07 -28.08 -57.34
CA LYS B 778 -60.54 -28.05 -58.72
C LYS B 778 -61.05 -29.40 -59.20
N THR B 779 -60.61 -30.50 -58.58
CA THR B 779 -61.09 -31.81 -58.97
C THR B 779 -62.55 -32.01 -58.60
N ARG B 780 -63.02 -31.32 -57.56
CA ARG B 780 -64.39 -31.49 -57.12
C ARG B 780 -65.37 -31.12 -58.24
N GLY B 781 -66.42 -31.94 -58.38
CA GLY B 781 -67.43 -31.72 -59.39
C GLY B 781 -67.37 -32.67 -60.57
N VAL B 782 -66.38 -33.57 -60.61
CA VAL B 782 -66.28 -34.52 -61.70
C VAL B 782 -67.21 -35.70 -61.43
N PRO B 783 -68.08 -36.07 -62.37
CA PRO B 783 -69.00 -37.21 -62.16
C PRO B 783 -68.32 -38.56 -62.41
N GLU B 784 -67.33 -38.87 -61.58
CA GLU B 784 -66.60 -40.13 -61.66
C GLU B 784 -66.80 -41.00 -60.43
N ASN B 785 -66.63 -40.44 -59.23
CA ASN B 785 -66.82 -41.18 -58.00
C ASN B 785 -67.67 -40.37 -57.04
N PHE B 786 -68.46 -41.07 -56.23
CA PHE B 786 -69.35 -40.45 -55.26
C PHE B 786 -68.73 -40.42 -53.86
N ASN B 787 -68.42 -41.60 -53.30
CA ASN B 787 -67.83 -41.64 -51.97
C ASN B 787 -66.35 -41.28 -51.98
N GLU B 788 -65.62 -41.67 -53.02
CA GLU B 788 -64.18 -41.40 -53.05
C GLU B 788 -63.90 -39.91 -53.21
N ALA B 789 -64.68 -39.23 -54.05
CA ALA B 789 -64.46 -37.79 -54.23
C ALA B 789 -64.79 -37.02 -52.97
N LYS B 790 -65.85 -37.42 -52.25
CA LYS B 790 -66.21 -36.73 -51.02
C LYS B 790 -65.21 -36.99 -49.91
N TYR B 791 -64.59 -38.18 -49.89
CA TYR B 791 -63.64 -38.50 -48.83
C TYR B 791 -62.38 -37.66 -48.94
N ILE B 792 -61.84 -37.53 -50.16
CA ILE B 792 -60.62 -36.73 -50.34
C ILE B 792 -60.89 -35.25 -50.21
N GLY B 793 -62.13 -34.80 -50.38
CA GLY B 793 -62.43 -33.39 -50.25
C GLY B 793 -62.38 -32.90 -48.81
N PHE B 794 -62.80 -33.74 -47.87
CA PHE B 794 -62.87 -33.34 -46.47
C PHE B 794 -61.50 -33.30 -45.80
N THR B 795 -60.62 -34.25 -46.14
CA THR B 795 -59.31 -34.30 -45.50
C THR B 795 -58.45 -33.10 -45.88
N MET B 796 -58.62 -32.57 -47.09
CA MET B 796 -57.85 -31.41 -47.51
C MET B 796 -58.25 -30.16 -46.74
N TYR B 797 -59.37 -30.19 -46.03
CA TYR B 797 -59.86 -29.05 -45.28
C TYR B 797 -59.61 -29.16 -43.77
N THR B 798 -59.13 -30.31 -43.30
CA THR B 798 -58.96 -30.54 -41.87
C THR B 798 -57.53 -30.32 -41.39
N THR B 799 -56.53 -30.63 -42.22
CA THR B 799 -55.15 -30.50 -41.79
C THR B 799 -54.70 -29.04 -41.75
N CYS B 800 -55.25 -28.18 -42.61
CA CYS B 800 -54.82 -26.79 -42.66
C CYS B 800 -55.06 -26.08 -41.32
N ILE B 801 -56.07 -26.53 -40.56
CA ILE B 801 -56.41 -25.86 -39.32
C ILE B 801 -55.32 -26.05 -38.28
N VAL B 802 -54.83 -27.29 -38.12
CA VAL B 802 -53.86 -27.57 -37.07
C VAL B 802 -52.49 -26.98 -37.42
N TRP B 803 -52.14 -26.95 -38.71
CA TRP B 803 -50.85 -26.38 -39.10
C TRP B 803 -50.83 -24.87 -38.86
N LEU B 804 -51.97 -24.20 -39.05
CA LEU B 804 -52.02 -22.76 -38.81
C LEU B 804 -51.93 -22.44 -37.33
N ALA B 805 -52.46 -23.30 -36.46
CA ALA B 805 -52.40 -23.07 -35.03
C ALA B 805 -51.04 -23.46 -34.44
N PHE B 806 -50.25 -24.25 -35.16
CA PHE B 806 -48.97 -24.69 -34.63
C PHE B 806 -47.97 -23.56 -34.49
N ILE B 807 -48.04 -22.56 -35.36
CA ILE B 807 -47.08 -21.47 -35.38
C ILE B 807 -47.32 -20.51 -34.21
N PRO B 808 -48.56 -20.07 -33.96
CA PRO B 808 -48.78 -19.13 -32.85
C PRO B 808 -48.23 -19.61 -31.51
N ILE B 809 -48.41 -20.89 -31.18
CA ILE B 809 -47.93 -21.39 -29.90
C ILE B 809 -46.41 -21.51 -29.90
N PHE B 810 -45.81 -21.65 -31.09
CA PHE B 810 -44.36 -21.77 -31.17
C PHE B 810 -43.67 -20.46 -30.79
N PHE B 811 -44.18 -19.34 -31.30
CA PHE B 811 -43.57 -18.04 -31.08
C PHE B 811 -44.15 -17.37 -29.84
N GLY B 812 -43.37 -16.47 -29.25
CA GLY B 812 -43.83 -15.71 -28.10
C GLY B 812 -44.11 -16.56 -26.88
N THR B 813 -43.56 -17.77 -26.83
CA THR B 813 -43.77 -18.68 -25.71
C THR B 813 -42.49 -19.32 -25.20
N ALA B 814 -41.41 -19.33 -25.98
CA ALA B 814 -40.15 -19.96 -25.60
C ALA B 814 -39.35 -19.15 -24.59
N GLN B 815 -39.90 -18.08 -24.00
CA GLN B 815 -39.12 -17.26 -23.09
C GLN B 815 -38.81 -17.99 -21.78
N SER B 816 -39.55 -19.05 -21.46
CA SER B 816 -39.35 -19.79 -20.23
C SER B 816 -38.33 -20.90 -20.45
N ALA B 817 -38.22 -21.82 -19.49
CA ALA B 817 -37.27 -22.92 -19.55
C ALA B 817 -37.90 -24.29 -19.58
N GLU B 818 -39.23 -24.39 -19.45
CA GLU B 818 -39.92 -25.68 -19.43
C GLU B 818 -40.52 -26.05 -20.78
N LYS B 819 -40.16 -25.34 -21.84
CA LYS B 819 -40.67 -25.63 -23.18
C LYS B 819 -39.90 -26.72 -23.90
N LEU B 820 -38.91 -27.32 -23.25
CA LEU B 820 -38.13 -28.38 -23.87
C LEU B 820 -38.89 -29.68 -24.01
N TYR B 821 -39.95 -29.87 -23.24
CA TYR B 821 -40.74 -31.10 -23.28
C TYR B 821 -42.18 -30.88 -23.68
N ILE B 822 -42.66 -29.65 -23.76
CA ILE B 822 -44.04 -29.41 -24.16
C ILE B 822 -44.17 -29.40 -25.67
N GLN B 823 -43.11 -29.03 -26.40
CA GLN B 823 -43.18 -29.03 -27.86
C GLN B 823 -43.31 -30.44 -28.40
N THR B 824 -42.64 -31.41 -27.78
CA THR B 824 -42.71 -32.78 -28.26
C THR B 824 -44.12 -33.35 -28.11
N THR B 825 -44.77 -33.08 -26.98
CA THR B 825 -46.09 -33.65 -26.73
C THR B 825 -47.10 -33.15 -27.76
N THR B 826 -47.10 -31.85 -28.03
CA THR B 826 -48.03 -31.31 -29.02
C THR B 826 -47.67 -31.77 -30.42
N LEU B 827 -46.39 -31.96 -30.70
CA LEU B 827 -45.99 -32.50 -31.99
C LEU B 827 -46.40 -33.96 -32.12
N THR B 828 -46.36 -34.72 -31.03
CA THR B 828 -46.76 -36.12 -31.08
C THR B 828 -48.23 -36.25 -31.42
N ILE B 829 -49.09 -35.47 -30.75
CA ILE B 829 -50.52 -35.53 -31.02
C ILE B 829 -50.82 -34.99 -32.41
N SER B 830 -50.11 -33.93 -32.82
CA SER B 830 -50.35 -33.34 -34.13
C SER B 830 -50.07 -34.33 -35.25
N MET B 831 -48.97 -35.09 -35.13
CA MET B 831 -48.66 -36.08 -36.15
C MET B 831 -49.68 -37.21 -36.16
N ASN B 832 -50.21 -37.59 -35.00
CA ASN B 832 -51.16 -38.69 -34.95
C ASN B 832 -52.49 -38.31 -35.58
N LEU B 833 -53.01 -37.13 -35.25
CA LEU B 833 -54.31 -36.73 -35.79
C LEU B 833 -54.23 -36.45 -37.28
N SER B 834 -53.09 -35.96 -37.77
CA SER B 834 -52.93 -35.74 -39.20
C SER B 834 -52.94 -37.04 -40.00
N ALA B 835 -52.61 -38.16 -39.36
CA ALA B 835 -52.62 -39.44 -40.05
C ALA B 835 -53.93 -40.19 -39.88
N SER B 836 -54.63 -39.99 -38.76
CA SER B 836 -55.88 -40.70 -38.53
C SER B 836 -56.96 -40.28 -39.52
N VAL B 837 -56.97 -39.00 -39.91
CA VAL B 837 -57.94 -38.54 -40.90
C VAL B 837 -57.73 -39.26 -42.22
N ALA B 838 -56.46 -39.50 -42.59
CA ALA B 838 -56.19 -40.28 -43.79
C ALA B 838 -56.54 -41.75 -43.59
N LEU B 839 -56.22 -42.30 -42.41
CA LEU B 839 -56.58 -43.68 -42.13
C LEU B 839 -58.09 -43.86 -42.10
N GLY B 840 -58.82 -42.88 -41.54
CA GLY B 840 -60.27 -42.95 -41.57
C GLY B 840 -60.82 -42.84 -42.98
N MET B 841 -60.18 -42.05 -43.83
CA MET B 841 -60.62 -41.95 -45.23
C MET B 841 -60.45 -43.28 -45.94
N LEU B 842 -59.37 -44.01 -45.65
CA LEU B 842 -59.19 -45.33 -46.21
C LEU B 842 -60.13 -46.36 -45.58
N TYR B 843 -60.60 -46.10 -44.36
CA TYR B 843 -61.42 -47.09 -43.67
C TYR B 843 -62.82 -47.20 -44.28
N MET B 844 -63.38 -46.09 -44.76
CA MET B 844 -64.74 -46.13 -45.28
C MET B 844 -64.89 -47.07 -46.47
N PRO B 845 -64.02 -47.04 -47.48
CA PRO B 845 -64.14 -48.03 -48.56
C PRO B 845 -64.01 -49.47 -48.08
N LYS B 846 -63.19 -49.71 -47.04
CA LYS B 846 -63.00 -51.07 -46.55
C LYS B 846 -64.30 -51.64 -45.99
N VAL B 847 -64.99 -50.87 -45.14
CA VAL B 847 -66.25 -51.33 -44.59
C VAL B 847 -67.32 -51.39 -45.68
N TYR B 848 -67.20 -50.54 -46.71
CA TYR B 848 -68.17 -50.57 -47.79
C TYR B 848 -68.12 -51.90 -48.54
N ILE B 849 -66.92 -52.38 -48.85
CA ILE B 849 -66.81 -53.63 -49.60
C ILE B 849 -67.21 -54.82 -48.73
N ILE B 850 -67.00 -54.72 -47.42
CA ILE B 850 -67.44 -55.80 -46.54
C ILE B 850 -68.97 -55.89 -46.53
N ILE B 851 -69.65 -54.74 -46.46
CA ILE B 851 -71.10 -54.75 -46.53
C ILE B 851 -71.57 -55.25 -47.89
N PHE B 852 -70.93 -54.79 -48.96
CA PHE B 852 -71.30 -55.19 -50.31
C PHE B 852 -70.72 -56.57 -50.63
#